data_4A0S
#
_entry.id   4A0S
#
_cell.length_a   96.010
_cell.length_b   83.300
_cell.length_c   122.740
_cell.angle_alpha   90.00
_cell.angle_beta   110.96
_cell.angle_gamma   90.00
#
_symmetry.space_group_name_H-M   'P 1 21 1'
#
loop_
_entity.id
_entity.type
_entity.pdbx_description
1 polymer 'OCTENOYL-COA REDUCTASE/CARBOXYLASE'
2 non-polymer 'OCTANOYL-COENZYME A'
3 non-polymer 'NADP NICOTINAMIDE-ADENINE-DINUCLEOTIDE PHOSPHATE'
4 water water
#
_entity_poly.entity_id   1
_entity_poly.type   'polypeptide(L)'
_entity_poly.pdbx_seq_one_letter_code
;SSLSRAVLDGASAAEIEAAPVPDTYLALHLRAEDADMFKGVADKDVRKSLRLGEVPMPELAPDEVLVAVMASSINYNTVW
SAMFEPIPTFHFLKQNARQGGWATRHDQPYHVLGSDCSGVVVRTGIGVRRWKPGDHVIVHPAHVDEQEPATHGDGMLGTE
QRAWGFETNFGGLAEYGVVRASQLLPKPAHLTWEEAAVSPLCAGTAYRMLVSDRGAQMKQGDIVLIWGASGGLGSYAIQF
VKNGGGIPVAVVSSAQKEAAVRALGCDLVINRAELGITDDIADDPRRVVETGRKLAKLVVEKAGREPDIVFEHTGRVTFG
LSVIVARRGGTVVTCGSSSGYLHTFDNRYLWMKLKKIVGSHGANHEEQQATNRLFESGAVVPAMSAVYPLAEAAEACRVV
QTSRQVGKVAVLCMAPEQGLGVTDPDLRARLGEDRLNPLRGLTATSR
;
_entity_poly.pdbx_strand_id   A,B,C,D
#
loop_
_chem_comp.id
_chem_comp.type
_chem_comp.name
_chem_comp.formula
CO8 non-polymer 'OCTANOYL-COENZYME A' 'C29 H50 N7 O17 P3 S'
NAP non-polymer 'NADP NICOTINAMIDE-ADENINE-DINUCLEOTIDE PHOSPHATE' 'C21 H28 N7 O17 P3'
#
# COMPACT_ATOMS: atom_id res chain seq x y z
N SER A 1 -30.87 -38.11 15.01
CA SER A 1 -30.63 -37.96 16.48
C SER A 1 -31.42 -36.80 17.07
N SER A 2 -31.59 -36.80 18.39
CA SER A 2 -32.29 -35.72 19.07
C SER A 2 -31.63 -34.37 18.73
N LEU A 3 -30.32 -34.35 18.62
CA LEU A 3 -29.65 -33.10 18.24
C LEU A 3 -29.98 -32.65 16.83
N SER A 4 -29.95 -33.56 15.87
CA SER A 4 -30.26 -33.16 14.49
C SER A 4 -31.72 -32.77 14.36
N ARG A 5 -32.60 -33.47 15.08
CA ARG A 5 -34.03 -33.13 15.09
C ARG A 5 -34.24 -31.73 15.67
N ALA A 6 -33.59 -31.44 16.80
CA ALA A 6 -33.66 -30.11 17.41
C ALA A 6 -33.24 -29.02 16.43
N VAL A 7 -32.10 -29.23 15.77
CA VAL A 7 -31.58 -28.28 14.79
C VAL A 7 -32.56 -28.11 13.64
N LEU A 8 -33.00 -29.23 13.08
CA LEU A 8 -33.95 -29.23 11.96
C LEU A 8 -35.30 -28.67 12.37
N ASP A 9 -35.66 -28.82 13.63
CA ASP A 9 -36.93 -28.31 14.11
C ASP A 9 -36.85 -26.82 14.45
N GLY A 10 -35.66 -26.25 14.30
CA GLY A 10 -35.40 -24.86 14.66
C GLY A 10 -35.60 -24.63 16.14
N ALA A 11 -35.10 -25.57 16.95
CA ALA A 11 -35.24 -25.49 18.41
C ALA A 11 -34.47 -24.31 19.00
N SER A 12 -34.83 -23.95 20.24
CA SER A 12 -34.15 -22.91 20.98
C SER A 12 -32.72 -23.33 21.30
N ALA A 13 -31.90 -22.34 21.65
CA ALA A 13 -30.52 -22.56 22.14
C ALA A 13 -30.45 -23.63 23.23
N ALA A 14 -31.25 -23.46 24.28
CA ALA A 14 -31.28 -24.40 25.40
C ALA A 14 -31.61 -25.84 24.98
N GLU A 15 -32.60 -25.98 24.10
CA GLU A 15 -33.02 -27.28 23.57
C GLU A 15 -31.91 -27.95 22.77
N ILE A 16 -31.18 -27.12 22.01
CA ILE A 16 -30.05 -27.62 21.23
C ILE A 16 -28.92 -28.10 22.15
N GLU A 17 -28.61 -27.31 23.18
CA GLU A 17 -27.60 -27.69 24.17
C GLU A 17 -28.00 -28.93 24.97
N ALA A 18 -29.31 -29.06 25.23
CA ALA A 18 -29.83 -30.18 26.01
C ALA A 18 -29.80 -31.49 25.21
N ALA A 19 -29.87 -31.37 23.88
CA ALA A 19 -29.84 -32.55 23.00
C ALA A 19 -28.40 -33.07 22.92
N PRO A 20 -28.19 -34.34 23.28
CA PRO A 20 -26.80 -34.82 23.34
C PRO A 20 -26.11 -34.80 21.98
N VAL A 21 -24.79 -34.61 22.00
CA VAL A 21 -23.98 -34.76 20.80
C VAL A 21 -23.87 -36.25 20.51
N PRO A 22 -24.15 -36.65 19.25
CA PRO A 22 -23.98 -38.03 18.83
C PRO A 22 -22.52 -38.45 18.88
N ASP A 23 -22.30 -39.73 19.18
CA ASP A 23 -20.96 -40.32 19.23
C ASP A 23 -20.34 -40.37 17.86
N THR A 24 -21.18 -40.45 16.85
CA THR A 24 -20.71 -40.53 15.47
C THR A 24 -21.57 -39.64 14.60
N TYR A 25 -21.10 -39.37 13.39
CA TYR A 25 -21.94 -38.67 12.46
C TYR A 25 -21.63 -39.09 11.05
N LEU A 26 -22.60 -38.87 10.17
CA LEU A 26 -22.47 -39.18 8.74
C LEU A 26 -21.53 -38.18 8.08
N ALA A 27 -20.56 -38.70 7.35
CA ALA A 27 -19.57 -37.83 6.72
C ALA A 27 -19.12 -38.37 5.39
N LEU A 28 -18.97 -37.46 4.43
CA LEU A 28 -18.26 -37.73 3.21
C LEU A 28 -16.81 -37.69 3.60
N HIS A 29 -16.11 -38.80 3.38
CA HIS A 29 -14.72 -38.87 3.80
C HIS A 29 -13.88 -39.75 2.91
N LEU A 30 -12.58 -39.63 3.12
CA LEU A 30 -11.63 -40.51 2.49
C LEU A 30 -11.04 -41.40 3.56
N ARG A 31 -10.42 -42.49 3.12
CA ARG A 31 -9.83 -43.46 3.99
C ARG A 31 -8.33 -43.47 3.71
N ALA A 32 -7.52 -43.40 4.77
CA ALA A 32 -6.07 -43.38 4.64
C ALA A 32 -5.53 -44.54 3.82
N GLU A 33 -6.17 -45.70 3.99
CA GLU A 33 -5.78 -46.92 3.28
C GLU A 33 -5.88 -46.77 1.78
N ASP A 34 -6.68 -45.81 1.31
CA ASP A 34 -6.92 -45.62 -0.14
C ASP A 34 -5.98 -44.63 -0.83
N ALA A 35 -5.05 -44.06 -0.09
CA ALA A 35 -4.27 -42.93 -0.60
C ALA A 35 -3.55 -43.24 -1.93
N ASP A 36 -3.11 -44.48 -2.12
CA ASP A 36 -2.35 -44.86 -3.33
C ASP A 36 -3.18 -45.56 -4.38
N MET A 37 -4.50 -45.56 -4.23
CA MET A 37 -5.38 -46.35 -5.12
C MET A 37 -5.43 -45.86 -6.56
N PHE A 38 -4.97 -44.63 -6.78
CA PHE A 38 -4.94 -44.04 -8.11
C PHE A 38 -3.53 -44.05 -8.71
N LYS A 39 -2.60 -44.75 -8.08
CA LYS A 39 -1.27 -44.88 -8.65
C LYS A 39 -1.43 -45.34 -10.10
N GLY A 40 -0.87 -44.54 -11.02
CA GLY A 40 -0.96 -44.81 -12.45
C GLY A 40 -2.38 -45.00 -12.96
N VAL A 41 -3.28 -44.15 -12.48
CA VAL A 41 -4.67 -44.12 -12.96
C VAL A 41 -4.91 -42.76 -13.59
N ALA A 42 -5.42 -42.77 -14.83
CA ALA A 42 -5.60 -41.54 -15.63
C ALA A 42 -6.72 -40.65 -15.12
N ASP A 43 -7.94 -41.16 -15.16
CA ASP A 43 -9.09 -40.48 -14.61
C ASP A 43 -9.35 -41.01 -13.21
N LYS A 44 -8.91 -40.25 -12.21
CA LYS A 44 -9.00 -40.65 -10.81
C LYS A 44 -10.37 -40.33 -10.24
N ASP A 45 -11.33 -41.17 -10.63
CA ASP A 45 -12.73 -40.99 -10.32
C ASP A 45 -12.94 -40.81 -8.82
N VAL A 46 -13.23 -39.57 -8.41
CA VAL A 46 -13.41 -39.28 -6.98
C VAL A 46 -14.43 -40.20 -6.34
N ARG A 47 -15.32 -40.76 -7.15
CA ARG A 47 -16.38 -41.59 -6.59
C ARG A 47 -15.82 -42.93 -6.14
N LYS A 48 -14.60 -43.25 -6.59
CA LYS A 48 -13.97 -44.50 -6.17
C LYS A 48 -13.30 -44.38 -4.80
N SER A 49 -13.00 -43.15 -4.40
CA SER A 49 -12.33 -42.89 -3.13
C SER A 49 -13.29 -42.38 -2.07
N LEU A 50 -14.22 -41.51 -2.48
CA LEU A 50 -15.19 -40.95 -1.55
C LEU A 50 -16.02 -42.01 -0.85
N ARG A 51 -16.13 -41.90 0.47
CA ARG A 51 -16.93 -42.81 1.28
C ARG A 51 -17.97 -42.00 2.00
N LEU A 52 -19.15 -42.57 2.19
CA LEU A 52 -20.13 -41.94 3.04
C LEU A 52 -20.51 -42.90 4.14
N GLY A 53 -20.22 -42.50 5.37
CA GLY A 53 -20.53 -43.34 6.52
C GLY A 53 -20.24 -42.61 7.81
N GLU A 54 -20.60 -43.26 8.91
CA GLU A 54 -20.41 -42.73 10.24
C GLU A 54 -18.93 -42.62 10.57
N VAL A 55 -18.56 -41.48 11.14
CA VAL A 55 -17.21 -41.30 11.63
C VAL A 55 -17.33 -40.85 13.07
N PRO A 56 -16.30 -41.10 13.89
CA PRO A 56 -16.37 -40.70 15.29
C PRO A 56 -16.50 -39.19 15.42
N MET A 57 -17.39 -38.75 16.29
CA MET A 57 -17.45 -37.35 16.69
C MET A 57 -16.21 -37.00 17.51
N PRO A 58 -15.39 -36.01 17.05
CA PRO A 58 -14.23 -35.68 17.87
C PRO A 58 -14.60 -34.83 19.06
N GLU A 59 -13.69 -34.74 20.01
CA GLU A 59 -13.82 -33.83 21.12
C GLU A 59 -13.55 -32.41 20.62
N LEU A 60 -14.39 -31.49 21.09
CA LEU A 60 -14.30 -30.11 20.70
C LEU A 60 -13.20 -29.37 21.48
N ALA A 61 -12.32 -28.70 20.76
CA ALA A 61 -11.27 -27.88 21.37
C ALA A 61 -11.91 -26.64 21.95
N PRO A 62 -11.21 -25.92 22.85
CA PRO A 62 -11.92 -24.82 23.50
C PRO A 62 -12.23 -23.64 22.57
N ASP A 63 -11.52 -23.55 21.45
CA ASP A 63 -11.71 -22.43 20.54
C ASP A 63 -12.55 -22.90 19.35
N GLU A 64 -13.14 -24.08 19.48
CA GLU A 64 -13.87 -24.65 18.36
C GLU A 64 -15.36 -24.66 18.56
N VAL A 65 -16.07 -24.83 17.45
CA VAL A 65 -17.51 -24.85 17.46
C VAL A 65 -17.95 -26.04 16.67
N LEU A 66 -18.94 -26.76 17.20
CA LEU A 66 -19.49 -27.88 16.48
C LEU A 66 -20.67 -27.31 15.77
N VAL A 67 -20.69 -27.47 14.45
CA VAL A 67 -21.75 -26.95 13.63
C VAL A 67 -22.54 -28.16 13.12
N ALA A 68 -23.87 -28.12 13.26
CA ALA A 68 -24.74 -29.06 12.55
C ALA A 68 -24.78 -28.49 11.15
N VAL A 69 -24.13 -29.17 10.22
CA VAL A 69 -23.97 -28.65 8.88
C VAL A 69 -25.24 -28.86 8.06
N MET A 70 -25.82 -27.77 7.60
CA MET A 70 -27.06 -27.85 6.85
C MET A 70 -26.79 -28.12 5.39
N ALA A 71 -25.78 -27.45 4.86
CA ALA A 71 -25.38 -27.59 3.48
C ALA A 71 -23.91 -27.24 3.39
N SER A 72 -23.27 -27.78 2.36
CA SER A 72 -21.88 -27.53 2.11
C SER A 72 -21.79 -27.37 0.60
N SER A 73 -20.59 -27.48 0.04
CA SER A 73 -20.47 -27.40 -1.40
C SER A 73 -19.31 -28.25 -1.82
N ILE A 74 -19.28 -28.61 -3.10
CA ILE A 74 -18.06 -29.19 -3.64
C ILE A 74 -17.15 -28.04 -4.00
N ASN A 75 -15.92 -28.15 -3.53
CA ASN A 75 -14.87 -27.26 -3.95
C ASN A 75 -13.88 -28.07 -4.71
N TYR A 76 -13.05 -27.39 -5.48
CA TYR A 76 -12.12 -28.16 -6.22
C TYR A 76 -11.20 -28.91 -5.29
N ASN A 77 -10.91 -28.33 -4.12
CA ASN A 77 -10.02 -29.02 -3.19
C ASN A 77 -10.61 -30.36 -2.70
N THR A 78 -11.95 -30.43 -2.70
CA THR A 78 -12.67 -31.66 -2.40
C THR A 78 -12.31 -32.69 -3.44
N VAL A 79 -12.37 -32.29 -4.71
CA VAL A 79 -11.90 -33.09 -5.83
C VAL A 79 -10.43 -33.46 -5.71
N TRP A 80 -9.55 -32.49 -5.48
CA TRP A 80 -8.13 -32.78 -5.29
C TRP A 80 -7.97 -33.83 -4.18
N SER A 81 -8.64 -33.61 -3.06
CA SER A 81 -8.63 -34.55 -1.92
C SER A 81 -8.96 -35.97 -2.34
N ALA A 82 -10.11 -36.12 -2.99
CA ALA A 82 -10.62 -37.42 -3.37
C ALA A 82 -9.75 -38.09 -4.44
N MET A 83 -8.95 -37.29 -5.14
CA MET A 83 -7.96 -37.79 -6.07
C MET A 83 -6.61 -38.07 -5.43
N PHE A 84 -6.47 -37.72 -4.14
CA PHE A 84 -5.18 -37.73 -3.43
C PHE A 84 -4.10 -36.89 -4.12
N GLU A 85 -4.54 -35.85 -4.83
CA GLU A 85 -3.65 -34.94 -5.53
C GLU A 85 -3.60 -33.52 -4.93
N PRO A 86 -2.46 -32.84 -5.07
CA PRO A 86 -1.23 -33.41 -5.60
C PRO A 86 -0.56 -34.31 -4.59
N ILE A 87 -0.99 -34.18 -3.33
CA ILE A 87 -0.47 -34.97 -2.23
C ILE A 87 -1.67 -35.38 -1.40
N PRO A 88 -1.74 -36.67 -1.01
CA PRO A 88 -2.86 -37.17 -0.19
C PRO A 88 -3.05 -36.27 1.02
N THR A 89 -4.29 -35.88 1.29
CA THR A 89 -4.59 -35.02 2.44
C THR A 89 -4.15 -35.62 3.77
N PHE A 90 -4.06 -36.94 3.85
CA PHE A 90 -3.58 -37.57 5.08
C PHE A 90 -2.19 -37.09 5.50
N HIS A 91 -1.36 -36.76 4.52
CA HIS A 91 -0.05 -36.18 4.81
C HIS A 91 -0.24 -34.85 5.54
N PHE A 92 -1.23 -34.06 5.11
CA PHE A 92 -1.52 -32.77 5.76
C PHE A 92 -2.09 -32.95 7.15
N LEU A 93 -2.97 -33.94 7.29
CA LEU A 93 -3.59 -34.24 8.55
C LEU A 93 -2.50 -34.63 9.55
N LYS A 94 -1.53 -35.39 9.07
CA LYS A 94 -0.43 -35.82 9.93
C LYS A 94 0.48 -34.65 10.29
N GLN A 95 0.73 -33.76 9.34
CA GLN A 95 1.51 -32.56 9.59
C GLN A 95 0.78 -31.70 10.61
N ASN A 96 -0.52 -31.54 10.40
CA ASN A 96 -1.39 -30.83 11.30
C ASN A 96 -1.25 -31.42 12.71
N ALA A 97 -1.45 -32.74 12.82
CA ALA A 97 -1.38 -33.44 14.11
C ALA A 97 -0.02 -33.39 14.79
N ARG A 98 1.05 -33.11 14.04
CA ARG A 98 2.40 -33.08 14.62
C ARG A 98 2.58 -31.89 15.56
N GLN A 99 1.63 -30.96 15.50
CA GLN A 99 1.62 -29.80 16.40
C GLN A 99 1.32 -30.20 17.84
N GLY A 100 0.73 -31.38 18.02
CA GLY A 100 0.37 -31.86 19.33
C GLY A 100 -0.90 -31.21 19.85
N GLY A 101 -1.20 -31.49 21.11
CA GLY A 101 -2.36 -30.93 21.78
C GLY A 101 -3.60 -31.24 20.98
N TRP A 102 -4.44 -30.23 20.81
CA TRP A 102 -5.71 -30.42 20.15
C TRP A 102 -5.57 -30.82 18.70
N ALA A 103 -4.43 -30.50 18.08
CA ALA A 103 -4.26 -30.80 16.66
C ALA A 103 -4.22 -32.30 16.37
N THR A 104 -3.86 -33.11 17.36
CA THR A 104 -3.65 -34.54 17.07
C THR A 104 -4.95 -35.20 16.59
N ARG A 105 -6.09 -34.63 17.00
CA ARG A 105 -7.39 -35.16 16.58
C ARG A 105 -7.53 -35.26 15.08
N HIS A 106 -6.87 -34.37 14.34
CA HIS A 106 -6.97 -34.32 12.90
C HIS A 106 -6.41 -35.55 12.20
N ASP A 107 -5.52 -36.25 12.90
CA ASP A 107 -4.87 -37.40 12.30
C ASP A 107 -5.71 -38.63 12.61
N GLN A 108 -6.48 -39.01 11.59
CA GLN A 108 -7.45 -40.08 11.66
C GLN A 108 -7.31 -40.93 10.40
N PRO A 109 -7.74 -42.21 10.46
CA PRO A 109 -7.73 -43.09 9.28
C PRO A 109 -8.81 -42.69 8.26
N TYR A 110 -9.62 -41.70 8.62
CA TYR A 110 -10.64 -41.14 7.76
C TYR A 110 -10.37 -39.65 7.67
N HIS A 111 -10.78 -39.06 6.56
CA HIS A 111 -10.71 -37.64 6.43
C HIS A 111 -12.04 -37.10 5.97
N VAL A 112 -12.69 -36.34 6.86
CA VAL A 112 -13.94 -35.70 6.53
C VAL A 112 -13.69 -34.39 5.78
N LEU A 113 -14.08 -34.40 4.52
CA LEU A 113 -13.83 -33.32 3.56
C LEU A 113 -14.88 -32.24 3.68
N GLY A 114 -14.72 -31.18 2.89
CA GLY A 114 -15.72 -30.13 2.86
C GLY A 114 -15.10 -28.91 3.49
N SER A 115 -15.01 -27.84 2.72
CA SER A 115 -14.23 -26.69 3.12
C SER A 115 -15.05 -25.43 3.26
N ASP A 116 -16.33 -25.54 2.97
CA ASP A 116 -17.26 -24.52 3.46
C ASP A 116 -18.57 -25.16 3.85
N CYS A 117 -19.45 -24.38 4.44
CA CYS A 117 -20.73 -24.90 4.81
C CYS A 117 -21.54 -23.79 5.39
N SER A 118 -22.84 -24.05 5.49
CA SER A 118 -23.70 -23.23 6.32
C SER A 118 -24.35 -24.19 7.30
N GLY A 119 -24.76 -23.66 8.43
CA GLY A 119 -25.41 -24.52 9.36
C GLY A 119 -25.71 -23.86 10.66
N VAL A 120 -25.84 -24.71 11.67
CA VAL A 120 -26.28 -24.27 12.95
C VAL A 120 -25.28 -24.66 14.01
N VAL A 121 -24.91 -23.69 14.85
CA VAL A 121 -24.05 -23.96 15.97
C VAL A 121 -24.78 -24.90 16.90
N VAL A 122 -24.11 -25.96 17.32
CA VAL A 122 -24.72 -26.86 18.30
C VAL A 122 -23.91 -26.92 19.61
N ARG A 123 -22.61 -26.70 19.51
CA ARG A 123 -21.76 -26.64 20.70
C ARG A 123 -20.63 -25.66 20.46
N THR A 124 -20.18 -25.02 21.53
CA THR A 124 -19.02 -24.16 21.45
C THR A 124 -18.08 -24.56 22.55
N GLY A 125 -16.79 -24.49 22.25
CA GLY A 125 -15.76 -24.71 23.25
C GLY A 125 -15.81 -23.61 24.30
N ILE A 126 -15.18 -23.84 25.45
CA ILE A 126 -15.27 -22.91 26.57
C ILE A 126 -14.56 -21.59 26.28
N GLY A 127 -13.73 -21.61 25.24
CA GLY A 127 -13.02 -20.41 24.81
C GLY A 127 -13.69 -19.68 23.67
N VAL A 128 -14.86 -20.13 23.27
CA VAL A 128 -15.54 -19.50 22.14
C VAL A 128 -16.41 -18.38 22.67
N ARG A 129 -16.30 -17.21 22.03
CA ARG A 129 -17.10 -16.07 22.37
C ARG A 129 -18.28 -15.91 21.46
N ARG A 130 -19.36 -15.41 22.06
CA ARG A 130 -20.50 -14.83 21.33
C ARG A 130 -21.39 -15.86 20.64
N TRP A 131 -20.81 -16.77 19.88
CA TRP A 131 -21.62 -17.82 19.25
C TRP A 131 -22.33 -18.65 20.27
N LYS A 132 -23.51 -19.08 19.93
CA LYS A 132 -24.25 -19.93 20.83
C LYS A 132 -25.02 -20.95 20.01
N PRO A 133 -25.34 -22.11 20.60
CA PRO A 133 -26.13 -23.09 19.89
C PRO A 133 -27.41 -22.47 19.32
N GLY A 134 -27.74 -22.81 18.07
CA GLY A 134 -28.86 -22.22 17.37
C GLY A 134 -28.48 -21.14 16.37
N ASP A 135 -27.28 -20.58 16.53
CA ASP A 135 -26.84 -19.51 15.65
C ASP A 135 -26.62 -20.06 14.26
N HIS A 136 -27.16 -19.32 13.29
CA HIS A 136 -27.02 -19.66 11.89
C HIS A 136 -25.71 -19.09 11.41
N VAL A 137 -24.87 -19.97 10.89
CA VAL A 137 -23.53 -19.60 10.50
C VAL A 137 -23.19 -20.11 9.11
N ILE A 138 -22.21 -19.45 8.51
CA ILE A 138 -21.49 -20.07 7.45
C ILE A 138 -20.13 -20.31 8.03
N VAL A 139 -19.44 -21.29 7.49
CA VAL A 139 -18.09 -21.56 7.88
C VAL A 139 -17.29 -21.31 6.63
N HIS A 140 -16.22 -20.53 6.77
CA HIS A 140 -15.23 -20.38 5.72
C HIS A 140 -13.99 -21.20 6.09
N PRO A 141 -13.12 -21.47 5.11
CA PRO A 141 -12.11 -22.52 5.27
C PRO A 141 -10.83 -22.14 6.01
N ALA A 142 -10.64 -20.86 6.33
CA ALA A 142 -9.39 -20.41 6.95
C ALA A 142 -9.28 -20.88 8.38
N HIS A 143 -8.61 -22.02 8.56
CA HIS A 143 -8.42 -22.65 9.86
C HIS A 143 -7.05 -22.21 10.31
N VAL A 144 -7.01 -21.20 11.16
CA VAL A 144 -5.75 -20.52 11.40
C VAL A 144 -5.42 -20.51 12.89
N ASP A 145 -4.14 -20.27 13.19
CA ASP A 145 -3.65 -20.26 14.55
C ASP A 145 -3.54 -18.81 14.99
N GLU A 146 -4.44 -18.42 15.86
CA GLU A 146 -4.56 -17.03 16.27
CA GLU A 146 -4.58 -17.04 16.29
C GLU A 146 -3.48 -16.60 17.26
N GLN A 147 -2.67 -17.56 17.69
CA GLN A 147 -1.52 -17.31 18.58
CA GLN A 147 -1.58 -17.23 18.60
C GLN A 147 -0.28 -16.91 17.84
N GLU A 148 -0.21 -17.33 16.58
CA GLU A 148 0.90 -16.99 15.70
C GLU A 148 0.83 -15.50 15.43
N PRO A 149 1.94 -14.79 15.59
CA PRO A 149 1.96 -13.36 15.26
C PRO A 149 1.47 -13.06 13.86
N ALA A 150 1.88 -13.87 12.88
CA ALA A 150 1.59 -13.58 11.47
C ALA A 150 0.09 -13.44 11.25
N THR A 151 -0.67 -14.24 11.99
CA THR A 151 -2.13 -14.24 11.90
C THR A 151 -2.71 -12.86 12.17
N HIS A 152 -2.07 -12.12 13.06
CA HIS A 152 -2.54 -10.79 13.45
C HIS A 152 -2.17 -9.70 12.45
N GLY A 153 -1.36 -10.06 11.46
CA GLY A 153 -1.08 -9.15 10.36
C GLY A 153 -1.96 -9.52 9.19
N ASP A 154 -2.23 -10.82 9.07
CA ASP A 154 -3.05 -11.35 7.99
C ASP A 154 -3.36 -12.79 8.38
N GLY A 155 -4.63 -13.05 8.62
CA GLY A 155 -5.08 -14.36 9.08
C GLY A 155 -4.66 -15.48 8.16
N MET A 156 -4.46 -15.18 6.88
CA MET A 156 -4.01 -16.19 5.94
C MET A 156 -2.53 -16.54 6.06
N LEU A 157 -1.76 -15.75 6.81
CA LEU A 157 -0.32 -15.79 6.65
C LEU A 157 0.45 -16.64 7.63
N GLY A 158 -0.23 -17.12 8.67
CA GLY A 158 0.41 -17.88 9.72
C GLY A 158 0.89 -19.19 9.14
N THR A 159 2.00 -19.72 9.66
CA THR A 159 2.51 -20.98 9.12
C THR A 159 1.57 -22.14 9.46
N GLU A 160 0.64 -21.91 10.39
CA GLU A 160 -0.33 -22.94 10.75
C GLU A 160 -1.65 -22.75 10.02
N GLN A 161 -1.66 -21.84 9.05
CA GLN A 161 -2.87 -21.62 8.30
C GLN A 161 -3.18 -22.87 7.53
N ARG A 162 -4.41 -23.35 7.69
CA ARG A 162 -4.89 -24.52 6.99
C ARG A 162 -6.25 -24.27 6.37
N ALA A 163 -6.59 -25.10 5.38
CA ALA A 163 -7.89 -25.10 4.74
C ALA A 163 -8.72 -26.19 5.40
N TRP A 164 -9.75 -25.73 6.09
CA TRP A 164 -10.74 -26.60 6.68
C TRP A 164 -11.19 -27.71 5.73
N GLY A 165 -11.17 -28.94 6.22
CA GLY A 165 -11.60 -30.10 5.42
C GLY A 165 -10.62 -30.53 4.35
N PHE A 166 -9.47 -29.86 4.27
CA PHE A 166 -8.42 -30.22 3.33
C PHE A 166 -7.11 -30.53 4.06
N GLU A 167 -6.56 -29.54 4.77
CA GLU A 167 -5.46 -29.81 5.70
C GLU A 167 -5.98 -30.02 7.11
N THR A 168 -7.29 -29.97 7.29
CA THR A 168 -7.87 -30.29 8.58
C THR A 168 -8.93 -31.34 8.38
N ASN A 169 -9.22 -32.05 9.45
CA ASN A 169 -10.28 -32.98 9.42
C ASN A 169 -11.58 -32.28 9.81
N PHE A 170 -12.65 -33.05 9.84
CA PHE A 170 -13.93 -32.60 10.38
C PHE A 170 -14.49 -31.48 9.52
N GLY A 171 -14.32 -31.67 8.22
CA GLY A 171 -14.86 -30.77 7.24
C GLY A 171 -16.37 -30.75 7.16
N GLY A 172 -16.88 -29.93 6.25
CA GLY A 172 -18.29 -29.62 6.19
C GLY A 172 -19.16 -30.54 5.34
N LEU A 173 -18.55 -31.49 4.62
CA LEU A 173 -19.37 -32.42 3.85
C LEU A 173 -19.80 -33.59 4.73
N ALA A 174 -20.61 -33.26 5.71
CA ALA A 174 -20.99 -34.18 6.76
C ALA A 174 -22.14 -33.51 7.47
N GLU A 175 -22.73 -34.22 8.42
CA GLU A 175 -23.85 -33.68 9.15
C GLU A 175 -23.35 -32.73 10.22
N TYR A 176 -22.10 -32.89 10.63
CA TYR A 176 -21.49 -31.95 11.57
C TYR A 176 -20.15 -31.59 11.07
N GLY A 177 -19.70 -30.41 11.47
CA GLY A 177 -18.37 -29.92 11.12
C GLY A 177 -17.80 -29.38 12.42
N VAL A 178 -16.48 -29.52 12.56
CA VAL A 178 -15.77 -28.93 13.68
C VAL A 178 -14.93 -27.79 13.12
N VAL A 179 -15.13 -26.60 13.66
CA VAL A 179 -14.48 -25.44 13.11
C VAL A 179 -13.91 -24.61 14.23
N ARG A 180 -12.85 -23.87 13.93
CA ARG A 180 -12.41 -22.85 14.86
C ARG A 180 -13.41 -21.69 14.80
N ALA A 181 -13.63 -21.05 15.94
CA ALA A 181 -14.59 -19.98 16.03
C ALA A 181 -14.27 -18.88 15.00
N SER A 182 -13.00 -18.75 14.63
CA SER A 182 -12.60 -17.73 13.67
C SER A 182 -12.84 -18.16 12.23
N GLN A 183 -13.55 -19.28 12.05
CA GLN A 183 -14.04 -19.69 10.74
C GLN A 183 -15.50 -19.29 10.56
N LEU A 184 -16.12 -18.82 11.63
CA LEU A 184 -17.56 -18.57 11.66
C LEU A 184 -17.96 -17.16 11.32
N LEU A 185 -18.99 -17.07 10.48
CA LEU A 185 -19.65 -15.80 10.21
C LEU A 185 -21.16 -16.04 10.26
N PRO A 186 -21.92 -14.99 10.59
CA PRO A 186 -23.37 -15.18 10.52
C PRO A 186 -23.80 -15.47 9.10
N LYS A 187 -24.59 -16.50 8.96
CA LYS A 187 -25.16 -16.84 7.67
C LYS A 187 -26.02 -15.69 7.18
N PRO A 188 -25.85 -15.29 5.90
CA PRO A 188 -26.72 -14.30 5.30
C PRO A 188 -28.16 -14.78 5.44
N ALA A 189 -28.97 -14.01 6.15
CA ALA A 189 -30.30 -14.47 6.58
C ALA A 189 -31.28 -14.78 5.42
N HIS A 190 -31.12 -14.09 4.29
CA HIS A 190 -32.06 -14.19 3.21
C HIS A 190 -31.75 -15.38 2.31
N LEU A 191 -30.72 -16.14 2.65
CA LEU A 191 -30.27 -17.23 1.81
C LEU A 191 -30.73 -18.56 2.37
N THR A 192 -30.95 -19.52 1.49
CA THR A 192 -31.19 -20.87 1.91
C THR A 192 -29.86 -21.45 2.37
N TRP A 193 -29.92 -22.60 3.04
CA TRP A 193 -28.70 -23.24 3.52
C TRP A 193 -27.71 -23.48 2.40
N GLU A 194 -28.21 -24.11 1.33
CA GLU A 194 -27.36 -24.48 0.21
C GLU A 194 -26.82 -23.22 -0.48
N GLU A 195 -27.62 -22.17 -0.56
CA GLU A 195 -27.15 -20.91 -1.15
C GLU A 195 -26.03 -20.28 -0.33
N ALA A 196 -26.22 -20.26 0.98
CA ALA A 196 -25.24 -19.75 1.94
C ALA A 196 -23.94 -20.56 1.89
N ALA A 197 -24.07 -21.88 1.78
CA ALA A 197 -22.96 -22.83 1.80
C ALA A 197 -22.01 -22.74 0.61
N VAL A 198 -22.52 -22.31 -0.55
CA VAL A 198 -21.72 -22.37 -1.77
C VAL A 198 -20.62 -21.31 -1.86
N SER A 199 -20.72 -20.30 -1.04
CA SER A 199 -19.92 -19.10 -1.23
C SER A 199 -18.62 -18.93 -0.47
N PRO A 200 -18.57 -19.34 0.82
CA PRO A 200 -17.44 -18.82 1.60
C PRO A 200 -16.08 -19.07 0.98
N LEU A 201 -15.81 -20.29 0.56
CA LEU A 201 -14.48 -20.61 0.07
C LEU A 201 -14.17 -19.86 -1.23
N CYS A 202 -15.00 -20.08 -2.25
CA CYS A 202 -14.73 -19.47 -3.55
C CYS A 202 -14.90 -17.96 -3.54
N ALA A 203 -15.96 -17.49 -2.91
CA ALA A 203 -16.23 -16.08 -2.88
C ALA A 203 -15.15 -15.38 -2.06
N GLY A 204 -14.82 -15.94 -0.89
CA GLY A 204 -13.80 -15.33 -0.04
C GLY A 204 -12.49 -15.27 -0.80
N THR A 205 -12.18 -16.36 -1.49
CA THR A 205 -10.94 -16.48 -2.23
C THR A 205 -10.88 -15.47 -3.38
N ALA A 206 -11.98 -15.35 -4.11
CA ALA A 206 -12.05 -14.40 -5.19
C ALA A 206 -11.96 -12.97 -4.61
N TYR A 207 -12.53 -12.81 -3.43
CA TYR A 207 -12.61 -11.53 -2.77
C TYR A 207 -11.20 -11.09 -2.39
N ARG A 208 -10.45 -12.00 -1.79
CA ARG A 208 -9.07 -11.72 -1.43
C ARG A 208 -8.27 -11.33 -2.67
N MET A 209 -8.42 -12.14 -3.72
CA MET A 209 -7.71 -11.94 -4.97
C MET A 209 -8.00 -10.60 -5.63
N LEU A 210 -9.21 -10.11 -5.50
CA LEU A 210 -9.65 -8.99 -6.34
C LEU A 210 -10.05 -7.77 -5.56
N VAL A 211 -10.70 -7.97 -4.42
CA VAL A 211 -11.27 -6.83 -3.73
C VAL A 211 -10.33 -6.35 -2.65
N SER A 212 -9.81 -7.32 -1.90
CA SER A 212 -9.02 -7.05 -0.71
C SER A 212 -7.74 -6.31 -1.01
N ASP A 213 -7.28 -5.51 -0.05
CA ASP A 213 -5.97 -4.92 -0.18
C ASP A 213 -4.87 -5.98 -0.06
N ARG A 214 -5.27 -7.23 0.20
CA ARG A 214 -4.30 -8.33 0.25
C ARG A 214 -4.11 -9.05 -1.10
N GLY A 215 -4.92 -8.71 -2.08
CA GLY A 215 -4.77 -9.29 -3.42
C GLY A 215 -4.44 -8.20 -4.43
N ALA A 216 -5.03 -8.30 -5.61
CA ALA A 216 -4.75 -7.34 -6.68
C ALA A 216 -5.42 -6.02 -6.40
N GLN A 217 -6.45 -6.05 -5.56
CA GLN A 217 -7.13 -4.84 -5.08
C GLN A 217 -7.64 -4.00 -6.24
N MET A 218 -8.66 -4.52 -6.90
CA MET A 218 -9.27 -3.83 -8.02
C MET A 218 -9.83 -2.49 -7.62
N LYS A 219 -9.93 -1.58 -8.58
CA LYS A 219 -10.66 -0.35 -8.37
C LYS A 219 -11.69 -0.26 -9.48
N GLN A 220 -12.71 0.56 -9.30
CA GLN A 220 -13.68 0.73 -10.37
C GLN A 220 -12.92 1.15 -11.63
N GLY A 221 -13.39 0.67 -12.78
CA GLY A 221 -12.74 0.98 -14.03
C GLY A 221 -11.71 -0.04 -14.47
N ASP A 222 -11.25 -0.85 -13.52
CA ASP A 222 -10.30 -1.90 -13.82
C ASP A 222 -10.95 -2.92 -14.70
N ILE A 223 -10.19 -3.40 -15.68
CA ILE A 223 -10.61 -4.49 -16.54
C ILE A 223 -9.98 -5.73 -15.97
N VAL A 224 -10.78 -6.75 -15.72
CA VAL A 224 -10.26 -7.93 -15.07
C VAL A 224 -10.57 -9.11 -15.94
N LEU A 225 -9.50 -9.75 -16.41
CA LEU A 225 -9.66 -10.93 -17.22
C LEU A 225 -9.81 -12.10 -16.28
N ILE A 226 -10.89 -12.84 -16.43
CA ILE A 226 -11.17 -13.89 -15.49
C ILE A 226 -11.11 -15.20 -16.24
N TRP A 227 -10.08 -15.99 -15.94
CA TRP A 227 -9.99 -17.35 -16.45
C TRP A 227 -11.01 -18.28 -15.78
N GLY A 228 -11.31 -19.38 -16.46
CA GLY A 228 -12.23 -20.38 -15.91
C GLY A 228 -13.40 -19.69 -15.24
N ALA A 229 -13.98 -18.73 -15.97
CA ALA A 229 -14.85 -17.72 -15.35
C ALA A 229 -16.21 -18.25 -14.88
N SER A 230 -16.67 -19.35 -15.46
CA SER A 230 -18.01 -19.86 -15.13
C SER A 230 -18.00 -20.76 -13.90
N GLY A 231 -16.81 -21.12 -13.43
CA GLY A 231 -16.68 -22.00 -12.25
C GLY A 231 -16.91 -21.28 -10.94
N GLY A 232 -16.57 -21.96 -9.84
CA GLY A 232 -16.81 -21.46 -8.50
C GLY A 232 -16.11 -20.13 -8.25
N LEU A 233 -14.81 -20.07 -8.50
CA LEU A 233 -14.08 -18.83 -8.35
C LEU A 233 -14.53 -17.75 -9.30
N GLY A 234 -14.63 -18.09 -10.57
CA GLY A 234 -14.94 -17.11 -11.61
C GLY A 234 -16.31 -16.51 -11.38
N SER A 235 -17.24 -17.34 -10.94
CA SER A 235 -18.61 -16.90 -10.73
C SER A 235 -18.69 -15.83 -9.68
N TYR A 236 -17.75 -15.84 -8.74
CA TYR A 236 -17.70 -14.74 -7.76
C TYR A 236 -16.81 -13.61 -8.19
N ALA A 237 -15.69 -13.97 -8.82
CA ALA A 237 -14.77 -12.97 -9.36
C ALA A 237 -15.57 -12.01 -10.24
N ILE A 238 -16.40 -12.57 -11.11
CA ILE A 238 -17.25 -11.75 -11.97
C ILE A 238 -18.05 -10.74 -11.16
N GLN A 239 -18.64 -11.21 -10.07
CA GLN A 239 -19.52 -10.37 -9.28
C GLN A 239 -18.76 -9.29 -8.55
N PHE A 240 -17.60 -9.64 -8.00
CA PHE A 240 -16.77 -8.65 -7.33
C PHE A 240 -16.27 -7.61 -8.34
N VAL A 241 -15.92 -8.06 -9.54
CA VAL A 241 -15.45 -7.13 -10.56
C VAL A 241 -16.59 -6.17 -10.90
N LYS A 242 -17.75 -6.73 -11.22
CA LYS A 242 -18.89 -5.92 -11.59
C LYS A 242 -19.27 -5.01 -10.44
N ASN A 243 -19.44 -5.59 -9.25
CA ASN A 243 -19.86 -4.82 -8.10
C ASN A 243 -18.86 -3.72 -7.75
N GLY A 244 -17.59 -3.97 -8.07
CA GLY A 244 -16.52 -3.01 -7.84
C GLY A 244 -16.46 -1.91 -8.87
N GLY A 245 -17.32 -1.97 -9.89
CA GLY A 245 -17.30 -0.99 -10.96
C GLY A 245 -16.22 -1.32 -11.96
N GLY A 246 -15.74 -2.56 -11.89
CA GLY A 246 -14.75 -3.06 -12.82
C GLY A 246 -15.42 -3.66 -14.04
N ILE A 247 -14.60 -4.09 -14.97
CA ILE A 247 -15.09 -4.58 -16.24
C ILE A 247 -14.55 -6.00 -16.36
N PRO A 248 -15.40 -7.00 -16.10
CA PRO A 248 -14.88 -8.36 -16.16
C PRO A 248 -14.84 -8.83 -17.59
N VAL A 249 -13.79 -9.53 -17.97
CA VAL A 249 -13.82 -10.25 -19.23
C VAL A 249 -13.67 -11.73 -18.91
N ALA A 250 -14.72 -12.47 -19.17
CA ALA A 250 -14.75 -13.87 -18.84
C ALA A 250 -14.05 -14.64 -19.93
N VAL A 251 -13.18 -15.57 -19.54
CA VAL A 251 -12.67 -16.55 -20.47
C VAL A 251 -13.31 -17.87 -20.11
N VAL A 252 -14.04 -18.43 -21.07
CA VAL A 252 -14.70 -19.71 -20.87
C VAL A 252 -14.34 -20.64 -22.02
N SER A 253 -14.52 -21.93 -21.82
CA SER A 253 -14.15 -22.89 -22.86
C SER A 253 -15.36 -23.40 -23.64
N SER A 254 -16.56 -22.96 -23.27
CA SER A 254 -17.77 -23.45 -23.93
C SER A 254 -18.91 -22.44 -23.94
N ALA A 255 -19.85 -22.64 -24.87
CA ALA A 255 -21.05 -21.82 -24.96
C ALA A 255 -21.93 -21.91 -23.71
N GLN A 256 -21.96 -23.07 -23.06
CA GLN A 256 -22.72 -23.25 -21.82
C GLN A 256 -22.09 -22.40 -20.72
N LYS A 257 -20.76 -22.42 -20.67
CA LYS A 257 -20.03 -21.66 -19.69
C LYS A 257 -20.14 -20.17 -19.98
N GLU A 258 -20.11 -19.79 -21.26
CA GLU A 258 -20.43 -18.41 -21.62
C GLU A 258 -21.82 -18.01 -21.11
N ALA A 259 -22.79 -18.88 -21.33
CA ALA A 259 -24.15 -18.60 -20.88
C ALA A 259 -24.13 -18.36 -19.37
N ALA A 260 -23.38 -19.20 -18.64
CA ALA A 260 -23.25 -19.06 -17.19
C ALA A 260 -22.71 -17.70 -16.79
N VAL A 261 -21.61 -17.28 -17.42
CA VAL A 261 -21.02 -15.98 -17.06
C VAL A 261 -21.89 -14.81 -17.52
N ARG A 262 -22.64 -14.99 -18.61
CA ARG A 262 -23.53 -13.91 -19.03
C ARG A 262 -24.65 -13.76 -18.02
N ALA A 263 -25.11 -14.89 -17.48
CA ALA A 263 -26.18 -14.89 -16.47
C ALA A 263 -25.74 -14.17 -15.20
N LEU A 264 -24.42 -14.13 -14.97
CA LEU A 264 -23.84 -13.34 -13.89
C LEU A 264 -23.57 -11.89 -14.32
N GLY A 265 -23.95 -11.54 -15.54
CA GLY A 265 -23.80 -10.17 -15.99
C GLY A 265 -22.42 -9.85 -16.53
N CYS A 266 -21.62 -10.89 -16.78
CA CYS A 266 -20.40 -10.70 -17.52
C CYS A 266 -20.72 -10.77 -19.00
N ASP A 267 -20.82 -9.62 -19.66
CA ASP A 267 -21.21 -9.62 -21.06
C ASP A 267 -20.03 -9.57 -22.01
N LEU A 268 -18.84 -9.39 -21.46
CA LEU A 268 -17.62 -9.51 -22.24
C LEU A 268 -17.05 -10.88 -21.99
N VAL A 269 -17.11 -11.69 -23.04
CA VAL A 269 -16.77 -13.07 -22.93
C VAL A 269 -15.84 -13.45 -24.06
N ILE A 270 -14.79 -14.17 -23.70
CA ILE A 270 -13.85 -14.72 -24.65
C ILE A 270 -13.94 -16.24 -24.55
N ASN A 271 -14.32 -16.90 -25.63
CA ASN A 271 -14.23 -18.35 -25.65
C ASN A 271 -12.79 -18.72 -25.98
N ARG A 272 -12.17 -19.55 -25.15
CA ARG A 272 -10.76 -19.85 -25.37
C ARG A 272 -10.44 -20.68 -26.62
N ALA A 273 -11.46 -21.24 -27.26
CA ALA A 273 -11.31 -21.84 -28.60
C ALA A 273 -11.19 -20.76 -29.68
N GLU A 274 -11.88 -19.65 -29.48
CA GLU A 274 -11.76 -18.44 -30.31
C GLU A 274 -10.30 -17.96 -30.33
N LEU A 275 -9.56 -18.35 -29.29
CA LEU A 275 -8.12 -18.12 -29.24
C LEU A 275 -7.35 -19.33 -29.74
N GLY A 276 -7.98 -20.49 -29.70
CA GLY A 276 -7.28 -21.71 -30.06
C GLY A 276 -6.31 -22.11 -28.97
N ILE A 277 -6.69 -21.88 -27.73
CA ILE A 277 -5.92 -22.37 -26.60
C ILE A 277 -6.20 -23.87 -26.42
N THR A 278 -5.12 -24.62 -26.35
CA THR A 278 -5.16 -26.05 -26.06
C THR A 278 -4.17 -26.27 -24.91
N ASP A 279 -4.22 -27.42 -24.25
CA ASP A 279 -3.41 -27.63 -23.04
C ASP A 279 -1.91 -27.68 -23.24
N ASP A 280 -1.50 -27.84 -24.48
CA ASP A 280 -0.10 -27.98 -24.81
C ASP A 280 0.49 -26.62 -25.11
N ILE A 281 -0.36 -25.59 -25.12
CA ILE A 281 0.10 -24.24 -25.43
C ILE A 281 1.27 -23.81 -24.52
N ALA A 282 1.25 -24.29 -23.28
CA ALA A 282 2.21 -23.90 -22.25
C ALA A 282 3.65 -24.27 -22.58
N ASP A 283 3.81 -25.34 -23.36
CA ASP A 283 5.12 -25.87 -23.78
C ASP A 283 5.73 -25.08 -24.94
N ASP A 284 4.95 -24.14 -25.47
CA ASP A 284 5.28 -23.47 -26.72
C ASP A 284 5.36 -21.96 -26.50
N PRO A 285 6.53 -21.45 -26.09
CA PRO A 285 6.72 -20.03 -25.76
C PRO A 285 6.23 -19.09 -26.86
N ARG A 286 6.54 -19.41 -28.11
CA ARG A 286 6.13 -18.61 -29.25
C ARG A 286 4.62 -18.46 -29.35
N ARG A 287 3.94 -19.61 -29.31
CA ARG A 287 2.52 -19.66 -29.39
CA ARG A 287 2.52 -19.66 -29.41
C ARG A 287 1.88 -18.98 -28.20
N VAL A 288 2.55 -19.05 -27.03
CA VAL A 288 2.04 -18.34 -25.86
C VAL A 288 2.11 -16.83 -26.13
N VAL A 289 3.21 -16.36 -26.71
CA VAL A 289 3.35 -14.94 -27.02
C VAL A 289 2.31 -14.51 -28.06
N GLU A 290 2.25 -15.22 -29.18
CA GLU A 290 1.28 -14.93 -30.23
C GLU A 290 -0.13 -14.90 -29.65
N THR A 291 -0.50 -15.99 -28.99
CA THR A 291 -1.83 -16.14 -28.39
C THR A 291 -2.08 -15.07 -27.32
N GLY A 292 -1.10 -14.83 -26.45
CA GLY A 292 -1.19 -13.76 -25.46
C GLY A 292 -1.51 -12.45 -26.14
N ARG A 293 -0.78 -12.19 -27.21
CA ARG A 293 -1.02 -11.01 -28.04
C ARG A 293 -2.43 -10.98 -28.61
N LYS A 294 -2.90 -12.09 -29.17
CA LYS A 294 -4.28 -12.19 -29.64
C LYS A 294 -5.26 -11.94 -28.50
N LEU A 295 -4.96 -12.53 -27.35
CA LEU A 295 -5.81 -12.40 -26.17
C LEU A 295 -5.88 -10.95 -25.72
N ALA A 296 -4.71 -10.31 -25.61
CA ALA A 296 -4.64 -8.89 -25.30
C ALA A 296 -5.43 -8.07 -26.30
N LYS A 297 -5.19 -8.30 -27.59
CA LYS A 297 -5.96 -7.62 -28.63
C LYS A 297 -7.46 -7.80 -28.40
N LEU A 298 -7.88 -9.04 -28.14
CA LEU A 298 -9.29 -9.30 -27.86
C LEU A 298 -9.81 -8.54 -26.66
N VAL A 299 -9.05 -8.53 -25.56
CA VAL A 299 -9.52 -7.80 -24.39
C VAL A 299 -9.63 -6.30 -24.75
N VAL A 300 -8.63 -5.76 -25.45
CA VAL A 300 -8.67 -4.38 -25.92
C VAL A 300 -9.96 -4.10 -26.72
N GLU A 301 -10.32 -5.02 -27.64
CA GLU A 301 -11.52 -4.92 -28.48
C GLU A 301 -12.78 -4.89 -27.63
N LYS A 302 -12.86 -5.80 -26.66
CA LYS A 302 -14.06 -5.96 -25.85
C LYS A 302 -14.17 -4.93 -24.75
N ALA A 303 -13.06 -4.69 -24.07
CA ALA A 303 -13.07 -3.92 -22.83
C ALA A 303 -12.39 -2.57 -22.98
N GLY A 304 -11.68 -2.36 -24.08
CA GLY A 304 -11.05 -1.08 -24.35
C GLY A 304 -9.58 -0.99 -24.01
N ARG A 305 -9.12 -1.86 -23.12
CA ARG A 305 -7.71 -1.90 -22.73
C ARG A 305 -7.28 -3.32 -22.40
N GLU A 306 -5.98 -3.52 -22.31
CA GLU A 306 -5.45 -4.73 -21.70
C GLU A 306 -5.98 -4.89 -20.29
N PRO A 307 -6.13 -6.14 -19.84
CA PRO A 307 -6.63 -6.28 -18.50
C PRO A 307 -5.68 -5.68 -17.47
N ASP A 308 -6.25 -5.10 -16.43
CA ASP A 308 -5.49 -4.52 -15.34
C ASP A 308 -5.14 -5.63 -14.37
N ILE A 309 -6.06 -6.57 -14.24
CA ILE A 309 -5.88 -7.71 -13.36
C ILE A 309 -6.28 -8.95 -14.14
N VAL A 310 -5.44 -9.96 -14.08
CA VAL A 310 -5.78 -11.24 -14.62
C VAL A 310 -6.01 -12.15 -13.44
N PHE A 311 -7.18 -12.76 -13.44
CA PHE A 311 -7.62 -13.61 -12.36
C PHE A 311 -7.28 -15.04 -12.78
N GLU A 312 -6.21 -15.56 -12.20
CA GLU A 312 -5.70 -16.87 -12.52
C GLU A 312 -6.08 -17.95 -11.54
N HIS A 313 -6.12 -19.17 -12.03
CA HIS A 313 -6.30 -20.36 -11.19
C HIS A 313 -6.30 -21.58 -12.11
N THR A 314 -6.46 -21.32 -13.41
CA THR A 314 -6.50 -22.37 -14.41
C THR A 314 -5.14 -22.99 -14.57
N GLY A 315 -4.09 -22.21 -14.33
CA GLY A 315 -2.75 -22.76 -14.13
C GLY A 315 -1.80 -22.65 -15.30
N ARG A 316 -0.94 -23.67 -15.41
CA ARG A 316 0.15 -23.74 -16.40
C ARG A 316 -0.27 -23.38 -17.82
N VAL A 317 -1.44 -23.86 -18.20
CA VAL A 317 -1.92 -23.70 -19.58
C VAL A 317 -2.14 -22.23 -19.92
N THR A 318 -2.68 -21.48 -18.97
CA THR A 318 -3.06 -20.09 -19.20
C THR A 318 -2.08 -19.10 -18.63
N PHE A 319 -1.21 -19.56 -17.74
CA PHE A 319 -0.45 -18.60 -16.94
C PHE A 319 0.49 -17.75 -17.76
N GLY A 320 1.18 -18.36 -18.73
CA GLY A 320 2.08 -17.64 -19.61
C GLY A 320 1.31 -16.58 -20.35
N LEU A 321 0.09 -16.92 -20.75
CA LEU A 321 -0.81 -15.96 -21.38
C LEU A 321 -1.15 -14.82 -20.41
N SER A 322 -1.48 -15.19 -19.17
CA SER A 322 -1.89 -14.25 -18.14
C SER A 322 -0.82 -13.19 -17.93
N VAL A 323 0.44 -13.63 -17.89
CA VAL A 323 1.58 -12.71 -17.78
C VAL A 323 1.68 -11.78 -18.99
N ILE A 324 1.44 -12.32 -20.17
CA ILE A 324 1.59 -11.51 -21.38
C ILE A 324 0.46 -10.49 -21.50
N VAL A 325 -0.76 -10.94 -21.22
CA VAL A 325 -1.96 -10.15 -21.47
C VAL A 325 -2.15 -8.98 -20.52
N ALA A 326 -1.69 -9.12 -19.28
CA ALA A 326 -1.87 -8.05 -18.30
C ALA A 326 -1.22 -6.76 -18.79
N ARG A 327 -1.91 -5.63 -18.60
CA ARG A 327 -1.31 -4.33 -18.91
C ARG A 327 0.04 -4.15 -18.24
N ARG A 328 0.81 -3.19 -18.74
CA ARG A 328 1.98 -2.68 -18.04
C ARG A 328 1.54 -2.33 -16.65
N GLY A 329 2.27 -2.83 -15.67
CA GLY A 329 1.95 -2.55 -14.28
C GLY A 329 0.80 -3.36 -13.77
N GLY A 330 0.29 -4.28 -14.60
CA GLY A 330 -0.84 -5.11 -14.24
C GLY A 330 -0.48 -6.20 -13.25
N THR A 331 -1.50 -6.90 -12.77
CA THR A 331 -1.33 -7.93 -11.77
C THR A 331 -2.00 -9.19 -12.23
N VAL A 332 -1.23 -10.27 -12.26
CA VAL A 332 -1.79 -11.59 -12.38
C VAL A 332 -1.94 -12.05 -10.94
N VAL A 333 -3.16 -12.30 -10.52
CA VAL A 333 -3.39 -12.82 -9.19
C VAL A 333 -3.82 -14.27 -9.36
N THR A 334 -3.14 -15.16 -8.65
CA THR A 334 -3.37 -16.59 -8.85
C THR A 334 -3.60 -17.30 -7.52
N CYS A 335 -4.55 -18.22 -7.51
CA CYS A 335 -4.83 -19.00 -6.31
C CYS A 335 -4.88 -20.48 -6.63
N GLY A 336 -4.39 -20.85 -7.79
CA GLY A 336 -4.53 -22.24 -8.19
C GLY A 336 -3.85 -22.52 -9.50
N SER A 337 -3.87 -23.79 -9.85
CA SER A 337 -3.21 -24.27 -11.04
C SER A 337 -3.91 -25.53 -11.49
N SER A 338 -5.19 -25.43 -11.84
CA SER A 338 -5.98 -26.64 -12.15
C SER A 338 -5.33 -27.45 -13.27
N SER A 339 -4.78 -26.76 -14.26
CA SER A 339 -4.20 -27.41 -15.43
C SER A 339 -2.78 -27.88 -15.17
N GLY A 340 -2.26 -27.60 -13.98
CA GLY A 340 -0.90 -27.98 -13.62
C GLY A 340 -0.16 -26.82 -12.99
N TYR A 341 0.59 -27.09 -11.93
CA TYR A 341 1.24 -26.02 -11.16
C TYR A 341 2.63 -25.62 -11.62
N LEU A 342 3.20 -26.35 -12.57
CA LEU A 342 4.50 -25.99 -13.10
C LEU A 342 4.29 -24.91 -14.13
N HIS A 343 4.26 -23.68 -13.66
CA HIS A 343 4.01 -22.55 -14.54
C HIS A 343 5.26 -22.18 -15.26
N THR A 344 5.11 -21.89 -16.55
CA THR A 344 6.16 -21.26 -17.33
C THR A 344 5.62 -19.98 -17.90
N PHE A 345 6.45 -18.95 -17.85
CA PHE A 345 6.10 -17.67 -18.37
C PHE A 345 7.37 -16.98 -18.82
N ASP A 346 7.18 -16.00 -19.69
CA ASP A 346 8.25 -15.19 -20.21
C ASP A 346 8.42 -14.01 -19.26
N ASN A 347 9.54 -13.99 -18.55
CA ASN A 347 9.76 -12.99 -17.52
C ASN A 347 9.97 -11.59 -18.10
N ARG A 348 10.31 -11.52 -19.37
CA ARG A 348 10.44 -10.21 -20.01
C ARG A 348 9.14 -9.43 -19.87
N TYR A 349 8.01 -10.10 -20.07
CA TYR A 349 6.73 -9.44 -19.93
C TYR A 349 6.49 -9.03 -18.49
N LEU A 350 7.05 -9.77 -17.56
CA LEU A 350 6.85 -9.44 -16.17
C LEU A 350 7.66 -8.22 -15.74
N TRP A 351 8.99 -8.28 -15.90
CA TRP A 351 9.82 -7.19 -15.40
C TRP A 351 9.81 -5.98 -16.31
N MET A 352 9.88 -6.20 -17.63
CA MET A 352 9.96 -5.06 -18.55
C MET A 352 8.72 -4.20 -18.47
N LYS A 353 7.59 -4.83 -18.22
CA LYS A 353 6.35 -4.10 -18.14
C LYS A 353 5.89 -3.94 -16.69
N LEU A 354 6.80 -4.25 -15.77
CA LEU A 354 6.62 -4.04 -14.34
C LEU A 354 5.29 -4.60 -13.86
N LYS A 355 4.99 -5.81 -14.31
CA LYS A 355 3.79 -6.52 -13.88
C LYS A 355 4.06 -7.26 -12.57
N LYS A 356 2.99 -7.64 -11.89
CA LYS A 356 3.10 -8.38 -10.65
C LYS A 356 2.32 -9.67 -10.77
N ILE A 357 2.82 -10.69 -10.11
CA ILE A 357 2.07 -11.90 -9.92
C ILE A 357 1.85 -12.02 -8.42
N VAL A 358 0.59 -12.02 -8.04
CA VAL A 358 0.24 -12.11 -6.65
C VAL A 358 -0.34 -13.49 -6.39
N GLY A 359 0.37 -14.26 -5.57
CA GLY A 359 -0.09 -15.57 -5.16
C GLY A 359 -1.11 -15.28 -4.07
N SER A 360 -2.28 -15.89 -4.18
CA SER A 360 -3.30 -15.68 -3.19
C SER A 360 -3.92 -17.01 -2.78
N HIS A 361 -4.41 -17.07 -1.54
CA HIS A 361 -4.88 -18.32 -1.01
C HIS A 361 -5.97 -17.99 -0.03
N GLY A 362 -7.10 -18.67 -0.17
CA GLY A 362 -8.25 -18.47 0.69
C GLY A 362 -8.55 -17.00 0.94
N ALA A 363 -8.88 -16.72 2.19
CA ALA A 363 -9.18 -15.38 2.63
C ALA A 363 -9.13 -15.45 4.13
N ASN A 364 -8.67 -14.36 4.75
CA ASN A 364 -8.62 -14.35 6.18
C ASN A 364 -10.00 -13.99 6.67
N HIS A 365 -10.17 -14.09 7.97
CA HIS A 365 -11.46 -13.87 8.59
C HIS A 365 -12.02 -12.48 8.28
N GLU A 366 -11.15 -11.49 8.20
CA GLU A 366 -11.60 -10.14 7.86
C GLU A 366 -12.15 -10.10 6.44
N GLU A 367 -11.42 -10.69 5.52
CA GLU A 367 -11.84 -10.71 4.12
C GLU A 367 -13.13 -11.48 3.95
N GLN A 368 -13.28 -12.52 4.76
CA GLN A 368 -14.43 -13.35 4.69
C GLN A 368 -15.64 -12.62 5.20
N GLN A 369 -15.46 -11.85 6.29
CA GLN A 369 -16.52 -10.99 6.77
C GLN A 369 -16.90 -9.96 5.72
N ALA A 370 -15.91 -9.35 5.08
CA ALA A 370 -16.16 -8.38 4.03
C ALA A 370 -16.96 -9.04 2.92
N THR A 371 -16.55 -10.26 2.57
CA THR A 371 -17.27 -11.03 1.56
C THR A 371 -18.72 -11.22 2.00
N ASN A 372 -18.88 -11.68 3.23
CA ASN A 372 -20.18 -11.95 3.79
C ASN A 372 -21.07 -10.71 3.77
N ARG A 373 -20.47 -9.55 4.03
CA ARG A 373 -21.21 -8.30 3.99
C ARG A 373 -21.77 -8.02 2.60
N LEU A 374 -21.02 -8.41 1.58
CA LEU A 374 -21.49 -8.19 0.22
C LEU A 374 -22.62 -9.15 -0.11
N PHE A 375 -22.60 -10.33 0.49
CA PHE A 375 -23.73 -11.25 0.32
C PHE A 375 -24.93 -10.73 1.08
N GLU A 376 -24.66 -10.20 2.28
CA GLU A 376 -25.68 -9.72 3.20
C GLU A 376 -26.52 -8.62 2.59
N SER A 377 -25.88 -7.76 1.79
CA SER A 377 -26.56 -6.64 1.12
C SER A 377 -27.18 -7.08 -0.21
N GLY A 378 -26.79 -8.26 -0.69
CA GLY A 378 -27.31 -8.74 -1.97
C GLY A 378 -26.50 -8.18 -3.12
N ALA A 379 -25.44 -7.42 -2.80
CA ALA A 379 -24.55 -6.92 -3.82
C ALA A 379 -23.96 -8.06 -4.62
N VAL A 380 -23.68 -9.15 -3.92
CA VAL A 380 -23.11 -10.34 -4.49
C VAL A 380 -24.06 -11.48 -4.11
N VAL A 381 -24.21 -12.44 -5.01
CA VAL A 381 -25.21 -13.48 -4.86
C VAL A 381 -24.54 -14.83 -5.02
N PRO A 382 -25.16 -15.88 -4.42
CA PRO A 382 -24.57 -17.22 -4.46
C PRO A 382 -24.58 -17.69 -5.89
N ALA A 383 -23.54 -18.45 -6.23
CA ALA A 383 -23.31 -18.96 -7.57
C ALA A 383 -23.79 -20.42 -7.62
N MET A 384 -24.76 -20.77 -6.78
CA MET A 384 -25.24 -22.14 -6.76
C MET A 384 -25.95 -22.45 -8.04
N SER A 385 -25.66 -23.60 -8.63
CA SER A 385 -26.28 -24.00 -9.88
C SER A 385 -26.91 -25.37 -9.78
N ALA A 386 -26.53 -26.09 -8.74
CA ALA A 386 -27.02 -27.45 -8.54
C ALA A 386 -26.92 -27.79 -7.07
N VAL A 387 -27.80 -28.67 -6.62
CA VAL A 387 -27.79 -29.10 -5.24
C VAL A 387 -27.88 -30.61 -5.26
N TYR A 388 -27.04 -31.26 -4.47
CA TYR A 388 -27.09 -32.71 -4.31
C TYR A 388 -27.27 -32.98 -2.85
N PRO A 389 -28.01 -34.04 -2.51
CA PRO A 389 -27.98 -34.47 -1.12
C PRO A 389 -26.61 -35.02 -0.80
N LEU A 390 -26.29 -35.03 0.50
CA LEU A 390 -25.06 -35.65 0.95
C LEU A 390 -24.92 -37.06 0.40
N ALA A 391 -26.03 -37.80 0.36
CA ALA A 391 -26.08 -39.16 -0.23
C ALA A 391 -25.38 -39.22 -1.57
N GLU A 392 -25.49 -38.13 -2.33
CA GLU A 392 -24.94 -38.09 -3.67
C GLU A 392 -23.77 -37.13 -3.78
N ALA A 393 -23.10 -36.85 -2.66
CA ALA A 393 -21.97 -35.91 -2.65
C ALA A 393 -20.82 -36.39 -3.53
N ALA A 394 -20.63 -37.72 -3.61
CA ALA A 394 -19.61 -38.27 -4.51
C ALA A 394 -19.85 -37.85 -5.98
N GLU A 395 -21.09 -37.94 -6.40
CA GLU A 395 -21.50 -37.55 -7.75
C GLU A 395 -21.31 -36.08 -7.91
N ALA A 396 -21.74 -35.31 -6.92
CA ALA A 396 -21.55 -33.86 -6.94
C ALA A 396 -20.09 -33.55 -7.18
N CYS A 397 -19.22 -34.23 -6.45
CA CYS A 397 -17.78 -34.10 -6.59
C CYS A 397 -17.30 -34.48 -7.99
N ARG A 398 -17.78 -35.63 -8.47
CA ARG A 398 -17.49 -36.07 -9.83
C ARG A 398 -17.92 -35.01 -10.83
N VAL A 399 -19.09 -34.43 -10.61
CA VAL A 399 -19.58 -33.39 -11.51
C VAL A 399 -18.52 -32.29 -11.65
N VAL A 400 -18.06 -31.77 -10.51
CA VAL A 400 -17.03 -30.75 -10.50
C VAL A 400 -15.72 -31.26 -11.08
N GLN A 401 -15.34 -32.48 -10.71
CA GLN A 401 -14.17 -33.10 -11.31
C GLN A 401 -14.22 -33.11 -12.83
N THR A 402 -15.39 -33.45 -13.38
CA THR A 402 -15.53 -33.60 -14.82
C THR A 402 -15.96 -32.28 -15.47
N SER A 403 -15.91 -31.20 -14.70
CA SER A 403 -16.18 -29.85 -15.19
C SER A 403 -17.55 -29.76 -15.86
N ARG A 404 -18.54 -30.44 -15.28
CA ARG A 404 -19.87 -30.46 -15.83
C ARG A 404 -20.76 -29.40 -15.21
N GLN A 405 -20.22 -28.69 -14.23
CA GLN A 405 -20.94 -27.64 -13.55
C GLN A 405 -20.51 -26.25 -13.99
N VAL A 406 -21.37 -25.28 -13.74
CA VAL A 406 -20.94 -23.91 -13.69
C VAL A 406 -21.25 -23.46 -12.28
N GLY A 407 -20.57 -22.41 -11.83
CA GLY A 407 -20.78 -21.91 -10.50
C GLY A 407 -20.46 -22.96 -9.48
N LYS A 408 -21.39 -23.12 -8.54
CA LYS A 408 -21.14 -23.92 -7.37
C LYS A 408 -22.18 -25.00 -7.23
N VAL A 409 -21.69 -26.18 -6.91
CA VAL A 409 -22.55 -27.29 -6.62
C VAL A 409 -22.67 -27.39 -5.12
N ALA A 410 -23.88 -27.18 -4.63
CA ALA A 410 -24.15 -27.25 -3.22
C ALA A 410 -24.39 -28.71 -2.88
N VAL A 411 -24.12 -29.03 -1.62
CA VAL A 411 -24.48 -30.33 -1.10
C VAL A 411 -25.27 -30.07 0.17
N LEU A 412 -26.51 -30.56 0.18
CA LEU A 412 -27.27 -30.57 1.41
C LEU A 412 -26.61 -31.61 2.30
N CYS A 413 -26.50 -31.28 3.57
CA CYS A 413 -25.92 -32.24 4.49
C CYS A 413 -27.01 -32.65 5.41
N MET A 414 -27.19 -31.93 6.51
CA MET A 414 -28.28 -32.20 7.39
C MET A 414 -29.61 -31.66 6.84
N ALA A 415 -29.56 -30.60 6.03
CA ALA A 415 -30.81 -30.03 5.49
C ALA A 415 -31.54 -31.11 4.68
N PRO A 416 -32.79 -31.46 5.08
CA PRO A 416 -33.49 -32.58 4.46
C PRO A 416 -34.03 -32.25 3.08
N GLU A 417 -34.08 -30.98 2.74
CA GLU A 417 -34.62 -30.58 1.45
C GLU A 417 -34.10 -29.19 1.12
N GLN A 418 -34.19 -28.84 -0.16
CA GLN A 418 -33.82 -27.52 -0.62
C GLN A 418 -34.75 -26.44 -0.09
N GLY A 419 -34.25 -25.21 -0.09
CA GLY A 419 -35.05 -24.03 0.15
C GLY A 419 -35.20 -23.64 1.61
N LEU A 420 -34.56 -24.39 2.51
CA LEU A 420 -34.71 -24.15 3.93
C LEU A 420 -33.69 -23.14 4.41
N GLY A 421 -33.97 -22.57 5.59
CA GLY A 421 -33.01 -21.74 6.29
C GLY A 421 -33.07 -20.27 5.96
N VAL A 422 -34.04 -19.84 5.16
CA VAL A 422 -34.23 -18.42 4.94
C VAL A 422 -34.88 -17.90 6.20
N THR A 423 -34.17 -17.06 6.92
CA THR A 423 -34.70 -16.46 8.14
C THR A 423 -34.97 -14.98 7.93
N ASP A 424 -34.61 -14.45 6.76
CA ASP A 424 -35.05 -13.10 6.35
C ASP A 424 -35.75 -13.20 5.00
N PRO A 425 -36.97 -13.75 5.00
CA PRO A 425 -37.72 -13.92 3.75
C PRO A 425 -38.01 -12.59 3.07
N ASP A 426 -38.20 -11.53 3.87
CA ASP A 426 -38.49 -10.19 3.33
C ASP A 426 -37.35 -9.68 2.48
N LEU A 427 -36.15 -9.77 3.05
CA LEU A 427 -34.97 -9.42 2.28
C LEU A 427 -34.90 -10.31 1.07
N ARG A 428 -35.09 -11.61 1.28
CA ARG A 428 -35.04 -12.51 0.15
C ARG A 428 -36.00 -12.07 -0.96
N ALA A 429 -37.24 -11.77 -0.59
CA ALA A 429 -38.25 -11.28 -1.52
C ALA A 429 -37.79 -10.00 -2.22
N ARG A 430 -37.22 -9.05 -1.46
CA ARG A 430 -36.72 -7.80 -2.01
C ARG A 430 -35.61 -8.01 -3.05
N LEU A 431 -34.69 -8.93 -2.77
CA LEU A 431 -33.58 -9.18 -3.68
C LEU A 431 -34.05 -10.04 -4.84
N GLY A 432 -34.92 -10.98 -4.52
CA GLY A 432 -35.52 -11.84 -5.52
C GLY A 432 -34.77 -13.13 -5.59
N GLU A 433 -35.52 -14.22 -5.56
CA GLU A 433 -34.97 -15.56 -5.57
C GLU A 433 -34.18 -15.79 -6.84
N ASP A 434 -34.64 -15.17 -7.94
CA ASP A 434 -33.95 -15.30 -9.23
C ASP A 434 -32.65 -14.52 -9.30
N ARG A 435 -32.66 -13.31 -8.73
CA ARG A 435 -31.43 -12.55 -8.61
C ARG A 435 -30.44 -13.33 -7.77
N LEU A 436 -30.94 -14.03 -6.76
CA LEU A 436 -30.09 -14.80 -5.86
C LEU A 436 -29.59 -16.09 -6.49
N ASN A 437 -30.22 -16.54 -7.57
CA ASN A 437 -29.78 -17.78 -8.19
C ASN A 437 -29.63 -17.62 -9.69
N PRO A 438 -28.69 -16.76 -10.12
CA PRO A 438 -28.47 -16.51 -11.54
C PRO A 438 -28.13 -17.80 -12.28
N LEU A 439 -27.48 -18.73 -11.58
CA LEU A 439 -27.03 -19.95 -12.21
C LEU A 439 -27.96 -21.14 -12.05
N ARG A 440 -29.17 -20.91 -11.54
CA ARG A 440 -30.08 -22.01 -11.29
C ARG A 440 -30.26 -22.84 -12.55
N GLY A 441 -30.08 -24.15 -12.42
CA GLY A 441 -30.38 -25.07 -13.52
C GLY A 441 -29.35 -25.11 -14.66
N LEU A 442 -28.36 -24.24 -14.62
CA LEU A 442 -27.33 -24.19 -15.66
C LEU A 442 -26.27 -25.23 -15.44
N THR A 443 -25.75 -25.77 -16.53
CA THR A 443 -24.69 -26.77 -16.48
C THR A 443 -23.66 -26.42 -17.54
N ALA A 444 -22.54 -27.16 -17.54
CA ALA A 444 -21.49 -26.92 -18.51
C ALA A 444 -21.66 -27.75 -19.77
N THR A 445 -22.64 -28.65 -19.79
CA THR A 445 -22.91 -29.47 -20.97
C THR A 445 -24.23 -29.10 -21.64
N SER B 1 6.14 -18.08 47.42
CA SER B 1 5.36 -19.35 47.31
C SER B 1 6.23 -20.43 46.69
N SER B 2 5.77 -21.67 46.71
CA SER B 2 6.50 -22.73 46.02
C SER B 2 6.59 -22.46 44.52
N LEU B 3 5.57 -21.84 43.95
CA LEU B 3 5.62 -21.50 42.52
C LEU B 3 6.65 -20.41 42.26
N SER B 4 6.58 -19.32 43.02
CA SER B 4 7.55 -18.24 42.82
C SER B 4 8.98 -18.75 43.02
N ARG B 5 9.17 -19.59 44.03
CA ARG B 5 10.48 -20.16 44.30
C ARG B 5 10.94 -21.00 43.13
N ALA B 6 10.06 -21.83 42.60
CA ALA B 6 10.39 -22.69 41.47
C ALA B 6 10.77 -21.82 40.26
N VAL B 7 10.00 -20.77 40.01
CA VAL B 7 10.27 -19.86 38.91
C VAL B 7 11.64 -19.24 39.13
N LEU B 8 11.84 -18.67 40.32
CA LEU B 8 13.08 -18.00 40.66
C LEU B 8 14.26 -18.95 40.71
N ASP B 9 14.00 -20.21 41.02
CA ASP B 9 15.08 -21.18 41.07
C ASP B 9 15.47 -21.70 39.69
N GLY B 10 14.74 -21.29 38.66
CA GLY B 10 14.95 -21.81 37.31
C GLY B 10 14.58 -23.27 37.26
N ALA B 11 13.59 -23.68 38.05
CA ALA B 11 13.11 -25.06 38.06
C ALA B 11 12.64 -25.46 36.68
N SER B 12 12.44 -26.75 36.46
CA SER B 12 12.10 -27.25 35.15
C SER B 12 10.66 -26.91 34.83
N ALA B 13 10.31 -27.04 33.56
CA ALA B 13 8.95 -26.82 33.10
C ALA B 13 7.98 -27.64 33.93
N ALA B 14 8.35 -28.88 34.20
CA ALA B 14 7.49 -29.80 34.91
C ALA B 14 7.36 -29.39 36.38
N GLU B 15 8.48 -28.99 36.98
CA GLU B 15 8.49 -28.55 38.39
C GLU B 15 7.67 -27.28 38.57
N ILE B 16 7.79 -26.37 37.62
CA ILE B 16 7.01 -25.14 37.69
C ILE B 16 5.53 -25.48 37.60
N GLU B 17 5.18 -26.32 36.63
CA GLU B 17 3.81 -26.80 36.49
C GLU B 17 3.28 -27.48 37.76
N ALA B 18 4.18 -28.17 38.48
CA ALA B 18 3.80 -28.92 39.66
C ALA B 18 3.63 -28.06 40.93
N ALA B 19 4.18 -26.86 40.89
CA ALA B 19 4.11 -25.93 42.03
C ALA B 19 2.75 -25.29 41.93
N PRO B 20 1.94 -25.35 43.01
CA PRO B 20 0.58 -24.83 42.90
C PRO B 20 0.54 -23.34 42.68
N VAL B 21 -0.55 -22.91 42.06
CA VAL B 21 -0.77 -21.49 41.81
C VAL B 21 -1.26 -20.87 43.11
N PRO B 22 -0.61 -19.79 43.56
CA PRO B 22 -1.08 -19.11 44.77
C PRO B 22 -2.49 -18.56 44.57
N ASP B 23 -3.22 -18.43 45.67
CA ASP B 23 -4.60 -17.91 45.65
C ASP B 23 -4.68 -16.40 45.43
N THR B 24 -3.61 -15.73 45.84
CA THR B 24 -3.48 -14.30 45.73
C THR B 24 -2.06 -14.04 45.28
N TYR B 25 -1.82 -12.82 44.85
CA TYR B 25 -0.50 -12.42 44.45
C TYR B 25 -0.38 -10.92 44.66
N LEU B 26 0.87 -10.48 44.76
CA LEU B 26 1.15 -9.09 45.04
C LEU B 26 1.04 -8.30 43.77
N ALA B 27 0.26 -7.24 43.81
CA ALA B 27 -0.08 -6.49 42.60
C ALA B 27 -0.10 -5.02 42.89
N LEU B 28 0.46 -4.28 41.96
CA LEU B 28 0.32 -2.85 41.96
C LEU B 28 -1.03 -2.60 41.35
N HIS B 29 -1.89 -1.91 42.09
CA HIS B 29 -3.24 -1.80 41.62
C HIS B 29 -3.93 -0.52 42.05
N LEU B 30 -5.03 -0.26 41.36
CA LEU B 30 -5.93 0.80 41.73
C LEU B 30 -7.16 0.21 42.39
N ARG B 31 -7.85 1.03 43.15
CA ARG B 31 -9.10 0.60 43.79
C ARG B 31 -10.22 1.42 43.20
N ALA B 32 -11.32 0.77 42.86
CA ALA B 32 -12.44 1.43 42.18
C ALA B 32 -13.01 2.61 42.98
N GLU B 33 -12.96 2.48 44.30
CA GLU B 33 -13.50 3.49 45.19
C GLU B 33 -12.70 4.78 45.18
N ASP B 34 -11.49 4.75 44.61
CA ASP B 34 -10.62 5.93 44.58
C ASP B 34 -10.72 6.72 43.27
N ALA B 35 -11.59 6.30 42.36
CA ALA B 35 -11.58 6.90 41.01
C ALA B 35 -11.90 8.39 40.94
N ASP B 36 -12.47 8.91 42.02
CA ASP B 36 -12.89 10.32 42.10
C ASP B 36 -11.94 11.14 42.96
N MET B 37 -10.91 10.48 43.51
CA MET B 37 -10.04 11.10 44.51
C MET B 37 -9.23 12.29 43.99
N PHE B 38 -9.14 12.42 42.66
CA PHE B 38 -8.39 13.52 42.07
C PHE B 38 -9.29 14.62 41.49
N LYS B 39 -10.57 14.57 41.84
CA LYS B 39 -11.48 15.62 41.44
C LYS B 39 -10.96 16.97 41.95
N GLY B 40 -10.66 17.86 41.01
CA GLY B 40 -10.17 19.21 41.32
C GLY B 40 -8.67 19.29 41.51
N VAL B 41 -8.03 18.15 41.74
CA VAL B 41 -6.60 18.09 42.09
C VAL B 41 -5.69 18.43 40.88
N ALA B 42 -4.81 19.41 41.08
CA ALA B 42 -3.88 19.88 40.06
C ALA B 42 -2.79 18.85 39.76
N ASP B 43 -2.04 18.48 40.80
CA ASP B 43 -1.03 17.44 40.68
C ASP B 43 -1.61 16.15 41.22
N LYS B 44 -2.10 15.33 40.29
CA LYS B 44 -2.77 14.07 40.60
C LYS B 44 -1.74 12.99 40.83
N ASP B 45 -1.18 13.04 42.04
CA ASP B 45 -0.02 12.24 42.42
C ASP B 45 -0.37 10.76 42.47
N VAL B 46 0.20 10.01 41.53
CA VAL B 46 -0.14 8.60 41.33
C VAL B 46 0.20 7.78 42.56
N ARG B 47 1.12 8.30 43.37
CA ARG B 47 1.50 7.60 44.59
C ARG B 47 0.35 7.56 45.60
N LYS B 48 -0.62 8.45 45.44
CA LYS B 48 -1.80 8.49 46.31
C LYS B 48 -2.84 7.41 45.94
N SER B 49 -2.90 7.05 44.65
CA SER B 49 -3.91 6.11 44.13
C SER B 49 -3.39 4.69 44.06
N LEU B 50 -2.13 4.55 43.66
CA LEU B 50 -1.51 3.24 43.57
C LEU B 50 -1.39 2.56 44.90
N ARG B 51 -1.81 1.30 44.90
CA ARG B 51 -1.69 0.46 46.05
C ARG B 51 -0.83 -0.71 45.62
N LEU B 52 -0.12 -1.27 46.59
CA LEU B 52 0.55 -2.52 46.38
C LEU B 52 0.03 -3.47 47.44
N GLY B 53 -0.58 -4.56 46.99
CA GLY B 53 -1.01 -5.58 47.94
C GLY B 53 -1.48 -6.84 47.24
N GLU B 54 -1.93 -7.79 48.03
CA GLU B 54 -2.40 -9.06 47.50
C GLU B 54 -3.75 -8.91 46.84
N VAL B 55 -3.85 -9.46 45.63
CA VAL B 55 -5.14 -9.50 44.96
C VAL B 55 -5.44 -10.95 44.63
N PRO B 56 -6.72 -11.28 44.44
CA PRO B 56 -7.10 -12.65 44.14
C PRO B 56 -6.48 -13.08 42.82
N MET B 57 -6.00 -14.32 42.79
CA MET B 57 -5.58 -14.95 41.56
C MET B 57 -6.81 -15.34 40.77
N PRO B 58 -7.00 -14.78 39.55
CA PRO B 58 -8.20 -15.16 38.80
C PRO B 58 -8.04 -16.52 38.13
N GLU B 59 -9.18 -17.07 37.71
CA GLU B 59 -9.22 -18.26 36.91
C GLU B 59 -8.69 -17.94 35.51
N LEU B 60 -7.88 -18.83 35.00
CA LEU B 60 -7.26 -18.63 33.71
C LEU B 60 -8.24 -19.11 32.63
N ALA B 61 -8.48 -18.24 31.66
CA ALA B 61 -9.29 -18.60 30.52
C ALA B 61 -8.50 -19.56 29.64
N PRO B 62 -9.19 -20.29 28.76
CA PRO B 62 -8.48 -21.33 28.01
C PRO B 62 -7.44 -20.79 27.05
N ASP B 63 -7.55 -19.53 26.65
CA ASP B 63 -6.63 -18.94 25.67
C ASP B 63 -5.62 -18.05 26.39
N GLU B 64 -5.59 -18.17 27.71
CA GLU B 64 -4.75 -17.30 28.50
C GLU B 64 -3.57 -18.03 29.11
N VAL B 65 -2.58 -17.25 29.52
CA VAL B 65 -1.40 -17.78 30.12
C VAL B 65 -1.14 -16.99 31.38
N LEU B 66 -0.85 -17.73 32.45
CA LEU B 66 -0.37 -17.11 33.67
C LEU B 66 1.13 -16.98 33.60
N VAL B 67 1.61 -15.76 33.79
CA VAL B 67 3.01 -15.46 33.69
C VAL B 67 3.43 -15.08 35.10
N ALA B 68 4.49 -15.71 35.61
CA ALA B 68 5.15 -15.18 36.78
C ALA B 68 5.93 -13.98 36.28
N VAL B 69 5.53 -12.80 36.69
CA VAL B 69 6.12 -11.60 36.12
C VAL B 69 7.45 -11.30 36.81
N MET B 70 8.51 -11.32 36.03
CA MET B 70 9.81 -11.03 36.59
C MET B 70 10.07 -9.53 36.69
N ALA B 71 9.60 -8.81 35.68
CA ALA B 71 9.77 -7.37 35.63
C ALA B 71 8.71 -6.81 34.72
N SER B 72 8.43 -5.54 34.87
CA SER B 72 7.46 -4.84 34.07
C SER B 72 8.07 -3.47 33.89
N SER B 73 7.26 -2.50 33.52
CA SER B 73 7.80 -1.18 33.30
C SER B 73 6.72 -0.20 33.64
N ILE B 74 7.09 1.06 33.80
CA ILE B 74 6.10 2.09 33.81
C ILE B 74 5.90 2.53 32.38
N ASN B 75 4.63 2.58 32.01
CA ASN B 75 4.21 3.20 30.81
C ASN B 75 3.37 4.36 31.16
N TYR B 76 3.25 5.29 30.22
CA TYR B 76 2.43 6.42 30.49
C TYR B 76 0.99 6.03 30.83
N ASN B 77 0.47 4.96 30.23
CA ASN B 77 -0.90 4.55 30.54
C ASN B 77 -1.04 4.13 32.01
N THR B 78 0.04 3.64 32.58
CA THR B 78 0.11 3.34 34.02
C THR B 78 -0.13 4.64 34.79
N VAL B 79 0.60 5.68 34.40
CA VAL B 79 0.40 7.02 34.95
C VAL B 79 -1.05 7.47 34.74
N TRP B 80 -1.56 7.39 33.49
CA TRP B 80 -2.92 7.82 33.21
C TRP B 80 -3.94 7.09 34.09
N SER B 81 -3.77 5.76 34.22
CA SER B 81 -4.65 4.93 35.05
C SER B 81 -4.62 5.41 36.48
N ALA B 82 -3.41 5.60 37.00
CA ALA B 82 -3.25 6.03 38.38
C ALA B 82 -3.81 7.44 38.58
N MET B 83 -3.89 8.20 37.50
CA MET B 83 -4.49 9.53 37.55
C MET B 83 -6.00 9.48 37.32
N PHE B 84 -6.52 8.29 36.98
CA PHE B 84 -7.91 8.13 36.56
C PHE B 84 -8.25 9.03 35.35
N GLU B 85 -7.26 9.20 34.46
CA GLU B 85 -7.42 10.01 33.27
C GLU B 85 -7.20 9.25 31.96
N PRO B 86 -7.83 9.72 30.87
CA PRO B 86 -8.83 10.77 30.88
C PRO B 86 -10.14 10.24 31.47
N ILE B 87 -10.25 8.92 31.53
CA ILE B 87 -11.38 8.21 32.10
C ILE B 87 -10.83 7.13 33.02
N PRO B 88 -11.43 6.93 34.22
CA PRO B 88 -10.93 5.85 35.08
C PRO B 88 -11.00 4.51 34.38
N THR B 89 -9.93 3.73 34.53
CA THR B 89 -9.80 2.44 33.88
C THR B 89 -10.96 1.51 34.27
N PHE B 90 -11.46 1.65 35.49
CA PHE B 90 -12.61 0.85 35.91
C PHE B 90 -13.79 0.92 34.94
N HIS B 91 -13.96 2.06 34.29
CA HIS B 91 -14.97 2.19 33.24
C HIS B 91 -14.64 1.23 32.11
N PHE B 92 -13.37 1.13 31.76
CA PHE B 92 -12.91 0.17 30.74
C PHE B 92 -13.07 -1.27 31.21
N LEU B 93 -12.74 -1.54 32.46
CA LEU B 93 -12.91 -2.90 32.99
C LEU B 93 -14.35 -3.33 32.90
N LYS B 94 -15.25 -2.41 33.22
CA LYS B 94 -16.67 -2.72 33.14
C LYS B 94 -17.13 -2.95 31.70
N GLN B 95 -16.67 -2.10 30.78
CA GLN B 95 -16.97 -2.29 29.35
C GLN B 95 -16.46 -3.66 28.88
N ASN B 96 -15.24 -3.98 29.28
CA ASN B 96 -14.63 -5.25 29.00
C ASN B 96 -15.52 -6.39 29.49
N ALA B 97 -15.86 -6.36 30.79
CA ALA B 97 -16.67 -7.39 31.42
C ALA B 97 -18.05 -7.55 30.81
N ARG B 98 -18.56 -6.48 30.19
CA ARG B 98 -19.88 -6.50 29.55
C ARG B 98 -19.99 -7.49 28.39
N GLN B 99 -18.85 -7.95 27.86
CA GLN B 99 -18.82 -9.04 26.88
C GLN B 99 -19.30 -10.33 27.51
N GLY B 100 -19.25 -10.42 28.84
CA GLY B 100 -19.61 -11.65 29.50
C GLY B 100 -18.55 -12.71 29.30
N GLY B 101 -18.89 -13.94 29.70
CA GLY B 101 -17.96 -15.06 29.65
C GLY B 101 -16.72 -14.76 30.45
N TRP B 102 -15.57 -15.10 29.88
CA TRP B 102 -14.31 -14.91 30.56
C TRP B 102 -14.02 -13.46 30.84
N ALA B 103 -14.57 -12.56 30.02
CA ALA B 103 -14.35 -11.13 30.17
C ALA B 103 -14.79 -10.57 31.52
N THR B 104 -15.77 -11.21 32.15
CA THR B 104 -16.33 -10.72 33.42
C THR B 104 -15.27 -10.58 34.52
N ARG B 105 -14.28 -11.47 34.51
CA ARG B 105 -13.21 -11.44 35.52
C ARG B 105 -12.50 -10.09 35.60
N HIS B 106 -12.47 -9.35 34.51
CA HIS B 106 -11.80 -8.03 34.46
C HIS B 106 -12.41 -6.96 35.34
N ASP B 107 -13.71 -7.08 35.54
CA ASP B 107 -14.44 -6.13 36.34
C ASP B 107 -14.22 -6.50 37.81
N GLN B 108 -13.30 -5.79 38.46
CA GLN B 108 -12.93 -6.06 39.83
C GLN B 108 -12.90 -4.73 40.55
N PRO B 109 -13.00 -4.73 41.89
CA PRO B 109 -12.85 -3.49 42.65
C PRO B 109 -11.39 -3.06 42.74
N TYR B 110 -10.51 -3.91 42.22
CA TYR B 110 -9.12 -3.54 42.04
C TYR B 110 -8.75 -3.65 40.57
N HIS B 111 -7.76 -2.88 40.17
CA HIS B 111 -7.25 -2.97 38.84
C HIS B 111 -5.73 -3.14 38.88
N VAL B 112 -5.26 -4.31 38.47
CA VAL B 112 -3.83 -4.58 38.44
C VAL B 112 -3.30 -4.02 37.14
N LEU B 113 -2.42 -3.03 37.29
CA LEU B 113 -1.89 -2.27 36.16
C LEU B 113 -0.65 -2.93 35.63
N GLY B 114 -0.09 -2.35 34.57
CA GLY B 114 1.10 -2.87 33.99
C GLY B 114 0.75 -3.40 32.64
N SER B 115 1.46 -2.92 31.63
CA SER B 115 1.03 -3.14 30.27
C SER B 115 2.08 -3.79 29.40
N ASP B 116 3.25 -4.03 29.98
CA ASP B 116 4.17 -4.99 29.39
C ASP B 116 4.88 -5.70 30.52
N CYS B 117 5.65 -6.72 30.18
CA CYS B 117 6.42 -7.40 31.20
C CYS B 117 7.27 -8.43 30.55
N SER B 118 8.16 -9.01 31.35
CA SER B 118 8.90 -10.16 30.94
C SER B 118 8.71 -11.10 32.10
N GLY B 119 8.77 -12.38 31.82
CA GLY B 119 8.59 -13.32 32.89
C GLY B 119 8.62 -14.74 32.39
N VAL B 120 8.05 -15.60 33.21
CA VAL B 120 8.14 -17.01 33.01
C VAL B 120 6.72 -17.52 33.02
N VAL B 121 6.40 -18.26 31.97
CA VAL B 121 5.12 -18.92 31.90
C VAL B 121 5.02 -19.87 33.07
N VAL B 122 3.89 -19.85 33.78
CA VAL B 122 3.69 -20.84 34.84
C VAL B 122 2.47 -21.71 34.60
N ARG B 123 1.47 -21.19 33.88
CA ARG B 123 0.33 -21.98 33.49
C ARG B 123 -0.18 -21.54 32.16
N THR B 124 -0.76 -22.48 31.42
CA THR B 124 -1.44 -22.15 30.18
C THR B 124 -2.85 -22.72 30.20
N GLY B 125 -3.79 -21.98 29.64
CA GLY B 125 -5.15 -22.46 29.44
C GLY B 125 -5.13 -23.63 28.48
N ILE B 126 -6.21 -24.40 28.47
CA ILE B 126 -6.27 -25.61 27.66
C ILE B 126 -6.28 -25.35 26.15
N GLY B 127 -6.50 -24.10 25.78
CA GLY B 127 -6.51 -23.72 24.36
C GLY B 127 -5.25 -23.00 23.93
N VAL B 128 -4.27 -22.98 24.83
CA VAL B 128 -3.02 -22.34 24.56
C VAL B 128 -2.07 -23.33 23.94
N ARG B 129 -1.51 -22.94 22.81
CA ARG B 129 -0.54 -23.75 22.10
C ARG B 129 0.88 -23.35 22.40
N ARG B 130 1.76 -24.36 22.31
CA ARG B 130 3.21 -24.23 22.27
C ARG B 130 3.85 -23.79 23.58
N TRP B 131 3.31 -22.73 24.18
CA TRP B 131 3.84 -22.22 25.45
C TRP B 131 3.76 -23.26 26.55
N LYS B 132 4.83 -23.33 27.31
CA LYS B 132 4.96 -24.31 28.38
C LYS B 132 5.38 -23.56 29.62
N PRO B 133 4.95 -24.07 30.79
CA PRO B 133 5.51 -23.49 32.00
C PRO B 133 7.02 -23.49 31.93
N GLY B 134 7.63 -22.40 32.42
CA GLY B 134 9.07 -22.26 32.38
C GLY B 134 9.53 -21.41 31.21
N ASP B 135 8.66 -21.22 30.22
CA ASP B 135 9.07 -20.46 29.04
C ASP B 135 9.30 -19.01 29.39
N HIS B 136 10.39 -18.47 28.89
CA HIS B 136 10.71 -17.07 29.11
C HIS B 136 10.02 -16.27 28.05
N VAL B 137 9.20 -15.34 28.53
CA VAL B 137 8.34 -14.59 27.65
C VAL B 137 8.46 -13.10 27.91
N ILE B 138 8.13 -12.32 26.89
CA ILE B 138 7.68 -10.97 27.12
C ILE B 138 6.21 -10.96 26.77
N VAL B 139 5.52 -10.04 27.41
CA VAL B 139 4.11 -9.82 27.15
C VAL B 139 4.00 -8.44 26.58
N HIS B 140 3.42 -8.34 25.38
CA HIS B 140 3.07 -7.03 24.83
C HIS B 140 1.59 -6.75 25.15
N PRO B 141 1.18 -5.48 25.06
CA PRO B 141 -0.13 -5.08 25.59
C PRO B 141 -1.36 -5.41 24.75
N ALA B 142 -1.18 -5.88 23.52
CA ALA B 142 -2.33 -6.06 22.63
C ALA B 142 -3.19 -7.24 23.06
N HIS B 143 -4.23 -6.95 23.81
CA HIS B 143 -5.18 -7.92 24.31
C HIS B 143 -6.37 -7.87 23.36
N VAL B 144 -6.41 -8.83 22.47
CA VAL B 144 -7.30 -8.73 21.33
C VAL B 144 -8.16 -9.98 21.21
N ASP B 145 -9.24 -9.85 20.47
CA ASP B 145 -10.22 -10.91 20.32
C ASP B 145 -9.99 -11.54 18.96
N GLU B 146 -9.49 -12.76 18.95
CA GLU B 146 -9.08 -13.38 17.69
C GLU B 146 -10.23 -13.99 16.93
N GLN B 147 -11.42 -13.93 17.50
CA GLN B 147 -12.62 -14.31 16.79
C GLN B 147 -13.17 -13.20 15.94
N GLU B 148 -12.81 -11.97 16.28
CA GLU B 148 -13.23 -10.82 15.48
C GLU B 148 -12.59 -10.92 14.14
N PRO B 149 -13.38 -10.80 13.06
CA PRO B 149 -12.75 -10.73 11.74
C PRO B 149 -11.65 -9.66 11.63
N ALA B 150 -11.89 -8.48 12.19
CA ALA B 150 -10.92 -7.38 12.04
C ALA B 150 -9.53 -7.79 12.50
N THR B 151 -9.47 -8.61 13.53
CA THR B 151 -8.20 -9.03 14.12
C THR B 151 -7.30 -9.72 13.11
N HIS B 152 -7.93 -10.44 12.17
CA HIS B 152 -7.23 -11.18 11.14
C HIS B 152 -6.77 -10.32 9.97
N GLY B 153 -7.21 -9.08 9.95
CA GLY B 153 -6.69 -8.09 9.01
C GLY B 153 -5.60 -7.32 9.72
N ASP B 154 -5.78 -7.10 11.01
CA ASP B 154 -4.84 -6.32 11.82
C ASP B 154 -5.24 -6.55 13.25
N GLY B 155 -4.36 -7.17 14.01
CA GLY B 155 -4.61 -7.45 15.42
C GLY B 155 -5.03 -6.25 16.22
N MET B 156 -4.61 -5.05 15.80
CA MET B 156 -4.97 -3.87 16.56
C MET B 156 -6.38 -3.37 16.24
N LEU B 157 -6.99 -3.88 15.18
CA LEU B 157 -8.19 -3.23 14.64
C LEU B 157 -9.53 -3.69 15.16
N GLY B 158 -9.56 -4.80 15.88
CA GLY B 158 -10.85 -5.33 16.36
C GLY B 158 -11.51 -4.38 17.34
N THR B 159 -12.83 -4.44 17.42
CA THR B 159 -13.58 -3.63 18.39
C THR B 159 -13.19 -4.04 19.80
N GLU B 160 -12.74 -5.26 19.96
CA GLU B 160 -12.43 -5.75 21.32
C GLU B 160 -10.96 -5.60 21.68
N GLN B 161 -10.19 -4.89 20.85
CA GLN B 161 -8.79 -4.67 21.12
C GLN B 161 -8.71 -3.84 22.38
N ARG B 162 -7.88 -4.29 23.30
CA ARG B 162 -7.66 -3.60 24.53
C ARG B 162 -6.18 -3.58 24.85
N ALA B 163 -5.80 -2.70 25.75
CA ALA B 163 -4.44 -2.60 26.22
C ALA B 163 -4.39 -3.34 27.56
N TRP B 164 -3.52 -4.34 27.62
CA TRP B 164 -3.34 -5.12 28.80
C TRP B 164 -3.00 -4.19 29.97
N GLY B 165 -3.64 -4.43 31.10
CA GLY B 165 -3.35 -3.65 32.31
C GLY B 165 -3.93 -2.26 32.30
N PHE B 166 -4.65 -1.91 31.25
CA PHE B 166 -5.26 -0.60 31.14
C PHE B 166 -6.75 -0.74 30.87
N GLU B 167 -7.11 -1.41 29.78
CA GLU B 167 -8.52 -1.76 29.58
C GLU B 167 -8.77 -3.19 30.03
N THR B 168 -7.73 -3.85 30.51
CA THR B 168 -7.91 -5.17 31.09
C THR B 168 -7.32 -5.22 32.47
N ASN B 169 -7.80 -6.15 33.25
CA ASN B 169 -7.21 -6.36 34.53
C ASN B 169 -5.98 -7.24 34.41
N PHE B 170 -5.37 -7.54 35.55
CA PHE B 170 -4.34 -8.58 35.64
C PHE B 170 -3.13 -8.21 34.82
N GLY B 171 -2.73 -6.95 34.96
CA GLY B 171 -1.57 -6.43 34.29
C GLY B 171 -0.24 -6.88 34.87
N GLY B 172 0.83 -6.36 34.29
CA GLY B 172 2.20 -6.86 34.53
C GLY B 172 2.92 -6.31 35.74
N LEU B 173 2.35 -5.26 36.36
CA LEU B 173 2.95 -4.67 37.54
C LEU B 173 2.49 -5.42 38.78
N ALA B 174 2.94 -6.66 38.86
CA ALA B 174 2.50 -7.59 39.86
C ALA B 174 3.40 -8.78 39.74
N GLU B 175 3.32 -9.71 40.69
CA GLU B 175 4.12 -10.90 40.61
C GLU B 175 3.64 -11.83 39.50
N TYR B 176 2.36 -11.72 39.18
CA TYR B 176 1.81 -12.54 38.10
C TYR B 176 1.01 -11.69 37.17
N GLY B 177 0.86 -12.15 35.94
CA GLY B 177 0.05 -11.43 34.97
C GLY B 177 -0.75 -12.48 34.25
N VAL B 178 -1.95 -12.11 33.87
CA VAL B 178 -2.77 -13.00 33.10
C VAL B 178 -2.86 -12.37 31.72
N VAL B 179 -2.48 -13.14 30.71
CA VAL B 179 -2.39 -12.59 29.38
C VAL B 179 -3.05 -13.55 28.44
N ARG B 180 -3.55 -13.04 27.31
CA ARG B 180 -3.94 -13.91 26.24
C ARG B 180 -2.65 -14.44 25.63
N ALA B 181 -2.73 -15.67 25.13
CA ALA B 181 -1.58 -16.28 24.51
C ALA B 181 -1.05 -15.41 23.34
N SER B 182 -1.91 -14.61 22.73
CA SER B 182 -1.47 -13.79 21.60
C SER B 182 -0.79 -12.50 22.06
N GLN B 183 -0.50 -12.40 23.35
CA GLN B 183 0.28 -11.30 23.88
C GLN B 183 1.72 -11.73 24.12
N LEU B 184 1.97 -13.01 23.91
CA LEU B 184 3.23 -13.63 24.29
C LEU B 184 4.24 -13.72 23.17
N LEU B 185 5.47 -13.40 23.53
CA LEU B 185 6.59 -13.59 22.62
C LEU B 185 7.75 -14.12 23.41
N PRO B 186 8.64 -14.88 22.76
CA PRO B 186 9.80 -15.34 23.54
C PRO B 186 10.61 -14.14 23.98
N LYS B 187 11.01 -14.14 25.24
CA LYS B 187 11.87 -13.10 25.75
C LYS B 187 13.22 -13.17 25.03
N PRO B 188 13.73 -12.02 24.56
CA PRO B 188 15.07 -11.98 24.02
C PRO B 188 16.05 -12.55 25.03
N ALA B 189 16.75 -13.60 24.65
CA ALA B 189 17.53 -14.39 25.61
C ALA B 189 18.69 -13.63 26.26
N HIS B 190 19.26 -12.66 25.55
CA HIS B 190 20.48 -11.99 25.99
C HIS B 190 20.16 -10.88 26.98
N LEU B 191 18.88 -10.62 27.18
CA LEU B 191 18.44 -9.55 28.05
C LEU B 191 18.11 -10.01 29.46
N THR B 192 18.22 -9.08 30.40
CA THR B 192 17.76 -9.32 31.73
C THR B 192 16.25 -9.15 31.76
N TRP B 193 15.65 -9.56 32.86
CA TRP B 193 14.22 -9.44 33.00
C TRP B 193 13.78 -8.00 32.77
N GLU B 194 14.43 -7.07 33.49
CA GLU B 194 14.04 -5.68 33.46
C GLU B 194 14.28 -5.04 32.08
N GLU B 195 15.39 -5.41 31.42
CA GLU B 195 15.69 -4.92 30.07
C GLU B 195 14.62 -5.40 29.09
N ALA B 196 14.23 -6.66 29.24
CA ALA B 196 13.26 -7.27 28.34
C ALA B 196 11.88 -6.66 28.55
N ALA B 197 11.58 -6.33 29.80
CA ALA B 197 10.27 -5.83 30.19
C ALA B 197 9.96 -4.43 29.68
N VAL B 198 10.99 -3.63 29.46
CA VAL B 198 10.77 -2.20 29.23
C VAL B 198 10.26 -1.90 27.81
N SER B 199 10.40 -2.86 26.91
CA SER B 199 10.26 -2.59 25.48
C SER B 199 8.91 -2.85 24.82
N PRO B 200 8.23 -3.97 25.15
CA PRO B 200 7.10 -4.36 24.28
C PRO B 200 6.15 -3.21 23.97
N LEU B 201 5.66 -2.50 24.99
CA LEU B 201 4.65 -1.51 24.72
C LEU B 201 5.21 -0.37 23.86
N CYS B 202 6.26 0.29 24.34
CA CYS B 202 6.76 1.47 23.63
C CYS B 202 7.44 1.14 22.33
N ALA B 203 8.24 0.07 22.34
CA ALA B 203 8.97 -0.29 21.15
C ALA B 203 7.96 -0.79 20.13
N GLY B 204 6.99 -1.57 20.57
CA GLY B 204 5.98 -2.10 19.62
C GLY B 204 5.20 -0.94 19.02
N THR B 205 4.79 -0.01 19.90
CA THR B 205 4.04 1.15 19.45
C THR B 205 4.84 1.97 18.45
N ALA B 206 6.09 2.25 18.78
CA ALA B 206 6.96 3.00 17.86
C ALA B 206 7.16 2.21 16.57
N TYR B 207 7.25 0.90 16.71
CA TYR B 207 7.47 0.06 15.56
C TYR B 207 6.29 0.18 14.58
N ARG B 208 5.09 0.04 15.11
CA ARG B 208 3.90 0.16 14.28
C ARG B 208 3.87 1.54 13.62
N MET B 209 4.17 2.56 14.42
CA MET B 209 4.17 3.92 13.95
C MET B 209 5.15 4.21 12.82
N LEU B 210 6.30 3.54 12.84
CA LEU B 210 7.38 3.93 11.97
C LEU B 210 7.83 2.87 11.02
N VAL B 211 7.83 1.61 11.46
CA VAL B 211 8.42 0.56 10.65
C VAL B 211 7.38 -0.23 9.89
N SER B 212 6.33 -0.61 10.59
CA SER B 212 5.29 -1.45 10.06
C SER B 212 4.59 -0.79 8.87
N ASP B 213 4.09 -1.61 7.95
CA ASP B 213 3.24 -1.10 6.91
C ASP B 213 1.88 -0.63 7.44
N ARG B 214 1.69 -0.72 8.75
CA ARG B 214 0.45 -0.25 9.37
C ARG B 214 0.55 1.18 9.89
N GLY B 215 1.77 1.74 9.80
CA GLY B 215 1.99 3.11 10.28
C GLY B 215 2.56 3.95 9.15
N ALA B 216 3.47 4.85 9.50
CA ALA B 216 4.08 5.75 8.51
C ALA B 216 4.98 4.97 7.56
N GLN B 217 5.44 3.81 8.00
CA GLN B 217 6.25 2.90 7.20
C GLN B 217 7.47 3.60 6.59
N MET B 218 8.41 3.96 7.45
CA MET B 218 9.62 4.64 7.01
C MET B 218 10.43 3.80 6.03
N LYS B 219 11.22 4.46 5.22
CA LYS B 219 12.22 3.77 4.45
C LYS B 219 13.53 4.44 4.78
N GLN B 220 14.64 3.80 4.40
CA GLN B 220 15.94 4.39 4.61
C GLN B 220 15.96 5.72 3.92
N GLY B 221 16.58 6.69 4.56
CA GLY B 221 16.73 8.00 3.96
C GLY B 221 15.64 8.93 4.41
N ASP B 222 14.60 8.40 5.07
CA ASP B 222 13.58 9.24 5.65
C ASP B 222 14.09 9.97 6.85
N ILE B 223 13.71 11.23 6.92
CA ILE B 223 14.00 12.08 8.06
C ILE B 223 12.76 12.02 8.93
N VAL B 224 12.92 11.58 10.18
CA VAL B 224 11.79 11.46 11.07
C VAL B 224 12.02 12.41 12.21
N LEU B 225 11.13 13.39 12.34
CA LEU B 225 11.14 14.28 13.51
C LEU B 225 10.42 13.58 14.66
N ILE B 226 11.11 13.40 15.78
CA ILE B 226 10.56 12.64 16.89
C ILE B 226 10.34 13.58 18.07
N TRP B 227 9.08 13.79 18.41
CA TRP B 227 8.74 14.62 19.55
C TRP B 227 8.98 13.83 20.82
N GLY B 228 9.11 14.54 21.94
CA GLY B 228 9.37 13.93 23.24
C GLY B 228 10.32 12.74 23.09
N ALA B 229 11.42 12.98 22.40
CA ALA B 229 12.25 11.91 21.85
C ALA B 229 13.01 11.07 22.88
N SER B 230 13.21 11.62 24.08
CA SER B 230 14.02 10.94 25.08
C SER B 230 13.19 9.99 25.92
N GLY B 231 11.86 10.07 25.78
CA GLY B 231 10.93 9.23 26.52
C GLY B 231 10.89 7.78 26.04
N GLY B 232 9.92 7.03 26.55
CA GLY B 232 9.78 5.61 26.24
C GLY B 232 9.58 5.35 24.75
N LEU B 233 8.55 5.97 24.18
CA LEU B 233 8.29 5.85 22.75
C LEU B 233 9.46 6.36 21.93
N GLY B 234 9.95 7.53 22.32
CA GLY B 234 10.95 8.23 21.54
C GLY B 234 12.26 7.46 21.51
N SER B 235 12.59 6.80 22.62
CA SER B 235 13.83 6.08 22.73
C SER B 235 13.86 4.91 21.77
N TYR B 236 12.69 4.37 21.49
CA TYR B 236 12.58 3.33 20.49
C TYR B 236 12.41 3.87 19.11
N ALA B 237 11.58 4.91 18.96
CA ALA B 237 11.45 5.64 17.71
C ALA B 237 12.83 5.93 17.11
N ILE B 238 13.70 6.55 17.90
CA ILE B 238 15.06 6.84 17.45
C ILE B 238 15.75 5.61 16.88
N GLN B 239 15.63 4.49 17.58
CA GLN B 239 16.38 3.32 17.20
C GLN B 239 15.85 2.75 15.90
N PHE B 240 14.53 2.71 15.76
CA PHE B 240 13.93 2.20 14.52
C PHE B 240 14.29 3.11 13.36
N VAL B 241 14.29 4.41 13.59
CA VAL B 241 14.61 5.34 12.51
C VAL B 241 16.08 5.09 12.06
N LYS B 242 16.97 5.07 13.03
CA LYS B 242 18.39 4.82 12.75
C LYS B 242 18.57 3.44 12.13
N ASN B 243 18.00 2.42 12.79
CA ASN B 243 18.17 1.04 12.31
C ASN B 243 17.60 0.83 10.91
N GLY B 244 16.58 1.60 10.56
CA GLY B 244 15.96 1.55 9.24
C GLY B 244 16.66 2.45 8.24
N GLY B 245 17.81 3.04 8.62
CA GLY B 245 18.55 3.89 7.72
C GLY B 245 17.91 5.25 7.58
N GLY B 246 16.99 5.57 8.49
CA GLY B 246 16.39 6.88 8.55
C GLY B 246 17.27 7.88 9.29
N ILE B 247 16.83 9.12 9.29
CA ILE B 247 17.55 10.18 9.95
C ILE B 247 16.62 10.76 11.01
N PRO B 248 16.85 10.39 12.28
CA PRO B 248 15.99 10.92 13.31
C PRO B 248 16.40 12.33 13.67
N VAL B 249 15.42 13.16 13.96
CA VAL B 249 15.66 14.46 14.53
C VAL B 249 14.83 14.50 15.80
N ALA B 250 15.55 14.49 16.91
CA ALA B 250 14.93 14.42 18.20
C ALA B 250 14.48 15.79 18.64
N VAL B 251 13.26 15.90 19.14
CA VAL B 251 12.88 17.12 19.83
C VAL B 251 12.78 16.81 21.31
N VAL B 252 13.58 17.53 22.09
CA VAL B 252 13.66 17.30 23.52
C VAL B 252 13.51 18.65 24.22
N SER B 253 13.15 18.61 25.50
CA SER B 253 12.87 19.86 26.21
C SER B 253 13.97 20.21 27.17
N SER B 254 15.05 19.43 27.21
CA SER B 254 16.15 19.70 28.14
C SER B 254 17.47 19.10 27.68
N ALA B 255 18.55 19.66 28.22
CA ALA B 255 19.89 19.17 27.96
C ALA B 255 20.05 17.70 28.35
N GLN B 256 19.43 17.31 29.46
CA GLN B 256 19.51 15.93 29.94
C GLN B 256 18.82 14.99 28.95
N LYS B 257 17.69 15.46 28.42
CA LYS B 257 16.92 14.70 27.43
C LYS B 257 17.69 14.64 26.13
N GLU B 258 18.34 15.75 25.77
CA GLU B 258 19.29 15.71 24.69
C GLU B 258 20.37 14.66 24.89
N ALA B 259 20.97 14.63 26.07
CA ALA B 259 21.99 13.64 26.38
C ALA B 259 21.44 12.24 26.14
N ALA B 260 20.23 12.01 26.63
CA ALA B 260 19.56 10.73 26.46
C ALA B 260 19.42 10.35 24.97
N VAL B 261 18.92 11.27 24.15
CA VAL B 261 18.72 10.90 22.73
C VAL B 261 20.06 10.70 22.00
N ARG B 262 21.08 11.47 22.38
CA ARG B 262 22.39 11.28 21.79
C ARG B 262 23.00 9.94 22.17
N ALA B 263 22.74 9.50 23.40
CA ALA B 263 23.22 8.20 23.87
C ALA B 263 22.61 7.10 23.02
N LEU B 264 21.44 7.39 22.46
CA LEU B 264 20.76 6.47 21.55
C LEU B 264 21.19 6.60 20.10
N GLY B 265 22.13 7.50 19.83
CA GLY B 265 22.73 7.66 18.51
C GLY B 265 22.02 8.69 17.65
N CYS B 266 21.10 9.42 18.26
CA CYS B 266 20.42 10.51 17.58
C CYS B 266 21.23 11.77 17.76
N ASP B 267 21.97 12.14 16.73
CA ASP B 267 22.85 13.30 16.82
C ASP B 267 22.18 14.60 16.41
N LEU B 268 21.03 14.49 15.75
CA LEU B 268 20.30 15.66 15.35
C LEU B 268 19.24 15.91 16.38
N VAL B 269 19.46 16.95 17.17
CA VAL B 269 18.59 17.24 18.29
C VAL B 269 18.14 18.68 18.25
N ILE B 270 16.85 18.88 18.46
CA ILE B 270 16.27 20.21 18.51
C ILE B 270 15.73 20.38 19.92
N ASN B 271 16.19 21.43 20.59
CA ASN B 271 15.63 21.75 21.88
C ASN B 271 14.39 22.61 21.67
N ARG B 272 13.30 22.23 22.30
CA ARG B 272 12.04 22.97 22.21
CA ARG B 272 12.03 22.97 22.22
C ARG B 272 12.17 24.45 22.55
N ALA B 273 13.11 24.80 23.43
CA ALA B 273 13.37 26.20 23.81
C ALA B 273 14.00 27.06 22.69
N GLU B 274 14.85 26.46 21.87
CA GLU B 274 15.43 27.18 20.73
C GLU B 274 14.34 27.55 19.71
N LEU B 275 13.13 27.03 19.94
CA LEU B 275 11.95 27.46 19.22
C LEU B 275 10.90 28.11 20.12
N GLY B 276 11.24 28.25 21.39
CA GLY B 276 10.33 28.86 22.35
C GLY B 276 8.93 28.29 22.22
N ILE B 277 8.86 26.97 22.07
CA ILE B 277 7.59 26.26 22.12
C ILE B 277 7.20 26.21 23.60
N THR B 278 6.01 26.72 23.88
CA THR B 278 5.45 26.67 25.22
C THR B 278 4.05 26.09 25.07
N ASP B 279 3.40 25.74 26.17
CA ASP B 279 2.13 25.00 26.12
C ASP B 279 0.94 25.76 25.52
N ASP B 280 0.98 27.08 25.64
CA ASP B 280 -0.08 27.92 25.08
C ASP B 280 0.04 28.10 23.57
N ILE B 281 1.10 27.57 22.98
CA ILE B 281 1.35 27.73 21.54
C ILE B 281 0.18 27.25 20.69
N ALA B 282 -0.53 26.23 21.17
CA ALA B 282 -1.59 25.58 20.38
C ALA B 282 -2.83 26.47 20.13
N ASP B 283 -3.01 27.48 20.98
CA ASP B 283 -4.12 28.44 20.90
C ASP B 283 -3.80 29.63 19.98
N ASP B 284 -2.60 29.62 19.42
CA ASP B 284 -2.09 30.74 18.68
C ASP B 284 -1.75 30.29 17.26
N PRO B 285 -2.71 30.37 16.33
CA PRO B 285 -2.52 29.83 14.98
C PRO B 285 -1.30 30.42 14.27
N ARG B 286 -1.10 31.73 14.37
CA ARG B 286 -0.03 32.41 13.65
C ARG B 286 1.33 31.97 14.20
N ARG B 287 1.43 31.93 15.52
CA ARG B 287 2.63 31.49 16.21
C ARG B 287 2.93 30.02 15.86
N VAL B 288 1.89 29.19 15.82
CA VAL B 288 2.03 27.79 15.37
C VAL B 288 2.68 27.78 13.99
N VAL B 289 2.12 28.57 13.07
CA VAL B 289 2.65 28.67 11.71
C VAL B 289 4.09 29.16 11.69
N GLU B 290 4.37 30.22 12.43
CA GLU B 290 5.70 30.83 12.51
C GLU B 290 6.71 29.84 13.07
N THR B 291 6.35 29.22 14.20
CA THR B 291 7.20 28.23 14.88
C THR B 291 7.36 26.96 14.06
N GLY B 292 6.28 26.51 13.42
CA GLY B 292 6.34 25.39 12.48
C GLY B 292 7.32 25.69 11.36
N ARG B 293 7.23 26.89 10.78
CA ARG B 293 8.19 27.33 9.73
CA ARG B 293 8.18 27.26 9.72
C ARG B 293 9.62 27.31 10.24
N LYS B 294 9.82 27.83 11.45
CA LYS B 294 11.14 27.85 12.07
C LYS B 294 11.62 26.43 12.32
N LEU B 295 10.72 25.59 12.82
CA LEU B 295 11.01 24.20 13.09
C LEU B 295 11.40 23.48 11.79
N ALA B 296 10.59 23.63 10.76
CA ALA B 296 10.90 23.09 9.45
C ALA B 296 12.29 23.51 9.03
N LYS B 297 12.55 24.81 9.06
CA LYS B 297 13.85 25.37 8.71
C LYS B 297 14.98 24.71 9.49
N LEU B 298 14.77 24.53 10.79
CA LEU B 298 15.75 23.84 11.61
C LEU B 298 15.96 22.41 11.15
N VAL B 299 14.87 21.69 10.89
CA VAL B 299 15.00 20.31 10.43
C VAL B 299 15.75 20.28 9.10
N VAL B 300 15.35 21.15 8.18
CA VAL B 300 16.06 21.31 6.91
C VAL B 300 17.56 21.48 7.14
N GLU B 301 17.90 22.40 8.04
CA GLU B 301 19.27 22.73 8.41
C GLU B 301 20.03 21.52 8.92
N LYS B 302 19.41 20.81 9.88
CA LYS B 302 20.05 19.68 10.57
C LYS B 302 20.07 18.41 9.74
N ALA B 303 18.95 18.14 9.07
CA ALA B 303 18.75 16.87 8.37
C ALA B 303 18.82 17.00 6.84
N GLY B 304 18.69 18.21 6.32
CA GLY B 304 18.75 18.43 4.87
C GLY B 304 17.41 18.68 4.22
N ARG B 305 16.34 18.15 4.81
CA ARG B 305 14.99 18.34 4.31
C ARG B 305 14.02 18.49 5.46
N GLU B 306 12.78 18.86 5.12
CA GLU B 306 11.70 18.79 6.06
C GLU B 306 11.48 17.31 6.42
N PRO B 307 10.96 17.03 7.62
CA PRO B 307 10.80 15.62 7.95
C PRO B 307 9.79 14.90 7.05
N ASP B 308 10.10 13.64 6.72
CA ASP B 308 9.19 12.78 5.97
C ASP B 308 8.10 12.27 6.90
N ILE B 309 8.51 11.91 8.11
CA ILE B 309 7.56 11.46 9.10
C ILE B 309 7.74 12.31 10.34
N VAL B 310 6.62 12.68 10.95
CA VAL B 310 6.66 13.35 12.23
C VAL B 310 6.04 12.36 13.20
N PHE B 311 6.81 12.04 14.23
CA PHE B 311 6.43 11.06 15.21
C PHE B 311 5.81 11.84 16.36
N GLU B 312 4.48 11.79 16.41
CA GLU B 312 3.68 12.52 17.38
C GLU B 312 3.23 11.68 18.56
N HIS B 313 3.06 12.33 19.70
CA HIS B 313 2.44 11.72 20.87
C HIS B 313 2.35 12.78 21.97
N THR B 314 3.01 13.90 21.72
CA THR B 314 3.07 14.97 22.69
C THR B 314 1.75 15.73 22.66
N GLY B 315 1.07 15.64 21.52
CA GLY B 315 -0.29 16.09 21.42
C GLY B 315 -0.47 17.52 20.99
N ARG B 316 -1.48 18.14 21.58
CA ARG B 316 -1.98 19.45 21.16
C ARG B 316 -0.93 20.54 21.01
N VAL B 317 -0.02 20.64 21.97
CA VAL B 317 0.96 21.73 21.88
C VAL B 317 1.86 21.61 20.67
N THR B 318 2.10 20.39 20.20
CA THR B 318 3.02 20.15 19.07
C THR B 318 2.30 19.79 17.78
N PHE B 319 1.06 19.33 17.89
CA PHE B 319 0.41 18.77 16.71
C PHE B 319 0.29 19.75 15.54
N GLY B 320 -0.02 21.00 15.85
CA GLY B 320 -0.07 22.06 14.85
C GLY B 320 1.25 22.16 14.12
N LEU B 321 2.33 22.19 14.91
CA LEU B 321 3.69 22.24 14.39
C LEU B 321 3.95 21.03 13.49
N SER B 322 3.60 19.85 14.00
CA SER B 322 3.80 18.58 13.30
C SER B 322 3.17 18.61 11.91
N VAL B 323 1.94 19.09 11.83
CA VAL B 323 1.24 19.19 10.56
C VAL B 323 1.93 20.15 9.59
N ILE B 324 2.49 21.22 10.13
CA ILE B 324 3.17 22.21 9.34
C ILE B 324 4.52 21.72 8.83
N VAL B 325 5.28 21.05 9.69
CA VAL B 325 6.70 20.74 9.40
C VAL B 325 6.90 19.57 8.48
N ALA B 326 5.96 18.63 8.52
CA ALA B 326 6.01 17.47 7.66
C ALA B 326 6.15 17.94 6.22
N ARG B 327 6.99 17.25 5.46
CA ARG B 327 7.15 17.56 4.07
C ARG B 327 5.81 17.39 3.37
N ARG B 328 5.65 18.11 2.29
CA ARG B 328 4.62 17.82 1.33
C ARG B 328 4.56 16.29 1.13
N GLY B 329 3.37 15.71 1.30
CA GLY B 329 3.18 14.27 1.14
C GLY B 329 3.66 13.50 2.37
N GLY B 330 4.09 14.26 3.37
CA GLY B 330 4.61 13.68 4.61
C GLY B 330 3.53 13.10 5.49
N THR B 331 3.96 12.39 6.52
CA THR B 331 3.05 11.76 7.40
C THR B 331 3.34 12.18 8.83
N VAL B 332 2.31 12.64 9.50
CA VAL B 332 2.32 12.76 10.93
C VAL B 332 1.70 11.47 11.47
N VAL B 333 2.45 10.75 12.28
CA VAL B 333 1.94 9.56 12.91
C VAL B 333 1.83 9.82 14.39
N THR B 334 0.64 9.62 14.94
CA THR B 334 0.38 9.97 16.32
C THR B 334 -0.21 8.78 17.07
N CYS B 335 0.23 8.59 18.31
CA CYS B 335 -0.31 7.52 19.16
C CYS B 335 -0.68 8.06 20.53
N GLY B 336 -0.78 9.37 20.62
CA GLY B 336 -1.06 9.98 21.89
C GLY B 336 -1.15 11.48 21.83
N SER B 337 -1.45 12.02 23.00
CA SER B 337 -1.72 13.44 23.18
C SER B 337 -1.40 13.84 24.62
N SER B 338 -0.14 13.68 25.03
CA SER B 338 0.25 13.87 26.44
C SER B 338 -0.12 15.27 26.93
N SER B 339 -0.01 16.25 26.03
CA SER B 339 -0.20 17.67 26.37
C SER B 339 -1.64 18.08 26.16
N GLY B 340 -2.43 17.17 25.63
CA GLY B 340 -3.86 17.41 25.43
C GLY B 340 -4.30 16.79 24.13
N TYR B 341 -5.43 16.10 24.16
CA TYR B 341 -5.95 15.43 22.99
C TYR B 341 -6.74 16.35 22.03
N LEU B 342 -7.15 17.52 22.50
CA LEU B 342 -7.85 18.46 21.63
C LEU B 342 -6.86 19.09 20.67
N HIS B 343 -6.66 18.45 19.55
CA HIS B 343 -5.68 18.93 18.60
C HIS B 343 -6.27 19.99 17.71
N THR B 344 -5.52 21.06 17.50
CA THR B 344 -5.85 22.06 16.48
C THR B 344 -4.69 22.12 15.52
N PHE B 345 -5.02 22.15 14.23
CA PHE B 345 -4.06 22.27 13.18
C PHE B 345 -4.66 23.01 12.01
N ASP B 346 -3.79 23.55 11.18
CA ASP B 346 -4.20 24.24 9.99
C ASP B 346 -4.34 23.23 8.85
N ASN B 347 -5.57 23.00 8.42
CA ASN B 347 -5.82 21.97 7.42
C ASN B 347 -5.23 22.29 6.06
N ARG B 348 -4.99 23.56 5.79
CA ARG B 348 -4.36 23.95 4.54
C ARG B 348 -3.03 23.25 4.38
N TYR B 349 -2.27 23.14 5.47
CA TYR B 349 -1.00 22.42 5.41
C TYR B 349 -1.21 20.92 5.18
N LEU B 350 -2.36 20.39 5.58
CA LEU B 350 -2.63 18.98 5.35
C LEU B 350 -3.06 18.69 3.92
N TRP B 351 -4.12 19.35 3.48
CA TRP B 351 -4.67 19.02 2.19
C TRP B 351 -3.82 19.62 1.08
N MET B 352 -3.47 20.90 1.19
CA MET B 352 -2.73 21.54 0.12
C MET B 352 -1.40 20.86 -0.16
N LYS B 353 -0.81 20.28 0.87
CA LYS B 353 0.48 19.64 0.69
C LYS B 353 0.35 18.13 0.81
N LEU B 354 -0.89 17.66 0.66
CA LEU B 354 -1.21 16.24 0.59
C LEU B 354 -0.50 15.42 1.70
N LYS B 355 -0.49 15.98 2.91
CA LYS B 355 0.07 15.29 4.08
C LYS B 355 -0.93 14.31 4.67
N LYS B 356 -0.44 13.38 5.49
CA LYS B 356 -1.29 12.39 6.11
C LYS B 356 -1.08 12.45 7.60
N ILE B 357 -2.16 12.23 8.34
CA ILE B 357 -2.06 11.99 9.77
C ILE B 357 -2.49 10.57 9.99
N VAL B 358 -1.58 9.76 10.50
CA VAL B 358 -1.86 8.37 10.74
C VAL B 358 -2.00 8.17 12.24
N GLY B 359 -3.22 7.86 12.67
CA GLY B 359 -3.48 7.51 14.06
C GLY B 359 -2.98 6.10 14.24
N SER B 360 -2.21 5.90 15.30
CA SER B 360 -1.68 4.59 15.58
C SER B 360 -1.80 4.27 17.04
N HIS B 361 -1.89 2.99 17.33
CA HIS B 361 -2.13 2.58 18.68
C HIS B 361 -1.48 1.24 18.86
N GLY B 362 -0.71 1.10 19.93
CA GLY B 362 -0.02 -0.15 20.25
C GLY B 362 0.59 -0.79 19.04
N ALA B 363 0.47 -2.11 18.96
CA ALA B 363 1.02 -2.89 17.85
C ALA B 363 0.34 -4.24 17.90
N ASN B 364 0.12 -4.83 16.73
CA ASN B 364 -0.50 -6.13 16.73
C ASN B 364 0.57 -7.16 16.99
N HIS B 365 0.15 -8.41 17.11
CA HIS B 365 1.05 -9.48 17.51
C HIS B 365 2.17 -9.65 16.49
N GLU B 366 1.85 -9.46 15.22
CA GLU B 366 2.87 -9.56 14.18
C GLU B 366 3.93 -8.46 14.32
N GLU B 367 3.46 -7.26 14.53
CA GLU B 367 4.34 -6.11 14.71
C GLU B 367 5.20 -6.27 15.94
N GLN B 368 4.63 -6.91 16.94
CA GLN B 368 5.33 -7.15 18.17
C GLN B 368 6.39 -8.22 17.99
N GLN B 369 6.10 -9.24 17.20
CA GLN B 369 7.11 -10.22 16.87
C GLN B 369 8.22 -9.57 16.07
N ALA B 370 7.83 -8.71 15.13
CA ALA B 370 8.82 -8.00 14.30
C ALA B 370 9.73 -7.17 15.22
N THR B 371 9.10 -6.46 16.14
CA THR B 371 9.81 -5.66 17.11
C THR B 371 10.75 -6.55 17.92
N ASN B 372 10.21 -7.67 18.38
CA ASN B 372 10.97 -8.59 19.19
C ASN B 372 12.20 -9.13 18.45
N ARG B 373 12.06 -9.39 17.16
CA ARG B 373 13.15 -9.89 16.31
C ARG B 373 14.29 -8.89 16.24
N LEU B 374 13.95 -7.61 16.29
CA LEU B 374 14.94 -6.54 16.22
C LEU B 374 15.68 -6.44 17.55
N PHE B 375 14.99 -6.78 18.63
CA PHE B 375 15.67 -6.94 19.90
C PHE B 375 16.51 -8.18 19.94
N GLU B 376 15.99 -9.27 19.38
CA GLU B 376 16.69 -10.56 19.38
C GLU B 376 18.02 -10.50 18.68
N SER B 377 18.12 -9.67 17.64
CA SER B 377 19.37 -9.49 16.95
C SER B 377 20.28 -8.42 17.60
N GLY B 378 19.74 -7.61 18.50
CA GLY B 378 20.52 -6.53 19.10
C GLY B 378 20.46 -5.28 18.23
N ALA B 379 19.69 -5.35 17.14
CA ALA B 379 19.52 -4.19 16.26
C ALA B 379 18.91 -3.05 17.05
N VAL B 380 17.99 -3.40 17.92
CA VAL B 380 17.35 -2.45 18.78
C VAL B 380 17.66 -2.93 20.19
N VAL B 381 17.85 -1.99 21.08
CA VAL B 381 18.21 -2.29 22.45
C VAL B 381 17.20 -1.65 23.38
N PRO B 382 17.08 -2.18 24.62
CA PRO B 382 16.12 -1.66 25.57
C PRO B 382 16.49 -0.25 25.98
N ALA B 383 15.48 0.57 26.23
CA ALA B 383 15.69 1.95 26.60
C ALA B 383 15.61 2.11 28.12
N MET B 384 15.98 1.06 28.85
CA MET B 384 15.86 1.08 30.30
C MET B 384 16.86 2.06 30.86
N SER B 385 16.40 2.94 31.72
CA SER B 385 17.27 3.95 32.32
C SER B 385 17.33 3.84 33.84
N ALA B 386 16.31 3.18 34.39
CA ALA B 386 16.15 3.03 35.84
C ALA B 386 15.39 1.74 36.14
N VAL B 387 15.65 1.19 37.32
CA VAL B 387 14.93 0.00 37.77
C VAL B 387 14.45 0.26 39.17
N TYR B 388 13.18 -0.03 39.41
CA TYR B 388 12.62 -0.01 40.75
C TYR B 388 12.09 -1.39 41.10
N PRO B 389 12.15 -1.75 42.39
CA PRO B 389 11.47 -2.95 42.84
C PRO B 389 9.98 -2.62 42.81
N LEU B 390 9.18 -3.67 42.73
CA LEU B 390 7.74 -3.52 42.73
C LEU B 390 7.35 -2.75 43.98
N ALA B 391 8.02 -3.00 45.10
CA ALA B 391 7.74 -2.28 46.34
C ALA B 391 7.74 -0.76 46.12
N GLU B 392 8.42 -0.31 45.07
CA GLU B 392 8.57 1.11 44.85
C GLU B 392 8.04 1.54 43.50
N ALA B 393 7.12 0.74 42.95
CA ALA B 393 6.57 1.01 41.63
C ALA B 393 5.74 2.28 41.59
N ALA B 394 5.07 2.63 42.67
CA ALA B 394 4.33 3.91 42.72
C ALA B 394 5.27 5.11 42.50
N GLU B 395 6.47 4.98 43.05
CA GLU B 395 7.50 6.00 42.89
C GLU B 395 8.02 5.99 41.45
N ALA B 396 8.25 4.80 40.91
CA ALA B 396 8.66 4.67 39.50
C ALA B 396 7.64 5.38 38.62
N CYS B 397 6.37 5.11 38.89
CA CYS B 397 5.25 5.71 38.20
C CYS B 397 5.27 7.24 38.32
N ARG B 398 5.46 7.71 39.55
CA ARG B 398 5.63 9.12 39.82
C ARG B 398 6.78 9.72 38.99
N VAL B 399 7.90 9.00 38.89
CA VAL B 399 9.05 9.50 38.15
C VAL B 399 8.64 9.79 36.71
N VAL B 400 7.90 8.85 36.12
CA VAL B 400 7.42 9.00 34.76
C VAL B 400 6.39 10.10 34.69
N GLN B 401 5.49 10.11 35.68
CA GLN B 401 4.48 11.15 35.74
C GLN B 401 5.08 12.55 35.76
N THR B 402 6.24 12.68 36.40
CA THR B 402 6.88 13.98 36.57
C THR B 402 7.99 14.20 35.54
N SER B 403 8.10 13.29 34.58
CA SER B 403 9.04 13.40 33.47
C SER B 403 10.45 13.57 33.95
N ARG B 404 10.81 12.79 34.98
CA ARG B 404 12.16 12.82 35.50
C ARG B 404 13.01 11.72 34.88
N GLN B 405 12.37 10.90 34.06
CA GLN B 405 13.05 9.81 33.41
C GLN B 405 13.34 10.10 31.95
N VAL B 406 14.35 9.43 31.44
CA VAL B 406 14.52 9.29 30.02
C VAL B 406 14.32 7.81 29.79
N GLY B 407 13.96 7.43 28.56
CA GLY B 407 13.81 6.04 28.24
C GLY B 407 12.72 5.41 29.08
N LYS B 408 12.99 4.22 29.57
CA LYS B 408 11.99 3.41 30.23
C LYS B 408 12.40 3.17 31.66
N VAL B 409 11.44 3.24 32.56
CA VAL B 409 11.68 2.87 33.93
C VAL B 409 11.13 1.47 34.12
N ALA B 410 12.04 0.55 34.40
CA ALA B 410 11.70 -0.84 34.64
C ALA B 410 11.27 -1.02 36.07
N VAL B 411 10.44 -2.03 36.28
CA VAL B 411 10.02 -2.38 37.61
C VAL B 411 10.25 -3.87 37.76
N LEU B 412 11.12 -4.23 38.69
CA LEU B 412 11.29 -5.62 39.03
C LEU B 412 10.01 -6.03 39.71
N CYS B 413 9.49 -7.18 39.34
CA CYS B 413 8.30 -7.67 39.97
C CYS B 413 8.67 -8.84 40.85
N MET B 414 8.62 -10.04 40.28
CA MET B 414 9.08 -11.19 41.01
C MET B 414 10.62 -11.30 41.05
N ALA B 415 11.32 -10.73 40.07
CA ALA B 415 12.78 -10.79 40.08
C ALA B 415 13.31 -10.09 41.34
N PRO B 416 14.01 -10.86 42.20
CA PRO B 416 14.50 -10.40 43.50
C PRO B 416 15.62 -9.35 43.42
N GLU B 417 16.23 -9.23 42.24
CA GLU B 417 17.33 -8.32 42.01
C GLU B 417 17.49 -8.09 40.53
N GLN B 418 18.25 -7.06 40.21
CA GLN B 418 18.60 -6.72 38.84
C GLN B 418 19.59 -7.70 38.26
N GLY B 419 19.57 -7.82 36.94
CA GLY B 419 20.59 -8.54 36.21
C GLY B 419 20.31 -10.01 36.03
N LEU B 420 19.12 -10.46 36.40
CA LEU B 420 18.73 -11.85 36.18
C LEU B 420 18.05 -12.03 34.83
N GLY B 421 17.96 -13.28 34.41
CA GLY B 421 17.15 -13.63 33.25
C GLY B 421 17.91 -13.81 31.97
N VAL B 422 19.20 -13.50 31.99
CA VAL B 422 20.00 -13.71 30.78
C VAL B 422 20.21 -15.20 30.60
N THR B 423 19.63 -15.75 29.54
CA THR B 423 19.84 -17.16 29.23
C THR B 423 20.75 -17.34 28.02
N ASP B 424 21.06 -16.25 27.32
CA ASP B 424 22.10 -16.26 26.26
C ASP B 424 23.20 -15.28 26.65
N PRO B 425 24.01 -15.64 27.65
CA PRO B 425 25.02 -14.69 28.08
C PRO B 425 26.07 -14.38 27.01
N ASP B 426 26.33 -15.33 26.10
CA ASP B 426 27.35 -15.09 25.07
C ASP B 426 26.91 -14.01 24.12
N LEU B 427 25.65 -14.07 23.69
CA LEU B 427 25.12 -13.04 22.84
C LEU B 427 25.15 -11.71 23.58
N ARG B 428 24.73 -11.72 24.83
CA ARG B 428 24.75 -10.50 25.62
C ARG B 428 26.15 -9.93 25.65
N ALA B 429 27.13 -10.80 25.90
CA ALA B 429 28.53 -10.40 25.91
C ALA B 429 28.94 -9.84 24.53
N ARG B 430 28.50 -10.52 23.47
CA ARG B 430 28.78 -10.09 22.11
C ARG B 430 28.21 -8.70 21.80
N LEU B 431 26.98 -8.44 22.24
CA LEU B 431 26.34 -7.14 22.01
C LEU B 431 26.89 -6.11 22.97
N GLY B 432 27.19 -6.56 24.19
CA GLY B 432 27.73 -5.68 25.21
C GLY B 432 26.62 -5.16 26.09
N GLU B 433 26.83 -5.28 27.40
CA GLU B 433 25.89 -4.78 28.39
C GLU B 433 25.65 -3.27 28.24
N ASP B 434 26.69 -2.54 27.84
CA ASP B 434 26.57 -1.08 27.68
C ASP B 434 25.75 -0.71 26.47
N ARG B 435 26.04 -1.37 25.35
CA ARG B 435 25.27 -1.21 24.11
C ARG B 435 23.79 -1.53 24.34
N LEU B 436 23.53 -2.44 25.27
CA LEU B 436 22.17 -2.83 25.64
C LEU B 436 21.52 -1.87 26.62
N ASN B 437 22.33 -1.01 27.22
CA ASN B 437 21.82 -0.08 28.22
C ASN B 437 22.36 1.28 27.96
N PRO B 438 22.02 1.85 26.80
CA PRO B 438 22.49 3.18 26.43
C PRO B 438 22.04 4.22 27.45
N LEU B 439 20.88 4.01 28.03
CA LEU B 439 20.32 5.01 28.95
C LEU B 439 20.59 4.73 30.43
N ARG B 440 21.46 3.75 30.72
CA ARG B 440 21.69 3.38 32.10
C ARG B 440 22.03 4.60 32.95
N GLY B 441 21.25 4.80 34.01
CA GLY B 441 21.55 5.84 34.99
C GLY B 441 21.28 7.26 34.53
N LEU B 442 20.79 7.44 33.29
CA LEU B 442 20.42 8.78 32.83
C LEU B 442 19.05 9.16 33.36
N THR B 443 18.87 10.45 33.62
CA THR B 443 17.61 10.95 34.12
C THR B 443 17.30 12.22 33.36
N ALA B 444 16.16 12.82 33.66
CA ALA B 444 15.79 14.09 33.06
C ALA B 444 15.82 15.21 34.10
N THR B 445 16.47 14.95 35.24
CA THR B 445 16.52 15.85 36.39
C THR B 445 16.97 17.28 36.05
N SER C 1 -12.58 35.88 -34.14
CA SER C 1 -11.37 35.87 -34.99
C SER C 1 -11.47 34.71 -35.98
N SER C 2 -10.58 34.69 -36.97
CA SER C 2 -10.55 33.57 -37.91
C SER C 2 -10.24 32.27 -37.19
N LEU C 3 -9.45 32.36 -36.12
CA LEU C 3 -9.11 31.16 -35.34
C LEU C 3 -10.35 30.64 -34.62
N SER C 4 -11.01 31.50 -33.85
CA SER C 4 -12.25 31.10 -33.18
C SER C 4 -13.28 30.60 -34.20
N ARG C 5 -13.39 31.31 -35.33
CA ARG C 5 -14.26 30.85 -36.39
C ARG C 5 -13.85 29.48 -36.91
N ALA C 6 -12.54 29.25 -37.10
CA ALA C 6 -12.06 27.94 -37.52
C ALA C 6 -12.46 26.88 -36.50
N VAL C 7 -12.26 27.19 -35.22
CA VAL C 7 -12.56 26.24 -34.16
C VAL C 7 -14.05 25.91 -34.14
N LEU C 8 -14.89 26.94 -34.07
CA LEU C 8 -16.34 26.76 -33.98
C LEU C 8 -16.96 26.02 -35.19
N ASP C 9 -16.37 26.23 -36.36
CA ASP C 9 -16.84 25.59 -37.60
C ASP C 9 -16.28 24.17 -37.76
N GLY C 10 -15.48 23.73 -36.79
CA GLY C 10 -14.90 22.39 -36.84
C GLY C 10 -13.94 22.22 -38.01
N ALA C 11 -13.15 23.26 -38.27
CA ALA C 11 -12.20 23.24 -39.37
C ALA C 11 -11.11 22.20 -39.14
N SER C 12 -10.45 21.81 -40.23
CA SER C 12 -9.34 20.86 -40.17
C SER C 12 -8.20 21.40 -39.32
N ALA C 13 -7.30 20.50 -38.90
CA ALA C 13 -6.08 20.89 -38.17
C ALA C 13 -5.28 21.92 -38.97
N ALA C 14 -5.08 21.66 -40.27
CA ALA C 14 -4.35 22.57 -41.13
C ALA C 14 -4.94 23.99 -41.09
N GLU C 15 -6.27 24.07 -41.19
CA GLU C 15 -7.01 25.35 -41.18
C GLU C 15 -6.87 26.06 -39.85
N ILE C 16 -6.96 25.30 -38.77
CA ILE C 16 -6.76 25.87 -37.45
C ILE C 16 -5.35 26.46 -37.33
N GLU C 17 -4.35 25.74 -37.87
CA GLU C 17 -2.96 26.23 -37.86
C GLU C 17 -2.73 27.46 -38.72
N ALA C 18 -3.49 27.56 -39.80
CA ALA C 18 -3.39 28.70 -40.71
C ALA C 18 -4.08 29.95 -40.16
N ALA C 19 -5.04 29.75 -39.26
CA ALA C 19 -5.71 30.88 -38.62
C ALA C 19 -4.80 31.45 -37.54
N PRO C 20 -4.41 32.73 -37.67
CA PRO C 20 -3.48 33.28 -36.69
C PRO C 20 -4.02 33.26 -35.27
N VAL C 21 -3.13 33.12 -34.30
CA VAL C 21 -3.50 33.29 -32.90
C VAL C 21 -3.73 34.77 -32.64
N PRO C 22 -4.93 35.11 -32.11
CA PRO C 22 -5.15 36.52 -31.84
C PRO C 22 -4.22 37.04 -30.75
N ASP C 23 -3.84 38.30 -30.87
CA ASP C 23 -2.96 39.00 -29.94
C ASP C 23 -3.56 39.11 -28.54
N THR C 24 -4.87 39.18 -28.47
CA THR C 24 -5.56 39.23 -27.19
C THR C 24 -6.66 38.19 -27.23
N TYR C 25 -7.27 37.94 -26.09
CA TYR C 25 -8.44 37.09 -26.05
C TYR C 25 -9.28 37.46 -24.88
N LEU C 26 -10.56 37.11 -24.99
CA LEU C 26 -11.57 37.43 -24.02
C LEU C 26 -11.44 36.51 -22.80
N ALA C 27 -11.30 37.13 -21.63
CA ALA C 27 -11.01 36.37 -20.44
C ALA C 27 -11.68 36.97 -19.26
N LEU C 28 -12.24 36.09 -18.44
CA LEU C 28 -12.67 36.45 -17.11
C LEU C 28 -11.40 36.54 -16.29
N HIS C 29 -11.17 37.68 -15.67
CA HIS C 29 -9.92 37.88 -14.99
C HIS C 29 -10.03 38.88 -13.87
N LEU C 30 -8.98 38.94 -13.05
CA LEU C 30 -8.86 39.90 -11.99
C LEU C 30 -7.75 40.82 -12.36
N ARG C 31 -7.75 42.01 -11.78
CA ARG C 31 -6.70 42.97 -12.00
C ARG C 31 -5.99 43.14 -10.67
N ALA C 32 -4.66 43.11 -10.71
CA ALA C 32 -3.84 43.19 -9.51
C ALA C 32 -4.09 44.48 -8.73
N GLU C 33 -4.51 45.52 -9.46
CA GLU C 33 -4.79 46.82 -8.83
CA GLU C 33 -4.82 46.83 -8.88
C GLU C 33 -6.08 46.80 -8.00
N ASP C 34 -6.89 45.76 -8.17
CA ASP C 34 -8.11 45.61 -7.37
C ASP C 34 -7.89 44.77 -6.11
N ALA C 35 -6.68 44.23 -5.95
CA ALA C 35 -6.38 43.26 -4.90
C ALA C 35 -6.81 43.70 -3.49
N ASP C 36 -6.88 45.02 -3.30
CA ASP C 36 -7.19 45.61 -2.01
C ASP C 36 -8.62 46.10 -1.88
N MET C 37 -9.43 45.87 -2.93
CA MET C 37 -10.74 46.50 -3.02
C MET C 37 -11.68 46.04 -1.92
N PHE C 38 -11.43 44.86 -1.38
CA PHE C 38 -12.28 44.32 -0.36
C PHE C 38 -11.70 44.50 1.05
N LYS C 39 -10.74 45.42 1.21
CA LYS C 39 -10.26 45.71 2.56
C LYS C 39 -11.41 46.29 3.36
N GLY C 40 -11.69 45.66 4.50
CA GLY C 40 -12.78 46.11 5.38
C GLY C 40 -14.17 45.85 4.83
N VAL C 41 -14.26 45.09 3.73
CA VAL C 41 -15.54 44.76 3.13
C VAL C 41 -15.93 43.36 3.56
N ALA C 42 -17.10 43.26 4.19
CA ALA C 42 -17.60 41.99 4.69
C ALA C 42 -18.06 41.08 3.56
N ASP C 43 -18.82 41.63 2.61
CA ASP C 43 -19.30 40.83 1.49
C ASP C 43 -18.45 41.10 0.30
N LYS C 44 -17.48 40.21 0.06
CA LYS C 44 -16.52 40.37 -1.00
C LYS C 44 -17.12 39.86 -2.31
N ASP C 45 -18.04 40.67 -2.85
CA ASP C 45 -18.84 40.31 -4.03
C ASP C 45 -17.96 40.15 -5.27
N VAL C 46 -17.86 38.92 -5.74
CA VAL C 46 -16.92 38.57 -6.79
C VAL C 46 -17.29 39.25 -8.10
N ARG C 47 -18.54 39.68 -8.19
CA ARG C 47 -18.99 40.39 -9.37
C ARG C 47 -18.36 41.77 -9.44
N LYS C 48 -17.84 42.25 -8.30
CA LYS C 48 -17.18 43.55 -8.28
C LYS C 48 -15.74 43.47 -8.74
N SER C 49 -15.10 42.33 -8.51
CA SER C 49 -13.68 42.17 -8.82
C SER C 49 -13.47 41.53 -10.18
N LEU C 50 -14.36 40.61 -10.53
CA LEU C 50 -14.28 39.90 -11.79
C LEU C 50 -14.47 40.82 -12.99
N ARG C 51 -13.54 40.74 -13.92
CA ARG C 51 -13.65 41.53 -15.11
C ARG C 51 -13.74 40.59 -16.29
N LEU C 52 -14.39 41.04 -17.34
CA LEU C 52 -14.37 40.31 -18.58
C LEU C 52 -13.87 41.27 -19.63
N GLY C 53 -12.89 40.83 -20.39
CA GLY C 53 -12.34 41.68 -21.44
C GLY C 53 -11.13 41.01 -22.04
N GLU C 54 -10.56 41.67 -23.05
CA GLU C 54 -9.38 41.16 -23.71
C GLU C 54 -8.16 41.23 -22.82
N VAL C 55 -7.41 40.15 -22.81
CA VAL C 55 -6.14 40.14 -22.15
C VAL C 55 -5.09 39.67 -23.16
N PRO C 56 -3.83 39.98 -22.91
CA PRO C 56 -2.78 39.58 -23.83
C PRO C 56 -2.68 38.08 -23.98
N MET C 57 -2.62 37.63 -25.22
CA MET C 57 -2.25 36.24 -25.49
C MET C 57 -0.78 36.07 -25.12
N PRO C 58 -0.48 35.14 -24.21
CA PRO C 58 0.94 34.89 -23.94
C PRO C 58 1.57 33.97 -24.98
N GLU C 59 2.90 34.00 -25.02
CA GLU C 59 3.69 33.13 -25.86
C GLU C 59 3.60 31.73 -25.28
N LEU C 60 3.41 30.75 -26.15
CA LEU C 60 3.21 29.38 -25.72
C LEU C 60 4.56 28.75 -25.38
N ALA C 61 4.65 28.16 -24.20
CA ALA C 61 5.84 27.41 -23.82
C ALA C 61 5.93 26.12 -24.65
N PRO C 62 7.12 25.50 -24.73
CA PRO C 62 7.24 24.32 -25.58
C PRO C 62 6.43 23.12 -25.12
N ASP C 63 6.13 23.05 -23.83
CA ASP C 63 5.39 21.94 -23.28
C ASP C 63 3.93 22.34 -23.09
N GLU C 64 3.53 23.46 -23.69
CA GLU C 64 2.18 23.96 -23.49
C GLU C 64 1.30 23.83 -24.72
N VAL C 65 -0.01 23.94 -24.49
CA VAL C 65 -0.97 23.82 -25.53
C VAL C 65 -1.89 25.00 -25.39
N LEU C 66 -2.18 25.66 -26.51
CA LEU C 66 -3.17 26.68 -26.53
C LEU C 66 -4.49 25.99 -26.81
N VAL C 67 -5.42 26.18 -25.89
CA VAL C 67 -6.73 25.59 -26.04
C VAL C 67 -7.74 26.71 -26.32
N ALA C 68 -8.52 26.53 -27.39
CA ALA C 68 -9.71 27.32 -27.61
C ALA C 68 -10.72 26.72 -26.66
N VAL C 69 -11.00 27.45 -25.57
CA VAL C 69 -11.83 26.97 -24.48
C VAL C 69 -13.31 27.09 -24.85
N MET C 70 -13.96 25.96 -25.04
CA MET C 70 -15.36 25.96 -25.39
C MET C 70 -16.23 26.21 -24.19
N ALA C 71 -15.83 25.63 -23.05
CA ALA C 71 -16.56 25.78 -21.81
C ALA C 71 -15.63 25.60 -20.62
N SER C 72 -16.00 26.17 -19.50
CA SER C 72 -15.23 26.02 -18.28
C SER C 72 -16.25 25.79 -17.17
N SER C 73 -15.84 26.02 -15.93
CA SER C 73 -16.78 25.90 -14.83
C SER C 73 -16.35 26.87 -13.76
N ILE C 74 -17.26 27.17 -12.86
CA ILE C 74 -16.87 27.92 -11.69
C ILE C 74 -16.36 26.87 -10.74
N ASN C 75 -15.25 27.17 -10.10
CA ASN C 75 -14.76 26.33 -9.03
C ASN C 75 -14.65 27.15 -7.80
N TYR C 76 -14.62 26.48 -6.66
CA TYR C 76 -14.53 27.16 -5.40
C TYR C 76 -13.31 28.08 -5.42
N ASN C 77 -12.17 27.63 -5.97
CA ASN C 77 -10.99 28.48 -5.98
C ASN C 77 -11.20 29.73 -6.86
N THR C 78 -12.07 29.62 -7.86
CA THR C 78 -12.44 30.76 -8.69
C THR C 78 -13.03 31.86 -7.81
N VAL C 79 -13.93 31.46 -6.91
CA VAL C 79 -14.57 32.39 -5.97
C VAL C 79 -13.51 33.01 -5.07
N TRP C 80 -12.68 32.16 -4.46
CA TRP C 80 -11.68 32.65 -3.51
C TRP C 80 -10.69 33.58 -4.19
N SER C 81 -10.36 33.25 -5.43
CA SER C 81 -9.59 34.15 -6.29
C SER C 81 -10.24 35.50 -6.39
N ALA C 82 -11.50 35.50 -6.82
CA ALA C 82 -12.23 36.74 -7.06
C ALA C 82 -12.46 37.55 -5.78
N MET C 83 -12.37 36.89 -4.63
CA MET C 83 -12.36 37.56 -3.32
C MET C 83 -10.98 38.03 -2.87
N PHE C 84 -9.96 37.68 -3.65
CA PHE C 84 -8.56 37.91 -3.32
C PHE C 84 -8.19 37.30 -1.97
N GLU C 85 -8.84 36.20 -1.62
CA GLU C 85 -8.66 35.59 -0.31
C GLU C 85 -8.17 34.14 -0.40
N PRO C 86 -7.46 33.69 0.65
CA PRO C 86 -7.05 34.55 1.78
C PRO C 86 -5.89 35.46 1.36
N ILE C 87 -5.34 35.16 0.20
CA ILE C 87 -4.19 35.83 -0.38
C ILE C 87 -4.61 36.15 -1.82
N PRO C 88 -4.36 37.38 -2.30
CA PRO C 88 -4.63 37.63 -3.71
C PRO C 88 -3.84 36.60 -4.54
N THR C 89 -4.48 36.04 -5.57
CA THR C 89 -3.85 35.02 -6.39
C THR C 89 -2.57 35.54 -7.03
N PHE C 90 -2.48 36.85 -7.12
CA PHE C 90 -1.30 37.49 -7.66
C PHE C 90 -0.05 37.15 -6.86
N HIS C 91 -0.20 36.91 -5.56
CA HIS C 91 0.93 36.42 -4.77
C HIS C 91 1.42 35.09 -5.35
N PHE C 92 0.47 34.22 -5.72
CA PHE C 92 0.80 32.90 -6.28
C PHE C 92 1.38 33.07 -7.66
N LEU C 93 0.85 34.02 -8.41
CA LEU C 93 1.38 34.31 -9.74
C LEU C 93 2.83 34.77 -9.70
N LYS C 94 3.14 35.64 -8.74
CA LYS C 94 4.50 36.16 -8.63
C LYS C 94 5.43 35.04 -8.15
N GLN C 95 4.93 34.24 -7.22
CA GLN C 95 5.67 33.11 -6.70
C GLN C 95 5.96 32.09 -7.79
N ASN C 96 4.96 31.81 -8.62
CA ASN C 96 5.13 31.02 -9.83
C ASN C 96 6.24 31.61 -10.69
N ALA C 97 6.11 32.89 -11.04
CA ALA C 97 7.06 33.57 -11.91
C ALA C 97 8.48 33.62 -11.36
N ARG C 98 8.64 33.46 -10.05
CA ARG C 98 9.96 33.51 -9.43
C ARG C 98 10.81 32.32 -9.83
N GLN C 99 10.19 31.33 -10.45
CA GLN C 99 10.90 30.24 -11.07
C GLN C 99 11.70 30.70 -12.27
N GLY C 100 11.29 31.81 -12.89
CA GLY C 100 12.00 32.31 -14.06
C GLY C 100 11.64 31.48 -15.27
N GLY C 101 12.36 31.68 -16.35
CA GLY C 101 12.09 30.99 -17.60
C GLY C 101 10.64 31.25 -17.97
N TRP C 102 9.99 30.22 -18.48
CA TRP C 102 8.63 30.35 -18.97
C TRP C 102 7.65 30.74 -17.89
N ALA C 103 7.98 30.45 -16.63
CA ALA C 103 7.07 30.76 -15.53
C ALA C 103 6.79 32.26 -15.40
N THR C 104 7.74 33.09 -15.86
CA THR C 104 7.62 34.55 -15.70
C THR C 104 6.35 35.12 -16.30
N ARG C 105 5.82 34.43 -17.33
CA ARG C 105 4.63 34.93 -18.04
C ARG C 105 3.40 35.01 -17.14
N HIS C 106 3.40 34.21 -16.06
CA HIS C 106 2.25 34.14 -15.17
C HIS C 106 2.12 35.37 -14.30
N ASP C 107 3.23 36.07 -14.10
CA ASP C 107 3.23 37.26 -13.28
C ASP C 107 2.73 38.41 -14.12
N GLN C 108 1.44 38.67 -14.01
CA GLN C 108 0.76 39.69 -14.80
C GLN C 108 -0.16 40.54 -13.92
N PRO C 109 -0.51 41.76 -14.38
CA PRO C 109 -1.48 42.54 -13.61
C PRO C 109 -2.91 42.05 -13.80
N TYR C 110 -3.09 41.09 -14.70
CA TYR C 110 -4.39 40.45 -14.88
C TYR C 110 -4.20 38.99 -14.54
N HIS C 111 -5.24 38.37 -14.03
CA HIS C 111 -5.20 36.95 -13.78
C HIS C 111 -6.40 36.30 -14.40
N VAL C 112 -6.18 35.54 -15.47
CA VAL C 112 -7.25 34.77 -16.09
C VAL C 112 -7.52 33.55 -15.22
N LEU C 113 -8.73 33.50 -14.68
CA LEU C 113 -9.13 32.45 -13.78
C LEU C 113 -9.67 31.29 -14.58
N GLY C 114 -10.07 30.23 -13.90
CA GLY C 114 -10.65 29.10 -14.61
C GLY C 114 -9.70 27.96 -14.40
N SER C 115 -10.20 26.93 -13.75
CA SER C 115 -9.32 25.84 -13.31
C SER C 115 -9.68 24.53 -13.95
N ASP C 116 -10.73 24.51 -14.76
CA ASP C 116 -10.90 23.43 -15.73
C ASP C 116 -11.48 23.97 -17.01
N CYS C 117 -11.61 23.11 -18.00
CA CYS C 117 -12.27 23.48 -19.22
C CYS C 117 -12.32 22.31 -20.16
N SER C 118 -13.09 22.51 -21.21
CA SER C 118 -13.11 21.62 -22.35
C SER C 118 -12.93 22.54 -23.54
N GLY C 119 -12.34 22.04 -24.60
CA GLY C 119 -12.15 22.91 -25.74
C GLY C 119 -11.40 22.17 -26.80
N VAL C 120 -10.78 22.94 -27.68
CA VAL C 120 -10.17 22.41 -28.86
C VAL C 120 -8.77 22.94 -28.87
N VAL C 121 -7.81 22.03 -29.02
CA VAL C 121 -6.42 22.41 -29.16
C VAL C 121 -6.31 23.27 -30.41
N VAL C 122 -5.64 24.40 -30.30
CA VAL C 122 -5.38 25.25 -31.46
C VAL C 122 -3.90 25.41 -31.75
N ARG C 123 -3.06 25.32 -30.73
CA ARG C 123 -1.61 25.34 -30.93
C ARG C 123 -0.94 24.46 -29.90
N THR C 124 0.18 23.88 -30.30
CA THR C 124 1.00 23.09 -29.39
C THR C 124 2.41 23.62 -29.41
N GLY C 125 3.04 23.62 -28.24
CA GLY C 125 4.43 23.99 -28.15
C GLY C 125 5.24 22.91 -28.87
N ILE C 126 6.48 23.22 -29.20
CA ILE C 126 7.29 22.35 -30.04
C ILE C 126 7.70 21.09 -29.29
N GLY C 127 7.52 21.11 -27.98
CA GLY C 127 7.79 19.94 -27.13
C GLY C 127 6.56 19.15 -26.77
N VAL C 128 5.43 19.48 -27.38
CA VAL C 128 4.20 18.75 -27.13
C VAL C 128 4.08 17.58 -28.08
N ARG C 129 3.72 16.43 -27.52
CA ARG C 129 3.57 15.21 -28.28
C ARG C 129 2.11 14.89 -28.51
N ARG C 130 1.85 14.32 -29.68
CA ARG C 130 0.56 13.69 -30.00
C ARG C 130 -0.61 14.64 -30.20
N TRP C 131 -0.86 15.55 -29.25
CA TRP C 131 -1.92 16.55 -29.40
C TRP C 131 -1.75 17.37 -30.69
N LYS C 132 -2.86 17.59 -31.37
CA LYS C 132 -2.86 18.37 -32.59
C LYS C 132 -4.03 19.36 -32.61
N PRO C 133 -3.85 20.50 -33.31
CA PRO C 133 -4.94 21.43 -33.47
C PRO C 133 -6.19 20.67 -33.93
N GLY C 134 -7.33 21.07 -33.39
CA GLY C 134 -8.58 20.39 -33.68
C GLY C 134 -8.93 19.34 -32.65
N ASP C 135 -7.95 18.91 -31.86
CA ASP C 135 -8.20 17.87 -30.87
C ASP C 135 -9.13 18.37 -29.79
N HIS C 136 -10.13 17.55 -29.49
CA HIS C 136 -11.08 17.89 -28.45
C HIS C 136 -10.48 17.43 -27.14
N VAL C 137 -10.39 18.35 -26.20
CA VAL C 137 -9.72 18.04 -24.94
C VAL C 137 -10.50 18.53 -23.75
N ILE C 138 -10.15 17.98 -22.59
CA ILE C 138 -10.50 18.62 -21.35
C ILE C 138 -9.20 18.99 -20.71
N VAL C 139 -9.24 19.99 -19.85
CA VAL C 139 -8.04 20.38 -19.14
C VAL C 139 -8.32 20.15 -17.69
N HIS C 140 -7.40 19.49 -17.04
CA HIS C 140 -7.54 19.37 -15.61
C HIS C 140 -6.49 20.30 -14.99
N PRO C 141 -6.66 20.63 -13.70
CA PRO C 141 -5.91 21.75 -13.13
C PRO C 141 -4.46 21.48 -12.70
N ALA C 142 -4.02 20.22 -12.74
CA ALA C 142 -2.71 19.88 -12.24
C ALA C 142 -1.60 20.38 -13.16
N HIS C 143 -1.17 21.60 -12.89
CA HIS C 143 -0.11 22.27 -13.61
C HIS C 143 1.16 21.91 -12.87
N VAL C 144 1.88 20.93 -13.39
CA VAL C 144 2.95 20.34 -12.59
C VAL C 144 4.27 20.41 -13.33
N ASP C 145 5.36 20.20 -12.61
CA ASP C 145 6.67 20.30 -13.22
C ASP C 145 7.16 18.89 -13.38
N GLU C 146 7.20 18.41 -14.61
CA GLU C 146 7.53 17.02 -14.84
C GLU C 146 9.01 16.73 -14.74
N GLN C 147 9.81 17.76 -14.43
CA GLN C 147 11.26 17.61 -14.21
CA GLN C 147 11.24 17.54 -14.25
C GLN C 147 11.55 17.31 -12.76
N GLU C 148 10.61 17.67 -11.92
CA GLU C 148 10.69 17.38 -10.50
C GLU C 148 10.63 15.86 -10.30
N PRO C 149 11.57 15.30 -9.53
CA PRO C 149 11.46 13.87 -9.28
C PRO C 149 10.12 13.49 -8.64
N ALA C 150 9.64 14.24 -7.65
CA ALA C 150 8.37 13.90 -6.99
C ALA C 150 7.25 13.66 -8.01
N THR C 151 7.26 14.40 -9.11
CA THR C 151 6.17 14.33 -10.09
C THR C 151 6.05 12.92 -10.63
N HIS C 152 7.19 12.22 -10.68
CA HIS C 152 7.27 10.89 -11.26
C HIS C 152 6.89 9.81 -10.28
N GLY C 153 6.65 10.21 -9.04
CA GLY C 153 6.08 9.30 -8.05
C GLY C 153 4.60 9.58 -7.93
N ASP C 154 4.26 10.84 -8.08
CA ASP C 154 2.88 11.31 -7.92
C ASP C 154 2.81 12.72 -8.47
N GLY C 155 2.17 12.88 -9.60
CA GLY C 155 2.07 14.21 -10.21
C GLY C 155 1.63 15.33 -9.28
N MET C 156 0.95 15.01 -8.18
CA MET C 156 0.44 16.05 -7.32
C MET C 156 1.47 16.52 -6.31
N LEU C 157 2.59 15.81 -6.27
CA LEU C 157 3.45 15.89 -5.10
C LEU C 157 4.65 16.78 -5.27
N GLY C 158 4.90 17.23 -6.49
CA GLY C 158 6.03 18.13 -6.76
C GLY C 158 5.81 19.45 -6.04
N THR C 159 6.91 20.09 -5.63
CA THR C 159 6.85 21.40 -4.98
C THR C 159 6.33 22.45 -5.97
N GLU C 160 6.43 22.18 -7.26
CA GLU C 160 5.95 23.17 -8.24
C GLU C 160 4.56 22.88 -8.72
N GLN C 161 3.91 21.91 -8.10
CA GLN C 161 2.54 21.61 -8.46
C GLN C 161 1.64 22.81 -8.20
N ARG C 162 0.87 23.20 -9.22
CA ARG C 162 0.00 24.33 -9.10
C ARG C 162 -1.38 24.05 -9.65
N ALA C 163 -2.36 24.78 -9.11
CA ALA C 163 -3.69 24.74 -9.65
C ALA C 163 -3.83 25.70 -10.82
N TRP C 164 -4.08 25.13 -11.99
CA TRP C 164 -4.27 25.90 -13.20
C TRP C 164 -5.29 27.00 -12.96
N GLY C 165 -4.94 28.23 -13.32
CA GLY C 165 -5.91 29.31 -13.27
C GLY C 165 -6.13 29.87 -11.88
N PHE C 166 -5.36 29.34 -10.93
CA PHE C 166 -5.43 29.78 -9.56
C PHE C 166 -4.05 30.16 -9.09
N GLU C 167 -3.11 29.23 -9.18
CA GLU C 167 -1.71 29.58 -9.00
C GLU C 167 -0.97 29.72 -10.31
N THR C 168 -1.70 29.62 -11.42
CA THR C 168 -1.13 29.96 -12.72
C THR C 168 -2.05 30.94 -13.38
N ASN C 169 -1.54 31.61 -14.39
CA ASN C 169 -2.39 32.48 -15.17
C ASN C 169 -2.95 31.68 -16.33
N PHE C 170 -3.71 32.34 -17.20
CA PHE C 170 -4.21 31.73 -18.43
C PHE C 170 -5.11 30.53 -18.17
N GLY C 171 -5.97 30.71 -17.18
CA GLY C 171 -6.97 29.72 -16.83
C GLY C 171 -8.08 29.63 -17.88
N GLY C 172 -9.05 28.76 -17.60
CA GLY C 172 -10.02 28.37 -18.62
C GLY C 172 -11.32 29.16 -18.66
N LEU C 173 -11.45 30.19 -17.82
CA LEU C 173 -12.64 31.05 -17.89
C LEU C 173 -12.36 32.19 -18.86
N ALA C 174 -12.20 31.79 -20.12
CA ALA C 174 -11.68 32.65 -21.18
C ALA C 174 -11.92 31.89 -22.47
N GLU C 175 -11.77 32.57 -23.60
CA GLU C 175 -11.92 31.89 -24.88
C GLU C 175 -10.72 31.03 -25.22
N TYR C 176 -9.58 31.31 -24.58
CA TYR C 176 -8.39 30.47 -24.74
C TYR C 176 -7.81 30.19 -23.38
N GLY C 177 -7.16 29.05 -23.25
CA GLY C 177 -6.47 28.70 -22.03
C GLY C 177 -5.09 28.22 -22.45
N VAL C 178 -4.11 28.50 -21.60
CA VAL C 178 -2.77 28.02 -21.84
C VAL C 178 -2.49 26.98 -20.77
N VAL C 179 -2.23 25.76 -21.22
CA VAL C 179 -2.09 24.63 -20.32
C VAL C 179 -0.80 23.89 -20.62
N ARG C 180 -0.29 23.15 -19.67
CA ARG C 180 0.79 22.22 -19.97
C ARG C 180 0.13 21.02 -20.60
N ALA C 181 0.79 20.43 -21.58
CA ALA C 181 0.27 19.22 -22.20
C ALA C 181 -0.08 18.13 -21.18
N SER C 182 0.56 18.14 -19.99
CA SER C 182 0.22 17.14 -18.97
C SER C 182 -1.05 17.52 -18.21
N GLN C 183 -1.76 18.54 -18.69
CA GLN C 183 -3.07 18.85 -18.15
C GLN C 183 -4.16 18.35 -19.06
N LEU C 184 -3.76 17.83 -20.22
CA LEU C 184 -4.72 17.52 -21.27
C LEU C 184 -5.15 16.11 -21.29
N LEU C 185 -6.44 15.93 -21.50
CA LEU C 185 -7.00 14.61 -21.76
C LEU C 185 -8.03 14.73 -22.87
N PRO C 186 -8.20 13.64 -23.64
CA PRO C 186 -9.24 13.66 -24.64
C PRO C 186 -10.60 13.89 -24.00
N LYS C 187 -11.34 14.86 -24.52
CA LYS C 187 -12.68 15.13 -24.08
C LYS C 187 -13.55 13.90 -24.28
N PRO C 188 -14.34 13.50 -23.26
CA PRO C 188 -15.34 12.46 -23.47
C PRO C 188 -16.28 12.85 -24.61
N ALA C 189 -16.31 12.00 -25.63
CA ALA C 189 -16.84 12.34 -26.94
C ALA C 189 -18.36 12.57 -26.94
N HIS C 190 -19.03 11.99 -25.95
CA HIS C 190 -20.50 11.97 -25.87
C HIS C 190 -21.05 13.15 -25.06
N LEU C 191 -20.14 13.92 -24.49
CA LEU C 191 -20.49 15.07 -23.71
C LEU C 191 -20.48 16.35 -24.55
N THR C 192 -21.32 17.30 -24.16
CA THR C 192 -21.26 18.63 -24.72
C THR C 192 -20.05 19.31 -24.06
N TRP C 193 -19.61 20.43 -24.62
CA TRP C 193 -18.49 21.20 -24.05
C TRP C 193 -18.68 21.49 -22.57
N GLU C 194 -19.85 21.99 -22.21
CA GLU C 194 -20.13 22.42 -20.85
C GLU C 194 -20.10 21.22 -19.88
N GLU C 195 -20.70 20.12 -20.31
CA GLU C 195 -20.72 18.89 -19.53
C GLU C 195 -19.32 18.37 -19.29
N ALA C 196 -18.49 18.40 -20.34
CA ALA C 196 -17.11 17.89 -20.23
C ALA C 196 -16.29 18.78 -19.33
N ALA C 197 -16.52 20.08 -19.44
CA ALA C 197 -15.79 21.09 -18.69
C ALA C 197 -16.06 21.14 -17.20
N VAL C 198 -17.23 20.70 -16.74
CA VAL C 198 -17.57 20.86 -15.33
C VAL C 198 -16.81 19.90 -14.43
N SER C 199 -16.22 18.84 -14.99
CA SER C 199 -15.76 17.72 -14.15
C SER C 199 -14.30 17.65 -13.72
N PRO C 200 -13.36 18.13 -14.55
CA PRO C 200 -11.98 17.74 -14.26
C PRO C 200 -11.51 18.06 -12.84
N LEU C 201 -11.68 19.30 -12.40
CA LEU C 201 -11.16 19.65 -11.08
C LEU C 201 -11.89 18.86 -9.99
N CYS C 202 -13.21 18.98 -9.93
CA CYS C 202 -13.93 18.37 -8.79
C CYS C 202 -13.97 16.86 -8.87
N ALA C 203 -14.24 16.34 -10.06
CA ALA C 203 -14.27 14.90 -10.24
C ALA C 203 -12.87 14.31 -9.99
N GLY C 204 -11.83 14.95 -10.50
CA GLY C 204 -10.47 14.45 -10.33
C GLY C 204 -10.10 14.45 -8.86
N THR C 205 -10.48 15.53 -8.16
CA THR C 205 -10.22 15.67 -6.74
C THR C 205 -10.93 14.58 -5.96
N ALA C 206 -12.20 14.38 -6.29
CA ALA C 206 -13.02 13.37 -5.65
C ALA C 206 -12.44 11.98 -5.98
N TYR C 207 -12.00 11.82 -7.22
CA TYR C 207 -11.43 10.54 -7.63
C TYR C 207 -10.18 10.25 -6.79
N ARG C 208 -9.30 11.23 -6.70
CA ARG C 208 -8.07 11.01 -5.96
C ARG C 208 -8.40 10.69 -4.52
N MET C 209 -9.36 11.40 -3.97
CA MET C 209 -9.73 11.22 -2.57
C MET C 209 -10.32 9.86 -2.27
N LEU C 210 -11.04 9.30 -3.23
CA LEU C 210 -11.85 8.12 -2.94
C LEU C 210 -11.44 6.88 -3.67
N VAL C 211 -11.07 7.02 -4.94
CA VAL C 211 -10.90 5.85 -5.78
C VAL C 211 -9.43 5.48 -5.84
N SER C 212 -8.60 6.51 -5.99
CA SER C 212 -7.17 6.33 -6.24
C SER C 212 -6.46 5.69 -5.07
N ASP C 213 -5.34 5.02 -5.36
CA ASP C 213 -4.54 4.48 -4.29
C ASP C 213 -3.75 5.60 -3.62
N ARG C 214 -3.89 6.83 -4.10
CA ARG C 214 -3.26 7.98 -3.44
C ARG C 214 -4.18 8.59 -2.43
N GLY C 215 -5.43 8.15 -2.38
CA GLY C 215 -6.34 8.70 -1.41
C GLY C 215 -6.82 7.67 -0.42
N ALA C 216 -8.09 7.75 -0.06
CA ALA C 216 -8.71 6.78 0.84
C ALA C 216 -8.77 5.39 0.23
N GLN C 217 -8.84 5.32 -1.09
CA GLN C 217 -8.89 4.07 -1.86
C GLN C 217 -9.99 3.17 -1.35
N MET C 218 -11.21 3.59 -1.65
CA MET C 218 -12.39 2.86 -1.30
C MET C 218 -12.36 1.51 -1.98
N LYS C 219 -13.06 0.57 -1.38
CA LYS C 219 -13.37 -0.67 -2.04
C LYS C 219 -14.88 -0.83 -2.03
N GLN C 220 -15.38 -1.74 -2.84
CA GLN C 220 -16.79 -2.05 -2.79
C GLN C 220 -17.20 -2.47 -1.39
N GLY C 221 -18.40 -2.04 -1.02
CA GLY C 221 -18.89 -2.28 0.32
C GLY C 221 -18.54 -1.19 1.32
N ASP C 222 -17.59 -0.32 0.99
CA ASP C 222 -17.22 0.76 1.89
C ASP C 222 -18.39 1.70 2.03
N ILE C 223 -18.57 2.22 3.22
CA ILE C 223 -19.59 3.20 3.46
C ILE C 223 -18.82 4.51 3.53
N VAL C 224 -19.20 5.45 2.68
CA VAL C 224 -18.48 6.70 2.57
C VAL C 224 -19.42 7.82 3.00
N LEU C 225 -19.08 8.50 4.10
CA LEU C 225 -19.85 9.67 4.51
C LEU C 225 -19.37 10.85 3.68
N ILE C 226 -20.27 11.52 2.97
CA ILE C 226 -19.86 12.59 2.09
C ILE C 226 -20.42 13.89 2.61
N TRP C 227 -19.54 14.73 3.18
CA TRP C 227 -19.92 16.06 3.60
C TRP C 227 -20.16 16.93 2.38
N GLY C 228 -20.97 17.98 2.56
CA GLY C 228 -21.23 18.94 1.46
C GLY C 228 -21.55 18.23 0.17
N ALA C 229 -22.38 17.21 0.26
CA ALA C 229 -22.52 16.22 -0.83
C ALA C 229 -23.17 16.71 -2.12
N SER C 230 -23.91 17.82 -2.10
CA SER C 230 -24.56 18.28 -3.30
C SER C 230 -23.66 19.15 -4.17
N GLY C 231 -22.52 19.60 -3.62
CA GLY C 231 -21.63 20.50 -4.33
C GLY C 231 -20.83 19.87 -5.48
N GLY C 232 -19.90 20.63 -6.05
CA GLY C 232 -19.08 20.11 -7.14
C GLY C 232 -18.38 18.82 -6.76
N LEU C 233 -17.71 18.85 -5.61
CA LEU C 233 -16.92 17.70 -5.14
C LEU C 233 -17.83 16.53 -4.78
N GLY C 234 -18.82 16.85 -3.95
CA GLY C 234 -19.76 15.88 -3.45
C GLY C 234 -20.46 15.14 -4.57
N SER C 235 -20.84 15.86 -5.62
CA SER C 235 -21.56 15.27 -6.74
C SER C 235 -20.74 14.24 -7.49
N TYR C 236 -19.42 14.35 -7.41
CA TYR C 236 -18.62 13.30 -8.01
C TYR C 236 -18.31 12.22 -7.00
N ALA C 237 -18.05 12.62 -5.76
CA ALA C 237 -17.87 11.63 -4.69
C ALA C 237 -18.99 10.59 -4.66
N ILE C 238 -20.21 11.08 -4.61
CA ILE C 238 -21.36 10.20 -4.58
C ILE C 238 -21.24 9.14 -5.66
N GLN C 239 -20.91 9.61 -6.85
CA GLN C 239 -20.86 8.77 -8.03
C GLN C 239 -19.71 7.76 -8.03
N PHE C 240 -18.52 8.17 -7.59
CA PHE C 240 -17.42 7.22 -7.48
C PHE C 240 -17.71 6.21 -6.40
N VAL C 241 -18.36 6.64 -5.32
CA VAL C 241 -18.67 5.71 -4.26
C VAL C 241 -19.65 4.68 -4.81
N LYS C 242 -20.72 5.17 -5.42
CA LYS C 242 -21.70 4.31 -6.02
C LYS C 242 -21.08 3.41 -7.09
N ASN C 243 -20.35 4.02 -8.02
CA ASN C 243 -19.74 3.26 -9.09
C ASN C 243 -18.78 2.15 -8.62
N GLY C 244 -18.09 2.41 -7.52
CA GLY C 244 -17.16 1.45 -6.95
C GLY C 244 -17.78 0.42 -6.03
N GLY C 245 -19.10 0.42 -5.92
CA GLY C 245 -19.81 -0.56 -5.09
C GLY C 245 -19.81 -0.19 -3.63
N GLY C 246 -19.52 1.09 -3.37
CA GLY C 246 -19.56 1.67 -2.04
C GLY C 246 -20.96 2.12 -1.73
N ILE C 247 -21.15 2.55 -0.49
CA ILE C 247 -22.43 3.05 -0.04
C ILE C 247 -22.25 4.49 0.41
N PRO C 248 -22.72 5.42 -0.43
CA PRO C 248 -22.53 6.80 -0.04
C PRO C 248 -23.62 7.22 0.94
N VAL C 249 -23.26 8.09 1.86
CA VAL C 249 -24.24 8.67 2.74
C VAL C 249 -23.92 10.12 2.66
N ALA C 250 -24.84 10.87 2.05
CA ALA C 250 -24.62 12.27 1.79
C ALA C 250 -24.97 13.04 3.03
N VAL C 251 -24.19 14.06 3.33
CA VAL C 251 -24.60 15.02 4.34
C VAL C 251 -24.85 16.29 3.58
N VAL C 252 -26.04 16.82 3.75
CA VAL C 252 -26.45 18.07 3.10
C VAL C 252 -27.13 18.93 4.16
N SER C 253 -27.25 20.22 3.88
CA SER C 253 -27.69 21.19 4.89
C SER C 253 -29.13 21.60 4.65
N SER C 254 -29.70 21.17 3.53
CA SER C 254 -31.05 21.57 3.18
C SER C 254 -31.80 20.53 2.35
N ALA C 255 -33.12 20.70 2.27
CA ALA C 255 -33.99 19.88 1.42
C ALA C 255 -33.55 19.92 -0.06
N GLN C 256 -33.15 21.10 -0.53
CA GLN C 256 -32.79 21.30 -1.93
C GLN C 256 -31.52 20.52 -2.23
N LYS C 257 -30.59 20.57 -1.29
CA LYS C 257 -29.33 19.87 -1.48
C LYS C 257 -29.56 18.37 -1.41
N GLU C 258 -30.49 17.95 -0.55
CA GLU C 258 -30.92 16.55 -0.50
C GLU C 258 -31.49 16.08 -1.84
N ALA C 259 -32.35 16.91 -2.45
CA ALA C 259 -32.88 16.60 -3.78
C ALA C 259 -31.74 16.37 -4.78
N ALA C 260 -30.70 17.21 -4.71
CA ALA C 260 -29.56 17.09 -5.62
C ALA C 260 -28.85 15.75 -5.49
N VAL C 261 -28.51 15.38 -4.26
CA VAL C 261 -27.77 14.13 -4.05
C VAL C 261 -28.61 12.91 -4.42
N ARG C 262 -29.91 12.95 -4.14
CA ARG C 262 -30.80 11.85 -4.53
C ARG C 262 -30.88 11.74 -6.06
N ALA C 263 -30.93 12.88 -6.74
CA ALA C 263 -30.84 12.90 -8.20
C ALA C 263 -29.59 12.16 -8.67
N LEU C 264 -28.53 12.18 -7.87
CA LEU C 264 -27.29 11.46 -8.21
C LEU C 264 -27.33 10.00 -7.71
N GLY C 265 -28.49 9.58 -7.20
CA GLY C 265 -28.67 8.21 -6.80
C GLY C 265 -28.12 7.93 -5.43
N CYS C 266 -27.82 9.00 -4.69
CA CYS C 266 -27.50 8.84 -3.29
C CYS C 266 -28.76 8.79 -2.46
N ASP C 267 -29.21 7.59 -2.12
CA ASP C 267 -30.48 7.44 -1.40
C ASP C 267 -30.36 7.56 0.13
N LEU C 268 -29.14 7.45 0.65
CA LEU C 268 -28.89 7.65 2.08
C LEU C 268 -28.44 9.08 2.31
N VAL C 269 -29.25 9.85 3.02
CA VAL C 269 -28.98 11.27 3.19
C VAL C 269 -29.21 11.66 4.63
N ILE C 270 -28.26 12.42 5.16
CA ILE C 270 -28.36 12.94 6.50
C ILE C 270 -28.39 14.44 6.32
N ASN C 271 -29.30 15.12 6.99
CA ASN C 271 -29.33 16.57 6.93
C ASN C 271 -28.51 17.16 8.09
N ARG C 272 -27.53 18.02 7.75
CA ARG C 272 -26.69 18.71 8.73
C ARG C 272 -27.49 19.44 9.81
N ALA C 273 -28.46 20.23 9.37
CA ALA C 273 -29.35 20.97 10.28
C ALA C 273 -30.12 20.04 11.20
N GLU C 274 -30.67 18.96 10.64
CA GLU C 274 -31.15 17.80 11.43
C GLU C 274 -30.31 17.77 12.71
N LEU C 275 -28.99 17.68 12.55
CA LEU C 275 -28.04 17.45 13.65
C LEU C 275 -27.45 18.66 14.37
N GLY C 276 -27.86 19.87 14.00
CA GLY C 276 -27.56 21.05 14.80
C GLY C 276 -26.27 21.80 14.52
N ILE C 277 -25.46 21.28 13.60
CA ILE C 277 -24.20 21.90 13.18
C ILE C 277 -24.27 23.41 12.91
N THR C 278 -23.52 24.16 13.71
CA THR C 278 -23.25 25.58 13.45
C THR C 278 -21.75 25.75 13.56
N ASP C 279 -21.24 26.94 13.24
CA ASP C 279 -19.80 27.19 13.25
C ASP C 279 -19.17 27.28 14.63
N ASP C 280 -19.93 26.96 15.66
CA ASP C 280 -19.39 26.97 17.02
C ASP C 280 -19.46 25.59 17.67
N ILE C 281 -20.01 24.62 16.94
CA ILE C 281 -19.92 23.22 17.37
C ILE C 281 -18.44 22.83 17.51
N ALA C 282 -17.65 23.19 16.49
CA ALA C 282 -16.22 22.92 16.44
C ALA C 282 -15.51 23.32 17.73
N ASP C 283 -16.01 24.38 18.35
CA ASP C 283 -15.42 24.99 19.54
C ASP C 283 -15.91 24.33 20.82
N ASP C 284 -16.85 23.41 20.67
CA ASP C 284 -17.46 22.72 21.79
C ASP C 284 -17.17 21.22 21.66
N PRO C 285 -16.08 20.76 22.30
CA PRO C 285 -15.62 19.38 22.19
C PRO C 285 -16.69 18.38 22.65
N ARG C 286 -17.41 18.69 23.72
CA ARG C 286 -18.44 17.79 24.23
C ARG C 286 -19.60 17.70 23.24
N ARG C 287 -19.93 18.81 22.61
CA ARG C 287 -20.94 18.85 21.56
C ARG C 287 -20.49 18.05 20.31
N VAL C 288 -19.25 18.26 19.87
CA VAL C 288 -18.67 17.50 18.74
C VAL C 288 -18.78 16.00 18.98
N VAL C 289 -18.48 15.60 20.22
CA VAL C 289 -18.50 14.20 20.59
C VAL C 289 -19.93 13.67 20.57
N GLU C 290 -20.83 14.37 21.26
CA GLU C 290 -22.21 13.96 21.30
C GLU C 290 -22.87 13.99 19.91
N THR C 291 -22.55 15.00 19.12
CA THR C 291 -23.09 15.14 17.76
C THR C 291 -22.45 14.11 16.81
N GLY C 292 -21.16 13.88 16.97
CA GLY C 292 -20.48 12.79 16.25
C GLY C 292 -21.12 11.43 16.51
N ARG C 293 -21.35 11.15 17.78
CA ARG C 293 -22.02 9.91 18.14
C ARG C 293 -23.39 9.76 17.46
N LYS C 294 -24.21 10.81 17.51
CA LYS C 294 -25.48 10.85 16.80
C LYS C 294 -25.31 10.69 15.30
N LEU C 295 -24.36 11.42 14.73
CA LEU C 295 -24.04 11.25 13.33
C LEU C 295 -23.63 9.80 13.08
N ALA C 296 -22.73 9.24 13.89
CA ALA C 296 -22.30 7.86 13.70
C ALA C 296 -23.51 6.94 13.75
N LYS C 297 -24.34 7.12 14.78
CA LYS C 297 -25.56 6.34 14.96
C LYS C 297 -26.43 6.44 13.72
N LEU C 298 -26.56 7.65 13.20
CA LEU C 298 -27.40 7.87 12.03
C LEU C 298 -26.82 7.15 10.80
N VAL C 299 -25.50 7.16 10.66
CA VAL C 299 -24.87 6.41 9.56
C VAL C 299 -25.08 4.89 9.75
N VAL C 300 -24.89 4.40 10.97
CA VAL C 300 -25.10 2.98 11.24
C VAL C 300 -26.53 2.60 10.88
N GLU C 301 -27.50 3.43 11.28
CA GLU C 301 -28.89 3.18 10.96
C GLU C 301 -29.12 3.16 9.46
N LYS C 302 -28.47 4.08 8.77
CA LYS C 302 -28.68 4.24 7.34
C LYS C 302 -27.92 3.25 6.50
N ALA C 303 -26.63 3.07 6.81
CA ALA C 303 -25.73 2.33 5.94
C ALA C 303 -25.38 0.99 6.59
N GLY C 304 -25.60 0.90 7.88
CA GLY C 304 -25.46 -0.37 8.59
C GLY C 304 -24.21 -0.41 9.44
N ARG C 305 -23.27 0.50 9.18
CA ARG C 305 -22.03 0.62 9.96
C ARG C 305 -21.61 2.06 9.93
N GLU C 306 -20.64 2.41 10.78
CA GLU C 306 -20.00 3.71 10.70
C GLU C 306 -19.25 3.82 9.37
N PRO C 307 -19.08 5.06 8.88
CA PRO C 307 -18.42 5.21 7.59
C PRO C 307 -17.00 4.67 7.62
N ASP C 308 -16.65 3.95 6.58
CA ASP C 308 -15.29 3.52 6.33
C ASP C 308 -14.43 4.68 5.91
N ILE C 309 -15.03 5.60 5.17
CA ILE C 309 -14.29 6.77 4.69
C ILE C 309 -15.17 7.97 4.92
N VAL C 310 -14.60 9.07 5.37
CA VAL C 310 -15.34 10.30 5.51
C VAL C 310 -14.70 11.24 4.52
N PHE C 311 -15.56 11.77 3.64
CA PHE C 311 -15.13 12.62 2.57
C PHE C 311 -15.29 14.06 3.04
N GLU C 312 -14.17 14.65 3.42
CA GLU C 312 -14.17 15.94 4.07
C GLU C 312 -13.76 17.00 3.09
N HIS C 313 -14.16 18.23 3.40
CA HIS C 313 -13.80 19.41 2.63
C HIS C 313 -14.51 20.59 3.26
N THR C 314 -15.49 20.28 4.11
CA THR C 314 -16.31 21.29 4.77
C THR C 314 -15.54 21.94 5.91
N GLY C 315 -14.56 21.23 6.45
CA GLY C 315 -13.57 21.86 7.29
C GLY C 315 -13.89 21.89 8.77
N ARG C 316 -13.48 22.98 9.44
CA ARG C 316 -13.46 23.08 10.90
C ARG C 316 -14.74 22.61 11.54
N VAL C 317 -15.85 22.93 10.91
CA VAL C 317 -17.16 22.74 11.49
C VAL C 317 -17.47 21.25 11.63
N THR C 318 -17.06 20.48 10.63
CA THR C 318 -17.42 19.08 10.53
C THR C 318 -16.25 18.16 10.84
N PHE C 319 -15.04 18.71 10.83
CA PHE C 319 -13.85 17.86 10.91
C PHE C 319 -13.73 17.05 12.18
N GLY C 320 -14.03 17.67 13.32
CA GLY C 320 -14.03 16.96 14.60
C GLY C 320 -15.03 15.80 14.55
N LEU C 321 -16.19 16.07 13.96
CA LEU C 321 -17.21 15.04 13.74
C LEU C 321 -16.69 13.95 12.84
N SER C 322 -16.02 14.33 11.75
CA SER C 322 -15.44 13.36 10.80
C SER C 322 -14.56 12.34 11.51
N VAL C 323 -13.67 12.83 12.37
CA VAL C 323 -12.70 12.00 13.08
C VAL C 323 -13.43 11.05 14.00
N ILE C 324 -14.50 11.55 14.61
CA ILE C 324 -15.27 10.73 15.53
C ILE C 324 -16.07 9.67 14.78
N VAL C 325 -16.70 10.06 13.67
CA VAL C 325 -17.67 9.16 13.03
C VAL C 325 -17.04 8.04 12.26
N ALA C 326 -15.82 8.26 11.76
CA ALA C 326 -15.15 7.23 10.98
C ALA C 326 -15.01 5.97 11.85
N ARG C 327 -15.15 4.80 11.23
CA ARG C 327 -14.93 3.54 11.94
C ARG C 327 -13.51 3.46 12.45
N ARG C 328 -13.28 2.48 13.32
CA ARG C 328 -11.94 2.08 13.70
C ARG C 328 -11.18 1.76 12.46
N GLY C 329 -9.99 2.34 12.34
CA GLY C 329 -9.16 2.13 11.16
C GLY C 329 -9.66 2.88 9.94
N GLY C 330 -10.72 3.67 10.13
CA GLY C 330 -11.34 4.39 9.03
C GLY C 330 -10.49 5.55 8.58
N THR C 331 -10.86 6.11 7.43
CA THR C 331 -10.14 7.25 6.88
C THR C 331 -11.02 8.45 6.70
N VAL C 332 -10.53 9.60 7.18
CA VAL C 332 -11.06 10.90 6.81
C VAL C 332 -10.14 11.43 5.72
N VAL C 333 -10.71 11.63 4.53
CA VAL C 333 -9.93 12.16 3.47
C VAL C 333 -10.44 13.58 3.26
N THR C 334 -9.52 14.53 3.24
CA THR C 334 -9.90 15.93 3.19
C THR C 334 -9.15 16.62 2.07
N CYS C 335 -9.86 17.46 1.32
CA CYS C 335 -9.22 18.28 0.31
C CYS C 335 -9.58 19.74 0.47
N GLY C 336 -10.04 20.15 1.63
CA GLY C 336 -10.42 21.55 1.80
C GLY C 336 -10.98 21.84 3.15
N SER C 337 -11.22 23.11 3.43
CA SER C 337 -11.80 23.54 4.69
C SER C 337 -12.72 24.71 4.43
N SER C 338 -13.84 24.46 3.78
CA SER C 338 -14.77 25.53 3.42
C SER C 338 -15.16 26.38 4.61
N SER C 339 -15.46 25.73 5.73
CA SER C 339 -15.94 26.43 6.92
C SER C 339 -14.83 26.98 7.82
N GLY C 340 -13.57 26.79 7.42
CA GLY C 340 -12.42 27.26 8.20
C GLY C 340 -11.37 26.17 8.30
N TYR C 341 -10.11 26.54 8.09
CA TYR C 341 -9.00 25.58 8.05
C TYR C 341 -8.43 25.22 9.42
N LEU C 342 -8.86 25.92 10.47
CA LEU C 342 -8.39 25.61 11.82
C LEU C 342 -9.22 24.50 12.39
N HIS C 343 -8.78 23.28 12.10
CA HIS C 343 -9.49 22.10 12.49
C HIS C 343 -9.15 21.78 13.92
N THR C 344 -10.17 21.40 14.67
CA THR C 344 -9.96 20.90 15.99
C THR C 344 -10.58 19.52 16.00
N PHE C 345 -9.86 18.56 16.57
CA PHE C 345 -10.42 17.23 16.74
C PHE C 345 -9.83 16.62 17.99
N ASP C 346 -10.56 15.63 18.51
CA ASP C 346 -10.12 14.90 19.67
C ASP C 346 -9.28 13.76 19.17
N ASN C 347 -7.97 13.90 19.34
CA ASN C 347 -7.01 12.92 18.87
C ASN C 347 -7.16 11.52 19.46
N ARG C 348 -7.82 11.41 20.60
CA ARG C 348 -8.10 10.09 21.15
C ARG C 348 -8.84 9.21 20.14
N TYR C 349 -9.81 9.80 19.45
CA TYR C 349 -10.60 9.10 18.44
C TYR C 349 -9.75 8.75 17.23
N LEU C 350 -8.71 9.54 16.98
CA LEU C 350 -7.81 9.25 15.88
C LEU C 350 -6.88 8.12 16.24
N TRP C 351 -6.10 8.28 17.30
CA TRP C 351 -5.07 7.28 17.58
C TRP C 351 -5.64 6.02 18.19
N MET C 352 -6.57 6.17 19.12
CA MET C 352 -7.08 5.01 19.83
C MET C 352 -7.78 4.06 18.89
N LYS C 353 -8.37 4.64 17.85
CA LYS C 353 -9.11 3.84 16.87
C LYS C 353 -8.36 3.68 15.55
N LEU C 354 -7.09 4.10 15.54
CA LEU C 354 -6.19 3.88 14.41
C LEU C 354 -6.75 4.42 13.11
N LYS C 355 -7.41 5.57 13.21
CA LYS C 355 -7.95 6.21 12.05
C LYS C 355 -6.84 7.03 11.40
N LYS C 356 -7.10 7.47 10.19
CA LYS C 356 -6.14 8.19 9.42
C LYS C 356 -6.87 9.40 8.87
N ILE C 357 -6.14 10.50 8.77
CA ILE C 357 -6.60 11.63 8.03
C ILE C 357 -5.67 11.74 6.84
N VAL C 358 -6.24 11.65 5.64
CA VAL C 358 -5.47 11.76 4.41
C VAL C 358 -5.78 13.10 3.76
N GLY C 359 -4.76 13.93 3.63
CA GLY C 359 -4.91 15.20 2.97
C GLY C 359 -4.79 14.94 1.50
N SER C 360 -5.73 15.49 0.74
CA SER C 360 -5.69 15.31 -0.67
C SER C 360 -5.92 16.63 -1.37
N HIS C 361 -5.31 16.76 -2.53
CA HIS C 361 -5.39 17.97 -3.29
C HIS C 361 -5.39 17.54 -4.71
N GLY C 362 -6.31 18.08 -5.50
CA GLY C 362 -6.34 17.82 -6.93
C GLY C 362 -6.30 16.36 -7.28
N ALA C 363 -5.56 16.06 -8.35
CA ALA C 363 -5.45 14.73 -8.91
C ALA C 363 -4.36 14.86 -9.91
N ASN C 364 -3.50 13.85 -9.95
CA ASN C 364 -2.42 13.86 -10.89
C ASN C 364 -2.97 13.41 -12.24
N HIS C 365 -2.13 13.47 -13.27
CA HIS C 365 -2.55 13.24 -14.64
C HIS C 365 -3.06 11.79 -14.79
N GLU C 366 -2.48 10.89 -14.01
CA GLU C 366 -2.94 9.50 -14.05
C GLU C 366 -4.35 9.39 -13.49
N GLU C 367 -4.59 10.03 -12.35
CA GLU C 367 -5.90 9.97 -11.71
C GLU C 367 -6.93 10.66 -12.56
N GLN C 368 -6.53 11.74 -13.20
CA GLN C 368 -7.41 12.46 -14.08
C GLN C 368 -7.78 11.64 -15.29
N GLN C 369 -6.81 10.93 -15.86
CA GLN C 369 -7.14 9.97 -16.90
C GLN C 369 -8.10 8.91 -16.41
N ALA C 370 -7.83 8.35 -15.22
CA ALA C 370 -8.69 7.33 -14.70
C ALA C 370 -10.09 7.89 -14.49
N THR C 371 -10.14 9.13 -14.01
CA THR C 371 -11.41 9.85 -13.86
C THR C 371 -12.08 10.01 -15.22
N ASN C 372 -11.32 10.50 -16.18
CA ASN C 372 -11.81 10.66 -17.54
C ASN C 372 -12.35 9.36 -18.14
N ARG C 373 -11.65 8.25 -17.91
CA ARG C 373 -12.12 6.95 -18.41
C ARG C 373 -13.47 6.58 -17.83
N LEU C 374 -13.71 7.00 -16.59
CA LEU C 374 -15.01 6.79 -15.94
C LEU C 374 -16.09 7.68 -16.54
N PHE C 375 -15.70 8.84 -17.05
CA PHE C 375 -16.64 9.65 -17.83
C PHE C 375 -16.85 9.08 -19.23
N GLU C 376 -15.79 8.50 -19.80
CA GLU C 376 -15.84 7.96 -21.15
C GLU C 376 -16.77 6.77 -21.27
N SER C 377 -16.82 5.95 -20.23
CA SER C 377 -17.73 4.81 -20.24
C SER C 377 -19.13 5.23 -19.84
N GLY C 378 -19.30 6.44 -19.31
CA GLY C 378 -20.60 6.86 -18.79
C GLY C 378 -20.87 6.34 -17.40
N ALA C 379 -19.86 5.77 -16.75
CA ALA C 379 -20.04 5.20 -15.42
C ALA C 379 -20.29 6.34 -14.43
N VAL C 380 -19.68 7.47 -14.75
CA VAL C 380 -19.83 8.70 -14.00
C VAL C 380 -20.26 9.76 -15.00
N VAL C 381 -21.14 10.63 -14.54
CA VAL C 381 -21.75 11.64 -15.39
C VAL C 381 -21.41 13.00 -14.81
N PRO C 382 -21.46 14.05 -15.65
CA PRO C 382 -21.11 15.37 -15.14
C PRO C 382 -22.18 15.84 -14.17
N ALA C 383 -21.76 16.71 -13.25
CA ALA C 383 -22.61 17.24 -12.21
C ALA C 383 -23.13 18.61 -12.60
N MET C 384 -23.21 18.90 -13.90
CA MET C 384 -23.61 20.23 -14.36
C MET C 384 -25.06 20.53 -14.00
N SER C 385 -25.28 21.63 -13.28
CA SER C 385 -26.62 22.03 -12.83
C SER C 385 -27.10 23.31 -13.50
N ALA C 386 -26.14 24.07 -14.00
CA ALA C 386 -26.41 25.36 -14.60
C ALA C 386 -25.32 25.68 -15.61
N VAL C 387 -25.68 26.53 -16.57
CA VAL C 387 -24.77 26.97 -17.61
C VAL C 387 -24.94 28.49 -17.75
N TYR C 388 -23.83 29.21 -17.67
CA TYR C 388 -23.80 30.62 -17.91
C TYR C 388 -22.91 30.88 -19.10
N PRO C 389 -23.29 31.85 -19.93
CA PRO C 389 -22.35 32.28 -20.95
C PRO C 389 -21.19 32.99 -20.25
N LEU C 390 -20.04 33.05 -20.91
CA LEU C 390 -18.89 33.76 -20.37
C LEU C 390 -19.23 35.18 -19.91
N ALA C 391 -20.09 35.87 -20.67
CA ALA C 391 -20.57 37.21 -20.35
C ALA C 391 -21.09 37.31 -18.92
N GLU C 392 -21.66 36.20 -18.42
CA GLU C 392 -22.29 36.18 -17.11
C GLU C 392 -21.50 35.36 -16.10
N ALA C 393 -20.21 35.12 -16.36
CA ALA C 393 -19.42 34.26 -15.48
C ALA C 393 -19.24 34.87 -14.07
N ALA C 394 -19.28 36.20 -13.99
CA ALA C 394 -19.22 36.85 -12.68
C ALA C 394 -20.45 36.47 -11.89
N GLU C 395 -21.61 36.41 -12.56
CA GLU C 395 -22.84 35.98 -11.92
C GLU C 395 -22.75 34.52 -11.49
N ALA C 396 -22.30 33.67 -12.41
CA ALA C 396 -22.07 32.26 -12.12
C ALA C 396 -21.19 32.13 -10.85
N CYS C 397 -20.11 32.91 -10.81
CA CYS C 397 -19.20 32.92 -9.67
C CYS C 397 -19.89 33.35 -8.36
N ARG C 398 -20.74 34.38 -8.45
CA ARG C 398 -21.52 34.86 -7.31
C ARG C 398 -22.46 33.78 -6.83
N VAL C 399 -23.04 33.06 -7.78
CA VAL C 399 -23.88 31.91 -7.42
C VAL C 399 -23.13 30.90 -6.54
N VAL C 400 -21.93 30.53 -6.98
CA VAL C 400 -21.10 29.62 -6.20
C VAL C 400 -20.65 30.30 -4.92
N GLN C 401 -20.20 31.54 -5.02
CA GLN C 401 -19.81 32.29 -3.84
C GLN C 401 -20.90 32.23 -2.76
N THR C 402 -22.15 32.35 -3.20
CA THR C 402 -23.27 32.44 -2.27
C THR C 402 -23.99 31.11 -2.08
N SER C 403 -23.30 30.01 -2.40
CA SER C 403 -23.80 28.62 -2.27
C SER C 403 -25.23 28.45 -2.73
N ARG C 404 -25.55 29.07 -3.86
CA ARG C 404 -26.86 28.95 -4.41
C ARG C 404 -26.95 27.75 -5.35
N GLN C 405 -25.81 27.17 -5.66
CA GLN C 405 -25.71 26.04 -6.59
C GLN C 405 -25.65 24.69 -5.89
N VAL C 406 -26.04 23.65 -6.63
CA VAL C 406 -25.62 22.28 -6.39
C VAL C 406 -24.82 21.83 -7.62
N GLY C 407 -24.06 20.76 -7.46
CA GLY C 407 -23.17 20.30 -8.53
C GLY C 407 -22.26 21.39 -9.06
N LYS C 408 -22.19 21.46 -10.39
CA LYS C 408 -21.21 22.28 -11.07
C LYS C 408 -21.92 23.30 -11.91
N VAL C 409 -21.45 24.53 -11.77
CA VAL C 409 -21.93 25.59 -12.64
C VAL C 409 -20.97 25.66 -13.80
N ALA C 410 -21.47 25.35 -14.98
CA ALA C 410 -20.66 25.44 -16.19
C ALA C 410 -20.68 26.85 -16.75
N VAL C 411 -19.59 27.21 -17.41
CA VAL C 411 -19.53 28.48 -18.08
C VAL C 411 -19.17 28.22 -19.53
N LEU C 412 -20.06 28.59 -20.45
CA LEU C 412 -19.71 28.62 -21.85
C LEU C 412 -18.65 29.68 -22.06
N CYS C 413 -17.63 29.34 -22.83
CA CYS C 413 -16.58 30.27 -23.13
C CYS C 413 -16.67 30.64 -24.61
N MET C 414 -15.92 29.94 -25.45
CA MET C 414 -16.06 30.15 -26.88
C MET C 414 -17.31 29.51 -27.47
N ALA C 415 -17.81 28.42 -26.86
CA ALA C 415 -19.05 27.81 -27.32
C ALA C 415 -20.18 28.86 -27.33
N PRO C 416 -20.80 29.08 -28.51
CA PRO C 416 -21.85 30.10 -28.64
C PRO C 416 -23.21 29.68 -28.08
N GLU C 417 -23.37 28.40 -27.82
CA GLU C 417 -24.61 27.90 -27.23
C GLU C 417 -24.33 26.57 -26.53
N GLN C 418 -25.27 26.16 -25.69
CA GLN C 418 -25.23 24.83 -25.09
C GLN C 418 -25.42 23.74 -26.15
N GLY C 419 -24.98 22.54 -25.79
CA GLY C 419 -25.32 21.37 -26.58
C GLY C 419 -24.32 21.01 -27.66
N LEU C 420 -23.27 21.81 -27.78
CA LEU C 420 -22.30 21.56 -28.83
C LEU C 420 -21.20 20.66 -28.30
N GLY C 421 -20.43 20.12 -29.24
CA GLY C 421 -19.22 19.40 -28.91
C GLY C 421 -19.44 17.91 -28.75
N VAL C 422 -20.66 17.46 -28.96
CA VAL C 422 -20.91 16.00 -28.92
C VAL C 422 -20.39 15.40 -30.21
N THR C 423 -19.40 14.52 -30.09
CA THR C 423 -18.85 13.84 -31.25
C THR C 423 -19.10 12.33 -31.21
N ASP C 424 -19.76 11.86 -30.15
CA ASP C 424 -20.30 10.51 -30.14
C ASP C 424 -21.77 10.56 -29.72
N PRO C 425 -22.63 11.06 -30.63
CA PRO C 425 -24.06 11.16 -30.38
C PRO C 425 -24.68 9.81 -30.05
N ASP C 426 -24.17 8.73 -30.65
CA ASP C 426 -24.71 7.39 -30.42
C ASP C 426 -24.55 6.98 -28.95
N LEU C 427 -23.35 7.14 -28.40
CA LEU C 427 -23.14 6.86 -27.00
C LEU C 427 -23.97 7.81 -26.13
N ARG C 428 -23.95 9.10 -26.46
CA ARG C 428 -24.75 10.08 -25.72
C ARG C 428 -26.20 9.62 -25.65
N ALA C 429 -26.78 9.33 -26.81
CA ALA C 429 -28.15 8.83 -26.91
C ALA C 429 -28.36 7.55 -26.08
N ARG C 430 -27.39 6.64 -26.16
CA ARG C 430 -27.39 5.40 -25.39
C ARG C 430 -27.43 5.67 -23.88
N LEU C 431 -26.58 6.59 -23.41
CA LEU C 431 -26.49 6.90 -21.98
C LEU C 431 -27.71 7.71 -21.57
N GLY C 432 -28.05 8.71 -22.37
CA GLY C 432 -29.25 9.49 -22.13
C GLY C 432 -28.90 10.88 -21.64
N GLU C 433 -29.43 11.87 -22.34
CA GLU C 433 -29.20 13.25 -22.00
C GLU C 433 -29.47 13.58 -20.53
N ASP C 434 -30.59 13.07 -20.02
CA ASP C 434 -31.00 13.27 -18.63
C ASP C 434 -30.11 12.47 -17.68
N ARG C 435 -29.76 11.26 -18.10
CA ARG C 435 -28.80 10.44 -17.38
C ARG C 435 -27.55 11.27 -17.17
N LEU C 436 -27.12 11.98 -18.22
CA LEU C 436 -25.88 12.74 -18.18
C LEU C 436 -26.02 14.04 -17.44
N ASN C 437 -27.26 14.47 -17.18
CA ASN C 437 -27.46 15.72 -16.47
C ASN C 437 -28.44 15.60 -15.33
N PRO C 438 -28.10 14.78 -14.30
CA PRO C 438 -29.02 14.51 -13.20
C PRO C 438 -29.32 15.77 -12.40
N LEU C 439 -28.43 16.76 -12.47
CA LEU C 439 -28.59 17.99 -11.68
C LEU C 439 -29.14 19.16 -12.49
N ARG C 440 -29.47 18.93 -13.76
CA ARG C 440 -29.96 20.00 -14.63
C ARG C 440 -31.05 20.83 -13.94
N GLY C 441 -30.82 22.14 -13.84
CA GLY C 441 -31.83 23.07 -13.34
C GLY C 441 -32.00 23.12 -11.84
N LEU C 442 -31.29 22.25 -11.10
CA LEU C 442 -31.42 22.24 -9.66
C LEU C 442 -30.60 23.37 -9.04
N THR C 443 -31.03 23.86 -7.88
CA THR C 443 -30.26 24.87 -7.15
C THR C 443 -30.23 24.53 -5.68
N ALA C 444 -29.52 25.35 -4.93
CA ALA C 444 -29.55 25.26 -3.48
C ALA C 444 -30.53 26.29 -2.93
N SER D 1 37.41 19.78 -28.59
CA SER D 1 36.67 21.00 -29.06
C SER D 1 36.72 22.07 -27.98
N SER D 2 36.32 23.30 -28.35
CA SER D 2 36.27 24.39 -27.38
C SER D 2 35.26 24.08 -26.26
N LEU D 3 34.16 23.42 -26.62
CA LEU D 3 33.18 22.98 -25.64
C LEU D 3 33.78 22.01 -24.60
N SER D 4 34.35 20.91 -25.09
CA SER D 4 34.94 19.93 -24.18
C SER D 4 36.03 20.56 -23.32
N ARG D 5 36.93 21.34 -23.95
CA ARG D 5 37.87 22.18 -23.21
C ARG D 5 37.19 23.02 -22.14
N ALA D 6 36.19 23.81 -22.53
CA ALA D 6 35.46 24.64 -21.56
C ALA D 6 34.90 23.80 -20.41
N VAL D 7 34.46 22.59 -20.72
CA VAL D 7 33.92 21.70 -19.69
C VAL D 7 35.01 21.13 -18.75
N LEU D 8 36.07 20.56 -19.33
CA LEU D 8 37.19 20.01 -18.55
C LEU D 8 37.92 21.07 -17.74
N ASP D 9 37.90 22.31 -18.25
CA ASP D 9 38.51 23.45 -17.55
C ASP D 9 37.64 24.03 -16.43
N GLY D 10 36.41 23.54 -16.30
CA GLY D 10 35.45 24.06 -15.32
C GLY D 10 35.05 25.49 -15.59
N ALA D 11 34.89 25.82 -16.88
CA ALA D 11 34.54 27.18 -17.29
C ALA D 11 33.18 27.60 -16.76
N SER D 12 32.93 28.91 -16.71
CA SER D 12 31.64 29.45 -16.27
C SER D 12 30.52 29.01 -17.20
N ALA D 13 29.29 29.05 -16.69
CA ALA D 13 28.12 28.71 -17.49
C ALA D 13 28.12 29.48 -18.82
N ALA D 14 28.35 30.78 -18.74
CA ALA D 14 28.41 31.64 -19.92
C ALA D 14 29.48 31.18 -20.91
N GLU D 15 30.65 30.79 -20.41
CA GLU D 15 31.74 30.26 -21.24
C GLU D 15 31.34 28.97 -21.94
N ILE D 16 30.68 28.08 -21.20
CA ILE D 16 30.20 26.82 -21.74
C ILE D 16 29.17 27.08 -22.83
N GLU D 17 28.30 28.05 -22.59
CA GLU D 17 27.33 28.50 -23.58
C GLU D 17 27.93 29.10 -24.85
N ALA D 18 29.00 29.88 -24.69
CA ALA D 18 29.65 30.53 -25.83
C ALA D 18 30.45 29.55 -26.70
N ALA D 19 30.88 28.44 -26.11
CA ALA D 19 31.58 27.42 -26.86
C ALA D 19 30.59 26.61 -27.72
N PRO D 20 30.80 26.59 -29.04
CA PRO D 20 29.86 25.90 -29.94
C PRO D 20 29.75 24.39 -29.68
N VAL D 21 28.60 23.84 -30.04
CA VAL D 21 28.38 22.40 -29.95
C VAL D 21 28.95 21.76 -31.21
N PRO D 22 29.84 20.77 -31.06
CA PRO D 22 30.40 20.13 -32.27
C PRO D 22 29.29 19.52 -33.12
N ASP D 23 29.53 19.40 -34.42
CA ASP D 23 28.57 18.78 -35.33
C ASP D 23 28.58 17.27 -35.14
N THR D 24 29.67 16.76 -34.58
CA THR D 24 29.79 15.35 -34.29
C THR D 24 30.45 15.15 -32.93
N TYR D 25 30.34 13.94 -32.39
CA TYR D 25 31.03 13.64 -31.13
C TYR D 25 31.49 12.19 -31.05
N LEU D 26 32.46 11.94 -30.19
CA LEU D 26 32.96 10.59 -29.93
C LEU D 26 31.94 9.70 -29.20
N ALA D 27 31.55 8.61 -29.86
CA ALA D 27 30.54 7.70 -29.32
C ALA D 27 30.86 6.24 -29.51
N LEU D 28 30.72 5.49 -28.43
CA LEU D 28 30.64 4.06 -28.51
C LEU D 28 29.25 3.72 -29.02
N HIS D 29 29.22 3.06 -30.18
CA HIS D 29 27.97 2.87 -30.89
C HIS D 29 27.94 1.56 -31.65
N LEU D 30 26.74 1.18 -32.04
CA LEU D 30 26.50 0.05 -32.91
C LEU D 30 26.08 0.56 -34.26
N ARG D 31 26.25 -0.25 -35.28
CA ARG D 31 25.86 0.10 -36.62
C ARG D 31 24.71 -0.81 -37.06
N ALA D 32 23.65 -0.21 -37.60
CA ALA D 32 22.44 -0.95 -38.01
C ALA D 32 22.74 -2.12 -38.94
N GLU D 33 23.73 -1.94 -39.82
CA GLU D 33 24.10 -2.97 -40.81
C GLU D 33 24.67 -4.24 -40.18
N ASP D 34 25.19 -4.10 -38.96
CA ASP D 34 25.80 -5.21 -38.25
C ASP D 34 24.81 -6.08 -37.51
N ALA D 35 23.56 -5.65 -37.43
CA ALA D 35 22.55 -6.34 -36.62
C ALA D 35 22.56 -7.87 -36.83
N ASP D 36 22.94 -8.28 -38.04
CA ASP D 36 22.94 -9.68 -38.49
C ASP D 36 24.27 -10.39 -38.28
N MET D 37 25.30 -9.63 -37.89
CA MET D 37 26.70 -10.09 -37.89
C MET D 37 27.01 -11.29 -37.00
N PHE D 38 26.10 -11.61 -36.08
CA PHE D 38 26.24 -12.78 -35.21
C PHE D 38 25.25 -13.91 -35.51
N LYS D 39 24.67 -13.90 -36.71
CA LYS D 39 23.88 -15.05 -37.16
C LYS D 39 24.76 -16.29 -37.17
N GLY D 40 24.37 -17.30 -36.40
CA GLY D 40 25.13 -18.56 -36.34
C GLY D 40 26.43 -18.50 -35.53
N VAL D 41 26.71 -17.34 -34.94
CA VAL D 41 27.88 -17.17 -34.08
C VAL D 41 27.45 -17.44 -32.65
N ALA D 42 28.10 -18.41 -32.01
CA ALA D 42 27.74 -18.80 -30.65
C ALA D 42 28.22 -17.77 -29.63
N ASP D 43 29.48 -17.35 -29.76
CA ASP D 43 30.04 -16.33 -28.88
C ASP D 43 29.98 -14.97 -29.58
N LYS D 44 28.94 -14.21 -29.25
CA LYS D 44 28.66 -12.96 -29.89
C LYS D 44 29.51 -11.86 -29.24
N ASP D 45 30.79 -11.87 -29.58
CA ASP D 45 31.83 -11.03 -28.97
C ASP D 45 31.53 -9.55 -29.22
N VAL D 46 31.29 -8.81 -28.15
CA VAL D 46 30.83 -7.42 -28.26
C VAL D 46 31.91 -6.50 -28.81
N ARG D 47 33.16 -6.96 -28.74
CA ARG D 47 34.28 -6.20 -29.30
C ARG D 47 34.23 -6.11 -30.82
N LYS D 48 33.51 -7.05 -31.45
CA LYS D 48 33.35 -7.07 -32.90
C LYS D 48 32.22 -6.15 -33.37
N SER D 49 31.24 -5.91 -32.51
CA SER D 49 30.08 -5.14 -32.91
C SER D 49 30.19 -3.69 -32.47
N LEU D 50 30.88 -3.47 -31.36
CA LEU D 50 30.99 -2.14 -30.78
C LEU D 50 31.97 -1.31 -31.59
N ARG D 51 31.52 -0.14 -32.02
CA ARG D 51 32.37 0.78 -32.75
C ARG D 51 32.59 2.01 -31.88
N LEU D 52 33.77 2.63 -32.00
CA LEU D 52 34.02 3.92 -31.39
C LEU D 52 34.45 4.91 -32.46
N GLY D 53 33.64 5.95 -32.63
CA GLY D 53 33.89 6.94 -33.68
C GLY D 53 32.91 8.10 -33.61
N GLU D 54 33.05 9.01 -34.57
CA GLU D 54 32.23 10.22 -34.63
C GLU D 54 30.82 9.94 -35.10
N VAL D 55 29.86 10.43 -34.34
CA VAL D 55 28.45 10.40 -34.73
C VAL D 55 27.93 11.83 -34.73
N PRO D 56 26.91 12.10 -35.58
CA PRO D 56 26.36 13.45 -35.69
C PRO D 56 25.75 13.89 -34.37
N MET D 57 26.01 15.14 -34.00
CA MET D 57 25.32 15.74 -32.87
C MET D 57 23.87 15.94 -33.27
N PRO D 58 22.94 15.33 -32.50
CA PRO D 58 21.57 15.59 -32.87
C PRO D 58 21.13 16.95 -32.36
N GLU D 59 20.03 17.44 -32.91
CA GLU D 59 19.37 18.64 -32.41
C GLU D 59 18.68 18.30 -31.10
N LEU D 60 18.85 19.19 -30.13
CA LEU D 60 18.25 19.05 -28.80
C LEU D 60 16.75 19.37 -28.84
N ALA D 61 15.95 18.47 -28.26
CA ALA D 61 14.52 18.67 -28.10
C ALA D 61 14.34 19.69 -26.99
N PRO D 62 13.16 20.33 -26.90
CA PRO D 62 13.01 21.39 -25.89
C PRO D 62 13.11 20.90 -24.45
N ASP D 63 12.81 19.62 -24.23
CA ASP D 63 12.81 19.04 -22.88
C ASP D 63 14.13 18.31 -22.64
N GLU D 64 15.08 18.48 -23.54
CA GLU D 64 16.33 17.71 -23.46
C GLU D 64 17.52 18.52 -23.03
N VAL D 65 18.50 17.80 -22.52
CA VAL D 65 19.71 18.39 -22.06
C VAL D 65 20.84 17.65 -22.72
N LEU D 66 21.77 18.45 -23.25
CA LEU D 66 23.00 17.94 -23.78
C LEU D 66 24.03 17.93 -22.67
N VAL D 67 24.58 16.76 -22.43
CA VAL D 67 25.49 16.54 -21.34
C VAL D 67 26.84 16.20 -21.93
N ALA D 68 27.85 16.92 -21.50
CA ALA D 68 29.23 16.52 -21.70
C ALA D 68 29.44 15.37 -20.74
N VAL D 69 29.46 14.16 -21.29
CA VAL D 69 29.53 12.96 -20.49
C VAL D 69 30.95 12.78 -20.05
N MET D 70 31.14 12.78 -18.73
CA MET D 70 32.47 12.59 -18.17
C MET D 70 32.85 11.13 -17.97
N ALA D 71 31.87 10.35 -17.52
CA ALA D 71 32.06 8.95 -17.26
C ALA D 71 30.71 8.29 -17.44
N SER D 72 30.72 7.01 -17.78
CA SER D 72 29.52 6.22 -17.94
C SER D 72 29.89 4.87 -17.32
N SER D 73 29.14 3.82 -17.63
CA SER D 73 29.52 2.52 -17.12
C SER D 73 29.02 1.52 -18.10
N ILE D 74 29.54 0.30 -18.01
CA ILE D 74 28.97 -0.76 -18.78
C ILE D 74 27.80 -1.26 -17.97
N ASN D 75 26.68 -1.45 -18.64
CA ASN D 75 25.53 -2.13 -18.07
C ASN D 75 25.27 -3.42 -18.81
N TYR D 76 24.51 -4.34 -18.25
CA TYR D 76 24.27 -5.54 -19.02
C TYR D 76 23.50 -5.26 -20.30
N ASN D 77 22.60 -4.27 -20.30
CA ASN D 77 21.92 -3.94 -21.56
C ASN D 77 22.90 -3.45 -22.63
N THR D 78 23.97 -2.78 -22.21
CA THR D 78 25.05 -2.45 -23.12
C THR D 78 25.54 -3.71 -23.82
N VAL D 79 25.81 -4.75 -23.03
CA VAL D 79 26.26 -6.04 -23.55
C VAL D 79 25.21 -6.63 -24.50
N TRP D 80 23.96 -6.71 -24.01
CA TRP D 80 22.86 -7.31 -24.78
C TRP D 80 22.70 -6.63 -26.13
N SER D 81 22.78 -5.30 -26.10
CA SER D 81 22.63 -4.51 -27.31
C SER D 81 23.82 -4.72 -28.28
N ALA D 82 25.03 -4.76 -27.76
CA ALA D 82 26.21 -5.11 -28.54
C ALA D 82 26.17 -6.52 -29.16
N MET D 83 25.39 -7.41 -28.56
CA MET D 83 25.18 -8.73 -29.11
C MET D 83 24.01 -8.75 -30.08
N PHE D 84 23.26 -7.64 -30.12
CA PHE D 84 22.00 -7.53 -30.86
C PHE D 84 20.96 -8.50 -30.33
N GLU D 85 21.09 -8.83 -29.04
CA GLU D 85 20.21 -9.77 -28.38
C GLU D 85 19.32 -9.06 -27.37
N PRO D 86 18.09 -9.57 -27.17
CA PRO D 86 17.48 -10.64 -27.95
C PRO D 86 17.04 -10.13 -29.31
N ILE D 87 16.84 -8.81 -29.35
CA ILE D 87 16.40 -8.08 -30.53
C ILE D 87 17.42 -6.97 -30.73
N PRO D 88 17.82 -6.68 -31.99
CA PRO D 88 18.73 -5.56 -32.18
C PRO D 88 18.08 -4.29 -31.65
N THR D 89 18.84 -3.46 -30.95
CA THR D 89 18.31 -2.23 -30.35
C THR D 89 17.72 -1.33 -31.40
N PHE D 90 18.24 -1.44 -32.62
CA PHE D 90 17.74 -0.66 -33.74
C PHE D 90 16.25 -0.82 -33.93
N HIS D 91 15.73 -2.02 -33.63
CA HIS D 91 14.29 -2.26 -33.64
C HIS D 91 13.62 -1.28 -32.66
N PHE D 92 14.17 -1.16 -31.46
CA PHE D 92 13.60 -0.25 -30.45
C PHE D 92 13.74 1.19 -30.86
N LEU D 93 14.81 1.50 -31.61
CA LEU D 93 15.00 2.87 -32.07
C LEU D 93 13.94 3.23 -33.09
N LYS D 94 13.64 2.28 -33.98
CA LYS D 94 12.60 2.48 -34.97
C LYS D 94 11.24 2.61 -34.28
N GLN D 95 10.94 1.68 -33.37
CA GLN D 95 9.72 1.81 -32.55
C GLN D 95 9.63 3.17 -31.89
N ASN D 96 10.73 3.61 -31.27
CA ASN D 96 10.79 4.90 -30.62
C ASN D 96 10.48 6.00 -31.63
N ALA D 97 11.19 5.98 -32.76
CA ALA D 97 10.98 6.97 -33.81
C ALA D 97 9.57 6.98 -34.41
N ARG D 98 8.85 5.86 -34.35
CA ARG D 98 7.49 5.78 -34.91
C ARG D 98 6.54 6.76 -34.22
N GLN D 99 6.92 7.24 -33.05
CA GLN D 99 6.18 8.29 -32.37
C GLN D 99 6.18 9.58 -33.17
N GLY D 100 7.21 9.77 -33.98
CA GLY D 100 7.32 11.00 -34.75
C GLY D 100 7.79 12.15 -33.88
N GLY D 101 7.74 13.35 -34.44
CA GLY D 101 8.25 14.53 -33.78
C GLY D 101 9.72 14.35 -33.45
N TRP D 102 10.07 14.72 -32.22
CA TRP D 102 11.45 14.61 -31.74
C TRP D 102 12.01 13.20 -31.64
N ALA D 103 11.13 12.22 -31.45
CA ALA D 103 11.52 10.81 -31.32
C ALA D 103 12.18 10.29 -32.59
N THR D 104 11.91 10.94 -33.71
CA THR D 104 12.48 10.54 -35.00
C THR D 104 14.00 10.47 -35.01
N ARG D 105 14.63 11.38 -34.26
CA ARG D 105 16.10 11.47 -34.20
C ARG D 105 16.78 10.17 -33.77
N HIS D 106 16.06 9.36 -33.00
CA HIS D 106 16.59 8.14 -32.42
C HIS D 106 16.78 7.05 -33.46
N ASP D 107 15.99 7.12 -34.53
CA ASP D 107 16.15 6.18 -35.62
C ASP D 107 17.34 6.61 -36.48
N GLN D 108 18.50 6.05 -36.15
CA GLN D 108 19.71 6.33 -36.91
C GLN D 108 20.31 4.98 -37.31
N PRO D 109 21.22 4.98 -38.32
CA PRO D 109 21.92 3.74 -38.63
C PRO D 109 23.02 3.45 -37.60
N TYR D 110 23.25 4.39 -36.69
CA TYR D 110 24.12 4.15 -35.54
C TYR D 110 23.29 4.22 -34.26
N HIS D 111 23.72 3.47 -33.25
CA HIS D 111 23.11 3.55 -31.93
C HIS D 111 24.19 3.79 -30.88
N VAL D 112 24.19 4.99 -30.32
CA VAL D 112 25.10 5.34 -29.23
C VAL D 112 24.58 4.69 -27.96
N LEU D 113 25.39 3.84 -27.35
CA LEU D 113 24.98 3.10 -26.15
C LEU D 113 25.37 3.86 -24.89
N GLY D 114 25.07 3.26 -23.72
CA GLY D 114 25.40 3.89 -22.46
C GLY D 114 24.09 4.31 -21.85
N SER D 115 23.81 3.78 -20.65
CA SER D 115 22.50 3.96 -20.04
C SER D 115 22.58 4.66 -18.71
N ASP D 116 23.78 5.06 -18.32
CA ASP D 116 23.90 6.05 -17.26
C ASP D 116 25.18 6.79 -17.48
N CYS D 117 25.35 7.88 -16.76
CA CYS D 117 26.55 8.64 -16.89
C CYS D 117 26.57 9.69 -15.82
N SER D 118 27.74 10.29 -15.67
CA SER D 118 27.89 11.52 -14.93
C SER D 118 28.52 12.51 -15.90
N GLY D 119 28.21 13.78 -15.75
CA GLY D 119 28.74 14.75 -16.65
C GLY D 119 28.37 16.15 -16.32
N VAL D 120 28.53 17.00 -17.32
CA VAL D 120 28.35 18.41 -17.17
C VAL D 120 27.34 18.87 -18.20
N VAL D 121 26.26 19.46 -17.72
CA VAL D 121 25.27 20.10 -18.59
C VAL D 121 25.99 21.13 -19.43
N VAL D 122 25.75 21.10 -20.73
CA VAL D 122 26.33 22.09 -21.64
C VAL D 122 25.31 22.85 -22.47
N ARG D 123 24.17 22.20 -22.75
CA ARG D 123 23.06 22.83 -23.44
C ARG D 123 21.77 22.33 -22.85
N THR D 124 20.76 23.20 -22.81
CA THR D 124 19.44 22.80 -22.39
C THR D 124 18.44 23.26 -23.44
N GLY D 125 17.45 22.40 -23.71
CA GLY D 125 16.33 22.78 -24.53
C GLY D 125 15.56 23.92 -23.86
N ILE D 126 14.82 24.65 -24.67
CA ILE D 126 14.12 25.84 -24.19
C ILE D 126 13.04 25.53 -23.16
N GLY D 127 12.57 24.28 -23.11
CA GLY D 127 11.61 23.86 -22.07
C GLY D 127 12.22 23.23 -20.83
N VAL D 128 13.55 23.20 -20.77
CA VAL D 128 14.22 22.66 -19.60
C VAL D 128 14.31 23.72 -18.51
N ARG D 129 14.00 23.31 -17.30
CA ARG D 129 14.02 24.21 -16.15
C ARG D 129 15.21 23.91 -15.25
N ARG D 130 15.69 24.96 -14.57
CA ARG D 130 16.68 24.82 -13.48
C ARG D 130 18.10 24.52 -13.95
N TRP D 131 18.27 23.44 -14.71
CA TRP D 131 19.60 23.02 -15.16
C TRP D 131 20.23 24.09 -16.02
N LYS D 132 21.53 24.26 -15.81
CA LYS D 132 22.26 25.26 -16.53
C LYS D 132 23.60 24.69 -16.94
N PRO D 133 24.13 25.18 -18.07
CA PRO D 133 25.43 24.70 -18.51
C PRO D 133 26.45 24.77 -17.37
N GLY D 134 27.24 23.71 -17.22
CA GLY D 134 28.21 23.66 -16.14
C GLY D 134 27.75 22.81 -14.98
N ASP D 135 26.44 22.70 -14.78
CA ASP D 135 25.89 21.90 -13.69
C ASP D 135 26.40 20.50 -13.77
N HIS D 136 26.78 19.94 -12.62
CA HIS D 136 27.29 18.60 -12.57
C HIS D 136 26.10 17.71 -12.34
N VAL D 137 25.91 16.75 -13.24
CA VAL D 137 24.75 15.86 -13.16
C VAL D 137 25.12 14.41 -13.26
N ILE D 138 24.24 13.57 -12.78
CA ILE D 138 24.23 12.18 -13.19
C ILE D 138 23.01 12.00 -14.06
N VAL D 139 23.05 11.00 -14.91
CA VAL D 139 21.92 10.71 -15.73
C VAL D 139 21.44 9.34 -15.36
N HIS D 140 20.15 9.21 -15.10
CA HIS D 140 19.64 7.87 -14.93
C HIS D 140 18.90 7.47 -16.21
N PRO D 141 18.66 6.16 -16.39
CA PRO D 141 18.20 5.70 -17.70
C PRO D 141 16.72 5.90 -18.06
N ALA D 142 15.91 6.35 -17.13
CA ALA D 142 14.47 6.43 -17.35
C ALA D 142 14.12 7.56 -18.30
N HIS D 143 13.98 7.19 -19.57
CA HIS D 143 13.65 8.12 -20.63
C HIS D 143 12.16 7.95 -20.81
N VAL D 144 11.40 8.90 -20.25
CA VAL D 144 9.97 8.69 -20.08
C VAL D 144 9.19 9.84 -20.65
N ASP D 145 7.90 9.60 -20.84
CA ASP D 145 7.07 10.57 -21.52
C ASP D 145 6.21 11.23 -20.46
N GLU D 146 6.60 12.41 -20.02
CA GLU D 146 5.85 13.07 -18.95
C GLU D 146 4.47 13.60 -19.35
N GLN D 147 4.06 13.39 -20.60
CA GLN D 147 2.71 13.76 -21.00
C GLN D 147 1.77 12.62 -20.81
N GLU D 148 2.31 11.42 -20.71
CA GLU D 148 1.51 10.24 -20.46
C GLU D 148 0.99 10.30 -19.04
N PRO D 149 -0.32 10.08 -18.86
CA PRO D 149 -0.86 10.08 -17.51
C PRO D 149 -0.14 9.09 -16.59
N ALA D 150 0.12 7.89 -17.08
CA ALA D 150 0.82 6.88 -16.27
C ALA D 150 2.06 7.43 -15.59
N THR D 151 2.80 8.29 -16.29
CA THR D 151 4.08 8.80 -15.78
C THR D 151 3.89 9.54 -14.47
N HIS D 152 2.71 10.14 -14.33
CA HIS D 152 2.38 10.95 -13.19
C HIS D 152 1.95 10.13 -12.00
N GLY D 153 1.80 8.84 -12.20
CA GLY D 153 1.52 7.90 -11.12
C GLY D 153 2.80 7.15 -10.80
N ASP D 154 3.61 6.93 -11.83
CA ASP D 154 4.89 6.23 -11.68
C ASP D 154 5.67 6.45 -12.94
N GLY D 155 6.78 7.17 -12.85
CA GLY D 155 7.57 7.47 -14.04
C GLY D 155 7.98 6.26 -14.85
N MET D 156 8.03 5.09 -14.22
CA MET D 156 8.42 3.90 -14.94
C MET D 156 7.29 3.24 -15.74
N LEU D 157 6.06 3.70 -15.58
CA LEU D 157 4.90 2.93 -16.06
C LEU D 157 4.28 3.36 -17.37
N GLY D 158 4.67 4.55 -17.85
CA GLY D 158 4.20 5.02 -19.14
C GLY D 158 4.54 4.04 -20.26
N THR D 159 3.67 3.97 -21.24
CA THR D 159 3.87 3.24 -22.51
C THR D 159 5.20 3.58 -23.17
N GLU D 160 5.61 4.83 -23.05
CA GLU D 160 6.74 5.33 -23.83
C GLU D 160 7.99 5.34 -23.00
N GLN D 161 7.92 4.67 -21.85
CA GLN D 161 9.07 4.54 -20.98
C GLN D 161 10.15 3.76 -21.72
N ARG D 162 11.34 4.31 -21.76
CA ARG D 162 12.44 3.68 -22.45
C ARG D 162 13.68 3.70 -21.60
N ALA D 163 14.59 2.78 -21.88
CA ALA D 163 15.93 2.81 -21.28
C ALA D 163 16.84 3.63 -22.16
N TRP D 164 17.31 4.74 -21.61
CA TRP D 164 18.25 5.61 -22.29
C TRP D 164 19.42 4.78 -22.82
N GLY D 165 19.77 5.00 -24.08
CA GLY D 165 20.95 4.34 -24.67
C GLY D 165 20.71 2.89 -25.03
N PHE D 166 19.49 2.41 -24.83
CA PHE D 166 19.14 1.06 -25.18
C PHE D 166 17.91 1.09 -26.10
N GLU D 167 16.84 1.70 -25.61
CA GLU D 167 15.70 1.97 -26.46
C GLU D 167 15.71 3.43 -26.93
N THR D 168 16.71 4.18 -26.53
CA THR D 168 16.92 5.51 -27.10
C THR D 168 18.31 5.55 -27.67
N ASN D 169 18.51 6.50 -28.56
CA ASN D 169 19.83 6.79 -29.03
C ASN D 169 20.47 7.80 -28.10
N PHE D 170 21.69 8.18 -28.41
CA PHE D 170 22.39 9.28 -27.73
C PHE D 170 22.66 8.97 -26.27
N GLY D 171 22.95 7.69 -26.02
CA GLY D 171 23.32 7.23 -24.68
C GLY D 171 24.66 7.75 -24.22
N GLY D 172 25.08 7.29 -23.04
CA GLY D 172 26.18 7.91 -22.34
C GLY D 172 27.58 7.34 -22.55
N LEU D 173 27.72 6.29 -23.36
CA LEU D 173 29.06 5.78 -23.67
C LEU D 173 29.66 6.56 -24.83
N ALA D 174 29.81 7.86 -24.59
CA ALA D 174 30.17 8.82 -25.59
C ALA D 174 30.60 10.08 -24.86
N GLU D 175 31.15 11.04 -25.59
CA GLU D 175 31.61 12.28 -24.97
C GLU D 175 30.47 13.23 -24.64
N TYR D 176 29.33 13.03 -25.31
CA TYR D 176 28.08 13.72 -25.00
C TYR D 176 26.92 12.77 -24.97
N GLY D 177 25.89 13.12 -24.20
CA GLY D 177 24.66 12.38 -24.14
C GLY D 177 23.48 13.32 -24.27
N VAL D 178 22.43 12.86 -24.93
CA VAL D 178 21.21 13.61 -25.03
C VAL D 178 20.20 12.95 -24.11
N VAL D 179 19.75 13.70 -23.12
CA VAL D 179 18.86 13.15 -22.12
C VAL D 179 17.66 14.06 -21.94
N ARG D 180 16.52 13.49 -21.57
CA ARG D 180 15.40 14.30 -21.15
C ARG D 180 15.79 14.87 -19.81
N ALA D 181 15.31 16.07 -19.51
CA ALA D 181 15.69 16.71 -18.27
C ALA D 181 15.26 15.89 -17.05
N SER D 182 14.21 15.09 -17.22
CA SER D 182 13.73 14.23 -16.14
C SER D 182 14.60 12.97 -15.96
N GLN D 183 15.75 12.94 -16.63
CA GLN D 183 16.75 11.92 -16.37
C GLN D 183 17.86 12.48 -15.52
N LEU D 184 17.81 13.77 -15.21
CA LEU D 184 18.93 14.44 -14.59
C LEU D 184 18.77 14.58 -13.11
N LEU D 185 19.85 14.30 -12.40
CA LEU D 185 19.92 14.58 -11.00
C LEU D 185 21.29 15.19 -10.74
N PRO D 186 21.41 16.00 -9.68
CA PRO D 186 22.73 16.55 -9.40
C PRO D 186 23.69 15.43 -9.02
N LYS D 187 24.88 15.45 -9.61
CA LYS D 187 25.92 14.49 -9.28
C LYS D 187 26.27 14.62 -7.82
N PRO D 188 26.31 13.50 -7.08
CA PRO D 188 26.83 13.56 -5.72
C PRO D 188 28.19 14.22 -5.75
N ALA D 189 28.33 15.33 -5.03
CA ALA D 189 29.49 16.21 -5.19
C ALA D 189 30.80 15.58 -4.74
N HIS D 190 30.72 14.62 -3.81
CA HIS D 190 31.92 14.03 -3.21
C HIS D 190 32.48 12.91 -4.07
N LEU D 191 31.74 12.55 -5.12
CA LEU D 191 32.13 11.48 -6.03
C LEU D 191 32.96 11.99 -7.18
N THR D 192 33.85 11.14 -7.68
CA THR D 192 34.53 11.39 -8.92
C THR D 192 33.50 11.12 -10.03
N TRP D 193 33.83 11.50 -11.26
CA TRP D 193 32.93 11.27 -12.38
C TRP D 193 32.55 9.81 -12.52
N GLU D 194 33.56 8.95 -12.48
CA GLU D 194 33.38 7.53 -12.75
C GLU D 194 32.64 6.86 -11.59
N GLU D 195 32.87 7.34 -10.37
CA GLU D 195 32.11 6.87 -9.20
C GLU D 195 30.64 7.25 -9.30
N ALA D 196 30.38 8.49 -9.71
CA ALA D 196 29.03 8.99 -9.87
C ALA D 196 28.33 8.25 -11.01
N ALA D 197 29.11 7.96 -12.05
CA ALA D 197 28.58 7.34 -13.25
C ALA D 197 28.11 5.90 -13.09
N VAL D 198 28.73 5.13 -12.19
CA VAL D 198 28.45 3.70 -12.21
C VAL D 198 27.13 3.34 -11.57
N SER D 199 26.53 4.25 -10.84
CA SER D 199 25.39 3.89 -10.01
C SER D 199 23.98 4.04 -10.57
N PRO D 200 23.73 5.06 -11.42
CA PRO D 200 22.34 5.36 -11.61
C PRO D 200 21.48 4.19 -12.07
N LEU D 201 21.91 3.45 -13.08
CA LEU D 201 21.05 2.41 -13.61
C LEU D 201 20.92 1.27 -12.61
N CYS D 202 22.05 0.74 -12.17
CA CYS D 202 22.01 -0.39 -11.27
C CYS D 202 21.44 -0.07 -9.88
N ALA D 203 21.92 1.02 -9.28
CA ALA D 203 21.49 1.40 -7.94
C ALA D 203 20.02 1.81 -7.95
N GLY D 204 19.62 2.61 -8.92
CA GLY D 204 18.22 3.00 -9.05
C GLY D 204 17.32 1.79 -9.22
N THR D 205 17.75 0.82 -10.02
CA THR D 205 16.98 -0.41 -10.24
C THR D 205 16.87 -1.22 -8.96
N ALA D 206 18.00 -1.39 -8.25
CA ALA D 206 18.01 -2.09 -6.97
C ALA D 206 17.14 -1.34 -5.96
N TYR D 207 17.22 -0.01 -5.99
CA TYR D 207 16.42 0.83 -5.11
C TYR D 207 14.93 0.59 -5.34
N ARG D 208 14.51 0.66 -6.59
CA ARG D 208 13.10 0.43 -6.87
C ARG D 208 12.68 -0.95 -6.39
N MET D 209 13.51 -1.95 -6.62
CA MET D 209 13.17 -3.33 -6.29
C MET D 209 13.06 -3.54 -4.79
N LEU D 210 13.88 -2.82 -4.05
CA LEU D 210 14.06 -3.12 -2.64
C LEU D 210 13.59 -2.04 -1.70
N VAL D 211 13.84 -0.79 -2.03
CA VAL D 211 13.57 0.25 -1.05
C VAL D 211 12.23 0.90 -1.31
N SER D 212 11.96 1.14 -2.59
CA SER D 212 10.80 1.91 -3.04
C SER D 212 9.51 1.24 -2.68
N ASP D 213 8.45 2.02 -2.53
CA ASP D 213 7.16 1.43 -2.37
C ASP D 213 6.64 0.88 -3.70
N ARG D 214 7.42 1.01 -4.77
CA ARG D 214 7.06 0.42 -6.07
C ARG D 214 7.66 -0.97 -6.28
N GLY D 215 8.47 -1.42 -5.32
CA GLY D 215 9.08 -2.74 -5.42
C GLY D 215 8.67 -3.59 -4.22
N ALA D 216 9.60 -4.41 -3.74
CA ALA D 216 9.38 -5.28 -2.56
C ALA D 216 9.22 -4.46 -1.28
N GLN D 217 9.80 -3.27 -1.27
CA GLN D 217 9.68 -2.32 -0.15
C GLN D 217 10.06 -2.99 1.16
N MET D 218 11.34 -3.34 1.24
CA MET D 218 11.91 -3.92 2.44
C MET D 218 11.67 -3.03 3.63
N LYS D 219 11.68 -3.64 4.79
CA LYS D 219 11.74 -2.88 6.01
C LYS D 219 12.90 -3.45 6.75
N GLN D 220 13.32 -2.76 7.81
CA GLN D 220 14.38 -3.27 8.62
C GLN D 220 13.96 -4.57 9.25
N GLY D 221 14.94 -5.44 9.43
CA GLY D 221 14.70 -6.79 9.88
C GLY D 221 14.48 -7.76 8.74
N ASP D 222 14.19 -7.27 7.54
CA ASP D 222 13.94 -8.16 6.41
C ASP D 222 15.18 -8.90 6.01
N ILE D 223 15.02 -10.17 5.69
CA ILE D 223 16.12 -10.93 5.16
C ILE D 223 15.92 -10.93 3.66
N VAL D 224 16.96 -10.55 2.94
CA VAL D 224 16.83 -10.41 1.51
C VAL D 224 17.86 -11.31 0.85
N LEU D 225 17.38 -12.29 0.11
CA LEU D 225 18.25 -13.18 -0.64
C LEU D 225 18.57 -12.47 -1.94
N ILE D 226 19.85 -12.27 -2.19
CA ILE D 226 20.27 -11.52 -3.36
C ILE D 226 21.05 -12.45 -4.27
N TRP D 227 20.44 -12.79 -5.40
CA TRP D 227 21.09 -13.57 -6.45
C TRP D 227 22.09 -12.72 -7.17
N GLY D 228 23.09 -13.39 -7.77
CA GLY D 228 24.09 -12.68 -8.59
C GLY D 228 24.59 -11.45 -7.86
N ALA D 229 24.94 -11.65 -6.59
CA ALA D 229 25.07 -10.53 -5.65
C ALA D 229 26.30 -9.65 -5.86
N SER D 230 27.35 -10.17 -6.50
CA SER D 230 28.56 -9.38 -6.69
C SER D 230 28.48 -8.43 -7.87
N GLY D 231 27.45 -8.61 -8.70
CA GLY D 231 27.30 -7.84 -9.95
C GLY D 231 26.88 -6.40 -9.70
N GLY D 232 26.55 -5.68 -10.77
CA GLY D 232 26.08 -4.28 -10.66
C GLY D 232 24.87 -4.13 -9.75
N LEU D 233 23.82 -4.90 -10.02
CA LEU D 233 22.60 -4.84 -9.26
C LEU D 233 22.86 -5.24 -7.83
N GLY D 234 23.47 -6.41 -7.69
CA GLY D 234 23.69 -7.01 -6.42
C GLY D 234 24.46 -6.09 -5.52
N SER D 235 25.46 -5.43 -6.08
CA SER D 235 26.33 -4.56 -5.29
C SER D 235 25.60 -3.43 -4.64
N TYR D 236 24.53 -2.98 -5.30
CA TYR D 236 23.71 -1.96 -4.70
C TYR D 236 22.64 -2.55 -3.81
N ALA D 237 22.04 -3.65 -4.27
CA ALA D 237 21.06 -4.39 -3.48
C ALA D 237 21.57 -4.62 -2.06
N ILE D 238 22.77 -5.20 -1.97
CA ILE D 238 23.38 -5.49 -0.68
C ILE D 238 23.39 -4.26 0.21
N GLN D 239 23.76 -3.12 -0.38
CA GLN D 239 23.90 -1.88 0.36
C GLN D 239 22.57 -1.30 0.79
N PHE D 240 21.56 -1.36 -0.07
CA PHE D 240 20.25 -0.86 0.35
C PHE D 240 19.72 -1.78 1.41
N VAL D 241 20.01 -3.08 1.30
CA VAL D 241 19.47 -4.01 2.30
C VAL D 241 20.12 -3.66 3.64
N LYS D 242 21.44 -3.56 3.66
CA LYS D 242 22.15 -3.27 4.89
C LYS D 242 21.73 -1.91 5.42
N ASN D 243 21.66 -0.93 4.54
CA ASN D 243 21.36 0.41 4.97
C ASN D 243 19.94 0.53 5.52
N GLY D 244 19.02 -0.25 4.98
CA GLY D 244 17.64 -0.24 5.46
C GLY D 244 17.47 -1.08 6.72
N GLY D 245 18.58 -1.63 7.25
CA GLY D 245 18.56 -2.47 8.44
C GLY D 245 18.04 -3.86 8.17
N GLY D 246 18.07 -4.23 6.89
CA GLY D 246 17.77 -5.56 6.45
C GLY D 246 19.00 -6.44 6.58
N ILE D 247 18.85 -7.70 6.23
CA ILE D 247 19.90 -8.67 6.41
C ILE D 247 20.12 -9.27 5.03
N PRO D 248 21.22 -8.89 4.36
CA PRO D 248 21.34 -9.47 3.04
C PRO D 248 21.95 -10.84 3.11
N VAL D 249 21.52 -11.70 2.20
CA VAL D 249 22.20 -12.96 2.04
C VAL D 249 22.57 -13.02 0.58
N ALA D 250 23.86 -12.95 0.30
CA ALA D 250 24.31 -12.94 -1.07
C ALA D 250 24.40 -14.36 -1.58
N VAL D 251 24.01 -14.58 -2.83
CA VAL D 251 24.35 -15.81 -3.53
C VAL D 251 25.31 -15.43 -4.63
N VAL D 252 26.47 -16.07 -4.61
CA VAL D 252 27.52 -15.84 -5.60
C VAL D 252 27.97 -17.20 -6.10
N SER D 253 28.60 -17.22 -7.28
CA SER D 253 28.99 -18.47 -7.92
C SER D 253 30.44 -18.83 -7.65
N SER D 254 31.17 -17.95 -6.98
CA SER D 254 32.61 -18.13 -6.84
C SER D 254 33.14 -17.48 -5.59
N ALA D 255 34.34 -17.91 -5.18
CA ALA D 255 35.06 -17.30 -4.06
C ALA D 255 35.36 -15.83 -4.30
N GLN D 256 35.68 -15.45 -5.54
CA GLN D 256 35.97 -14.05 -5.87
C GLN D 256 34.73 -13.18 -5.73
N LYS D 257 33.61 -13.70 -6.22
CA LYS D 257 32.37 -12.95 -6.18
C LYS D 257 31.93 -12.83 -4.73
N GLU D 258 32.29 -13.83 -3.93
CA GLU D 258 32.10 -13.78 -2.49
C GLU D 258 32.95 -12.70 -1.83
N ALA D 259 34.22 -12.61 -2.24
CA ALA D 259 35.08 -11.57 -1.70
C ALA D 259 34.44 -10.22 -1.97
N ALA D 260 33.92 -10.04 -3.18
CA ALA D 260 33.27 -8.80 -3.57
C ALA D 260 32.12 -8.44 -2.62
N VAL D 261 31.20 -9.38 -2.43
CA VAL D 261 30.06 -9.10 -1.60
C VAL D 261 30.45 -8.85 -0.15
N ARG D 262 31.51 -9.52 0.32
CA ARG D 262 31.94 -9.33 1.69
C ARG D 262 32.58 -7.96 1.83
N ALA D 263 33.23 -7.50 0.77
CA ALA D 263 33.76 -6.15 0.75
C ALA D 263 32.65 -5.13 0.92
N LEU D 264 31.45 -5.45 0.43
CA LEU D 264 30.30 -4.54 0.57
C LEU D 264 29.57 -4.78 1.87
N GLY D 265 30.18 -5.59 2.73
CA GLY D 265 29.65 -5.79 4.07
C GLY D 265 28.54 -6.80 4.14
N CYS D 266 28.38 -7.60 3.09
CA CYS D 266 27.50 -8.72 3.14
C CYS D 266 28.23 -9.89 3.81
N ASP D 267 27.89 -10.08 5.08
CA ASP D 267 28.47 -11.12 5.98
C ASP D 267 28.02 -12.53 5.60
N LEU D 268 26.79 -12.65 5.09
CA LEU D 268 26.16 -13.94 4.89
C LEU D 268 26.17 -14.24 3.42
N VAL D 269 26.83 -15.33 3.05
CA VAL D 269 27.04 -15.63 1.65
C VAL D 269 26.76 -17.10 1.44
N ILE D 270 26.09 -17.38 0.34
CA ILE D 270 25.80 -18.74 -0.06
C ILE D 270 26.49 -18.91 -1.37
N ASN D 271 27.30 -19.94 -1.49
CA ASN D 271 27.88 -20.22 -2.77
C ASN D 271 26.91 -21.05 -3.61
N ARG D 272 26.59 -20.53 -4.80
CA ARG D 272 25.70 -21.18 -5.76
C ARG D 272 26.20 -22.56 -6.18
N ALA D 273 27.49 -22.60 -6.46
CA ALA D 273 28.15 -23.80 -6.98
C ALA D 273 27.84 -24.98 -6.09
N GLU D 274 27.97 -24.78 -4.77
CA GLU D 274 27.72 -25.85 -3.81
C GLU D 274 26.32 -26.43 -3.99
N LEU D 275 25.33 -25.55 -4.24
CA LEU D 275 23.92 -25.91 -4.44
C LEU D 275 23.65 -26.76 -5.68
N GLY D 276 24.52 -26.68 -6.68
CA GLY D 276 24.43 -27.57 -7.83
C GLY D 276 23.77 -26.99 -9.07
N ILE D 277 23.18 -25.81 -8.91
CA ILE D 277 22.59 -25.04 -10.02
C ILE D 277 23.31 -25.11 -11.38
N THR D 278 22.58 -25.59 -12.37
CA THR D 278 23.00 -25.59 -13.78
C THR D 278 21.76 -25.21 -14.58
N ASP D 279 21.95 -24.74 -15.81
CA ASP D 279 20.84 -24.25 -16.65
C ASP D 279 19.72 -25.27 -16.93
N ASP D 280 19.89 -26.50 -16.44
CA ASP D 280 18.83 -27.48 -16.57
C ASP D 280 18.22 -27.87 -15.22
N ILE D 281 18.61 -27.18 -14.14
CA ILE D 281 17.95 -27.33 -12.84
C ILE D 281 16.47 -26.96 -12.96
N ALA D 282 16.20 -25.79 -13.55
CA ALA D 282 14.85 -25.26 -13.72
C ALA D 282 13.96 -26.25 -14.47
N ASP D 283 14.61 -27.06 -15.30
CA ASP D 283 13.95 -28.11 -16.09
C ASP D 283 13.68 -29.37 -15.26
N ASP D 284 14.20 -29.41 -14.05
CA ASP D 284 13.99 -30.55 -13.18
C ASP D 284 13.24 -30.12 -11.91
N PRO D 285 11.89 -30.27 -11.94
CA PRO D 285 11.02 -29.78 -10.88
C PRO D 285 11.43 -30.29 -9.52
N ARG D 286 11.68 -31.60 -9.42
CA ARG D 286 12.09 -32.23 -8.17
C ARG D 286 13.38 -31.62 -7.64
N ARG D 287 14.36 -31.48 -8.52
CA ARG D 287 15.64 -30.87 -8.18
C ARG D 287 15.46 -29.42 -7.71
N VAL D 288 14.61 -28.65 -8.40
CA VAL D 288 14.33 -27.28 -7.96
C VAL D 288 13.81 -27.27 -6.53
N VAL D 289 12.86 -28.16 -6.25
CA VAL D 289 12.31 -28.26 -4.89
C VAL D 289 13.38 -28.66 -3.87
N GLU D 290 14.08 -29.76 -4.11
CA GLU D 290 15.13 -30.16 -3.17
C GLU D 290 16.18 -29.07 -3.03
N THR D 291 16.55 -28.43 -4.15
CA THR D 291 17.58 -27.39 -4.11
C THR D 291 17.06 -26.12 -3.41
N GLY D 292 15.80 -25.76 -3.71
CA GLY D 292 15.14 -24.68 -3.00
C GLY D 292 15.07 -24.96 -1.49
N ARG D 293 14.80 -26.20 -1.13
CA ARG D 293 14.77 -26.54 0.30
C ARG D 293 16.14 -26.37 0.95
N LYS D 294 17.19 -26.86 0.30
CA LYS D 294 18.53 -26.71 0.87
C LYS D 294 18.91 -25.24 0.95
N LEU D 295 18.60 -24.51 -0.12
CA LEU D 295 18.73 -23.06 -0.11
C LEU D 295 17.99 -22.44 1.06
N ALA D 296 16.71 -22.75 1.23
CA ALA D 296 15.93 -22.16 2.31
C ALA D 296 16.64 -22.40 3.64
N LYS D 297 17.08 -23.64 3.84
CA LYS D 297 17.77 -24.04 5.06
C LYS D 297 19.06 -23.28 5.24
N LEU D 298 19.83 -23.15 4.17
CA LEU D 298 21.01 -22.32 4.15
C LEU D 298 20.68 -20.89 4.62
N VAL D 299 19.65 -20.29 4.04
CA VAL D 299 19.22 -18.96 4.49
C VAL D 299 18.83 -18.98 5.96
N VAL D 300 17.98 -19.92 6.35
CA VAL D 300 17.57 -20.06 7.75
C VAL D 300 18.79 -20.18 8.69
N GLU D 301 19.77 -21.00 8.30
CA GLU D 301 21.01 -21.15 9.08
C GLU D 301 21.77 -19.85 9.21
N LYS D 302 21.89 -19.13 8.09
CA LYS D 302 22.71 -17.93 8.04
C LYS D 302 22.02 -16.72 8.68
N ALA D 303 20.74 -16.53 8.35
CA ALA D 303 20.07 -15.27 8.59
C ALA D 303 18.98 -15.43 9.64
N GLY D 304 18.56 -16.68 9.88
CA GLY D 304 17.56 -16.98 10.90
C GLY D 304 16.18 -17.35 10.40
N ARG D 305 15.84 -16.94 9.18
CA ARG D 305 14.54 -17.28 8.61
C ARG D 305 14.72 -17.35 7.12
N GLU D 306 13.68 -17.83 6.44
CA GLU D 306 13.62 -17.77 4.99
C GLU D 306 13.66 -16.32 4.58
N PRO D 307 14.11 -16.07 3.35
CA PRO D 307 14.15 -14.65 3.00
C PRO D 307 12.73 -14.07 2.91
N ASP D 308 12.61 -12.84 3.37
CA ASP D 308 11.44 -12.02 3.16
C ASP D 308 11.30 -11.51 1.73
N ILE D 309 12.43 -11.15 1.14
CA ILE D 309 12.47 -10.72 -0.24
C ILE D 309 13.56 -11.52 -0.94
N VAL D 310 13.24 -11.99 -2.13
CA VAL D 310 14.22 -12.60 -2.99
C VAL D 310 14.48 -11.63 -4.13
N PHE D 311 15.72 -11.23 -4.24
CA PHE D 311 16.13 -10.25 -5.22
C PHE D 311 16.55 -11.03 -6.46
N GLU D 312 15.70 -11.03 -7.47
CA GLU D 312 15.91 -11.84 -8.66
C GLU D 312 16.36 -11.03 -9.84
N HIS D 313 17.05 -11.70 -10.75
CA HIS D 313 17.45 -11.11 -12.02
C HIS D 313 18.24 -12.15 -12.78
N THR D 314 18.66 -13.18 -12.07
CA THR D 314 19.49 -14.25 -12.65
C THR D 314 18.62 -15.11 -13.54
N GLY D 315 17.32 -15.09 -13.26
CA GLY D 315 16.34 -15.60 -14.19
C GLY D 315 16.06 -17.08 -14.06
N ARG D 316 15.79 -17.73 -15.20
CA ARG D 316 15.18 -19.05 -15.20
C ARG D 316 15.86 -20.09 -14.30
N VAL D 317 17.19 -20.08 -14.20
CA VAL D 317 17.89 -21.10 -13.40
C VAL D 317 17.55 -20.97 -11.93
N THR D 318 17.40 -19.73 -11.47
CA THR D 318 17.23 -19.42 -10.05
C THR D 318 15.78 -19.17 -9.70
N PHE D 319 14.96 -18.91 -10.71
CA PHE D 319 13.62 -18.38 -10.40
C PHE D 319 12.70 -19.35 -9.67
N GLY D 320 12.70 -20.62 -10.09
CA GLY D 320 11.92 -21.62 -9.37
C GLY D 320 12.35 -21.72 -7.92
N LEU D 321 13.66 -21.56 -7.70
CA LEU D 321 14.25 -21.58 -6.36
C LEU D 321 13.77 -20.38 -5.56
N SER D 322 13.77 -19.24 -6.23
CA SER D 322 13.37 -17.99 -5.64
C SER D 322 11.96 -18.09 -5.12
N VAL D 323 11.06 -18.65 -5.93
CA VAL D 323 9.66 -18.81 -5.51
C VAL D 323 9.56 -19.75 -4.30
N ILE D 324 10.39 -20.79 -4.29
CA ILE D 324 10.39 -21.77 -3.19
C ILE D 324 10.95 -21.18 -1.88
N VAL D 325 12.07 -20.47 -1.95
CA VAL D 325 12.77 -20.07 -0.72
C VAL D 325 12.14 -18.91 0.00
N ALA D 326 11.46 -18.03 -0.74
CA ALA D 326 10.86 -16.86 -0.14
C ALA D 326 9.92 -17.31 0.95
N ARG D 327 9.89 -16.56 2.05
CA ARG D 327 9.00 -16.94 3.12
C ARG D 327 7.58 -16.88 2.59
N ARG D 328 6.74 -17.52 3.36
CA ARG D 328 5.33 -17.34 3.30
C ARG D 328 4.98 -15.84 3.29
N GLY D 329 4.26 -15.45 2.24
CA GLY D 329 3.92 -14.06 2.02
C GLY D 329 5.09 -13.21 1.54
N GLY D 330 6.21 -13.86 1.25
CA GLY D 330 7.42 -13.18 0.83
C GLY D 330 7.31 -12.71 -0.60
N THR D 331 8.30 -11.94 -1.01
CA THR D 331 8.32 -11.33 -2.32
C THR D 331 9.55 -11.72 -3.12
N VAL D 332 9.33 -12.24 -4.32
CA VAL D 332 10.41 -12.33 -5.28
C VAL D 332 10.29 -11.09 -6.16
N VAL D 333 11.30 -10.25 -6.16
CA VAL D 333 11.29 -9.08 -7.02
C VAL D 333 12.30 -9.34 -8.09
N THR D 334 11.89 -9.19 -9.35
CA THR D 334 12.74 -9.58 -10.47
C THR D 334 12.80 -8.41 -11.41
N CYS D 335 14.00 -8.12 -11.91
CA CYS D 335 14.18 -7.07 -12.89
C CYS D 335 14.95 -7.58 -14.07
N GLY D 336 15.05 -8.90 -14.20
CA GLY D 336 15.77 -9.45 -15.33
C GLY D 336 15.76 -10.96 -15.32
N SER D 337 16.37 -11.54 -16.35
CA SER D 337 16.45 -12.98 -16.50
C SER D 337 17.74 -13.38 -17.20
N SER D 338 18.89 -13.06 -16.60
CA SER D 338 20.21 -13.35 -17.21
C SER D 338 20.39 -14.77 -17.76
N SER D 339 19.96 -15.75 -16.99
CA SER D 339 20.08 -17.15 -17.42
C SER D 339 18.91 -17.60 -18.30
N GLY D 340 18.01 -16.68 -18.65
CA GLY D 340 16.94 -17.00 -19.61
C GLY D 340 15.58 -16.58 -19.11
N TYR D 341 14.79 -15.99 -19.99
CA TYR D 341 13.49 -15.41 -19.58
C TYR D 341 12.34 -16.41 -19.46
N LEU D 342 12.53 -17.62 -19.98
CA LEU D 342 11.52 -18.64 -19.81
C LEU D 342 11.62 -19.13 -18.39
N HIS D 343 10.81 -18.54 -17.51
CA HIS D 343 10.85 -18.93 -16.12
C HIS D 343 9.87 -20.05 -15.87
N THR D 344 10.28 -20.98 -15.03
CA THR D 344 9.42 -22.06 -14.62
C THR D 344 9.40 -22.12 -13.11
N PHE D 345 8.20 -22.17 -12.54
CA PHE D 345 8.11 -22.30 -11.10
C PHE D 345 6.89 -23.12 -10.74
N ASP D 346 6.92 -23.67 -9.54
CA ASP D 346 5.84 -24.43 -9.00
C ASP D 346 4.87 -23.46 -8.32
N ASN D 347 3.73 -23.24 -8.97
CA ASN D 347 2.78 -22.23 -8.50
C ASN D 347 2.22 -22.53 -7.12
N ARG D 348 2.16 -23.81 -6.73
CA ARG D 348 1.75 -24.19 -5.39
C ARG D 348 2.54 -23.40 -4.34
N TYR D 349 3.85 -23.26 -4.58
CA TYR D 349 4.70 -22.51 -3.66
C TYR D 349 4.30 -21.04 -3.62
N LEU D 350 3.79 -20.55 -4.74
CA LEU D 350 3.45 -19.14 -4.84
C LEU D 350 2.12 -18.88 -4.18
N TRP D 351 1.06 -19.49 -4.70
CA TRP D 351 -0.27 -19.17 -4.17
C TRP D 351 -0.47 -19.74 -2.77
N MET D 352 -0.01 -20.96 -2.53
CA MET D 352 -0.32 -21.62 -1.25
C MET D 352 0.32 -20.87 -0.12
N LYS D 353 1.43 -20.20 -0.41
CA LYS D 353 2.18 -19.48 0.63
C LYS D 353 2.03 -17.97 0.48
N LEU D 354 1.04 -17.60 -0.33
CA LEU D 354 0.71 -16.22 -0.61
C LEU D 354 1.93 -15.37 -0.94
N LYS D 355 2.80 -15.89 -1.80
CA LYS D 355 3.96 -15.12 -2.17
C LYS D 355 3.65 -14.25 -3.37
N LYS D 356 4.54 -13.32 -3.66
CA LYS D 356 4.33 -12.40 -4.76
C LYS D 356 5.58 -12.37 -5.58
N ILE D 357 5.38 -12.17 -6.86
CA ILE D 357 6.48 -11.86 -7.74
C ILE D 357 6.21 -10.48 -8.27
N VAL D 358 7.12 -9.57 -7.94
CA VAL D 358 7.05 -8.20 -8.39
C VAL D 358 8.06 -7.99 -9.50
N GLY D 359 7.53 -7.72 -10.68
CA GLY D 359 8.33 -7.41 -11.83
C GLY D 359 8.74 -5.97 -11.59
N SER D 360 10.02 -5.70 -11.70
CA SER D 360 10.49 -4.35 -11.59
C SER D 360 11.46 -4.04 -12.72
N HIS D 361 11.57 -2.76 -13.05
CA HIS D 361 12.39 -2.35 -14.15
C HIS D 361 12.76 -0.91 -13.88
N GLY D 362 14.06 -0.65 -13.96
CA GLY D 362 14.60 0.69 -13.80
C GLY D 362 14.16 1.32 -12.51
N ALA D 363 13.85 2.61 -12.58
CA ALA D 363 13.50 3.41 -11.42
C ALA D 363 13.01 4.70 -11.98
N ASN D 364 11.92 5.20 -11.44
CA ASN D 364 11.43 6.47 -11.90
C ASN D 364 12.29 7.58 -11.31
N HIS D 365 12.07 8.79 -11.78
CA HIS D 365 12.85 9.95 -11.41
C HIS D 365 12.84 10.17 -9.88
N GLU D 366 11.72 9.86 -9.25
CA GLU D 366 11.63 9.99 -7.80
C GLU D 366 12.53 9.00 -7.07
N GLU D 367 12.43 7.73 -7.47
CA GLU D 367 13.27 6.68 -6.92
C GLU D 367 14.74 6.96 -7.19
N GLN D 368 15.02 7.55 -8.34
CA GLN D 368 16.39 7.87 -8.69
C GLN D 368 16.92 9.00 -7.84
N GLN D 369 16.09 10.02 -7.59
CA GLN D 369 16.45 11.04 -6.64
C GLN D 369 16.70 10.44 -5.26
N ALA D 370 15.80 9.55 -4.85
CA ALA D 370 15.93 8.92 -3.54
C ALA D 370 17.22 8.12 -3.47
N THR D 371 17.51 7.42 -4.55
CA THR D 371 18.75 6.67 -4.67
C THR D 371 19.89 7.66 -4.61
N ASN D 372 19.79 8.71 -5.40
CA ASN D 372 20.81 9.75 -5.39
C ASN D 372 21.06 10.32 -3.99
N ARG D 373 20.01 10.56 -3.24
CA ARG D 373 20.13 11.05 -1.86
C ARG D 373 20.91 10.13 -0.94
N LEU D 374 20.76 8.83 -1.14
CA LEU D 374 21.54 7.85 -0.38
C LEU D 374 23.01 7.84 -0.78
N PHE D 375 23.29 8.14 -2.04
CA PHE D 375 24.69 8.40 -2.42
C PHE D 375 25.19 9.72 -1.84
N GLU D 376 24.33 10.74 -1.86
CA GLU D 376 24.70 12.07 -1.37
C GLU D 376 25.12 12.05 0.06
N SER D 377 24.42 11.27 0.89
CA SER D 377 24.74 11.19 2.30
C SER D 377 25.88 10.21 2.57
N GLY D 378 26.30 9.43 1.58
CA GLY D 378 27.29 8.37 1.81
C GLY D 378 26.72 7.10 2.40
N ALA D 379 25.40 7.02 2.50
CA ALA D 379 24.75 5.84 3.06
C ALA D 379 25.03 4.66 2.14
N VAL D 380 25.11 4.95 0.85
CA VAL D 380 25.39 3.97 -0.17
C VAL D 380 26.61 4.51 -0.95
N VAL D 381 27.47 3.62 -1.38
CA VAL D 381 28.69 4.02 -2.08
C VAL D 381 28.63 3.39 -3.45
N PRO D 382 29.44 3.91 -4.40
CA PRO D 382 29.44 3.29 -5.71
C PRO D 382 30.10 1.91 -5.66
N ALA D 383 29.67 1.05 -6.58
CA ALA D 383 30.16 -0.29 -6.71
C ALA D 383 31.25 -0.38 -7.77
N MET D 384 31.91 0.74 -8.07
CA MET D 384 32.91 0.76 -9.16
C MET D 384 34.03 -0.19 -8.80
N SER D 385 34.34 -1.16 -9.67
CA SER D 385 35.44 -2.08 -9.42
C SER D 385 36.58 -1.89 -10.42
N ALA D 386 36.26 -1.27 -11.54
CA ALA D 386 37.19 -1.08 -12.63
C ALA D 386 36.82 0.15 -13.45
N VAL D 387 37.83 0.75 -14.08
CA VAL D 387 37.64 1.92 -14.91
C VAL D 387 38.36 1.67 -16.23
N TYR D 388 37.65 1.91 -17.33
CA TYR D 388 38.23 1.87 -18.65
C TYR D 388 38.07 3.24 -19.27
N PRO D 389 39.03 3.64 -20.10
CA PRO D 389 38.77 4.81 -20.94
C PRO D 389 37.80 4.40 -22.03
N LEU D 390 37.12 5.39 -22.62
CA LEU D 390 36.18 5.15 -23.69
C LEU D 390 36.82 4.38 -24.84
N ALA D 391 38.11 4.68 -25.08
CA ALA D 391 38.96 3.95 -26.03
C ALA D 391 38.83 2.45 -25.82
N GLU D 392 38.72 2.04 -24.55
CA GLU D 392 38.68 0.63 -24.19
C GLU D 392 37.30 0.13 -23.73
N ALA D 393 36.24 0.80 -24.17
CA ALA D 393 34.91 0.48 -23.68
C ALA D 393 34.42 -0.85 -24.24
N ALA D 394 34.91 -1.20 -25.43
CA ALA D 394 34.55 -2.50 -26.01
C ALA D 394 35.03 -3.63 -25.10
N GLU D 395 36.25 -3.46 -24.58
CA GLU D 395 36.85 -4.44 -23.71
C GLU D 395 36.11 -4.47 -22.37
N ALA D 396 35.84 -3.29 -21.81
CA ALA D 396 34.98 -3.19 -20.64
C ALA D 396 33.69 -3.97 -20.88
N CYS D 397 33.05 -3.69 -22.01
CA CYS D 397 31.83 -4.41 -22.34
C CYS D 397 32.07 -5.92 -22.37
N ARG D 398 33.19 -6.35 -22.98
CA ARG D 398 33.54 -7.76 -23.06
C ARG D 398 33.77 -8.34 -21.68
N VAL D 399 34.39 -7.57 -20.79
CA VAL D 399 34.58 -8.01 -19.40
C VAL D 399 33.24 -8.34 -18.73
N VAL D 400 32.25 -7.49 -18.98
CA VAL D 400 30.92 -7.73 -18.46
C VAL D 400 30.24 -8.87 -19.21
N GLN D 401 30.40 -8.90 -20.53
CA GLN D 401 29.84 -9.99 -21.33
C GLN D 401 30.26 -11.35 -20.81
N THR D 402 31.50 -11.41 -20.35
CA THR D 402 32.09 -12.68 -19.96
C THR D 402 32.13 -12.85 -18.48
N SER D 403 31.33 -12.02 -17.77
CA SER D 403 31.21 -12.06 -16.30
C SER D 403 32.55 -12.09 -15.57
N ARG D 404 33.51 -11.32 -16.07
CA ARG D 404 34.82 -11.22 -15.42
C ARG D 404 34.81 -10.17 -14.34
N GLN D 405 33.72 -9.42 -14.27
CA GLN D 405 33.62 -8.30 -13.34
C GLN D 405 32.81 -8.66 -12.11
N VAL D 406 32.97 -7.77 -11.13
CA VAL D 406 32.30 -7.71 -9.90
C VAL D 406 31.87 -6.23 -9.84
N GLY D 407 30.73 -5.92 -9.23
CA GLY D 407 30.26 -4.54 -9.21
C GLY D 407 30.11 -3.91 -10.59
N LYS D 408 30.61 -2.70 -10.71
CA LYS D 408 30.36 -1.84 -11.86
C LYS D 408 31.63 -1.49 -12.59
N VAL D 409 31.64 -1.69 -13.91
CA VAL D 409 32.79 -1.27 -14.70
C VAL D 409 32.47 0.12 -15.22
N ALA D 410 33.24 1.11 -14.76
CA ALA D 410 33.08 2.48 -15.19
C ALA D 410 33.86 2.71 -16.48
N VAL D 411 33.37 3.65 -17.28
CA VAL D 411 34.05 4.05 -18.49
C VAL D 411 34.19 5.56 -18.43
N LEU D 412 35.41 6.03 -18.56
CA LEU D 412 35.64 7.44 -18.64
C LEU D 412 35.24 7.78 -20.05
N CYS D 413 34.56 8.89 -20.21
CA CYS D 413 34.17 9.32 -21.54
C CYS D 413 34.98 10.56 -21.85
N MET D 414 34.48 11.73 -21.45
CA MET D 414 35.26 12.96 -21.66
C MET D 414 36.27 13.18 -20.53
N ALA D 415 36.05 12.57 -19.37
CA ALA D 415 37.03 12.64 -18.28
C ALA D 415 38.39 12.08 -18.75
N PRO D 416 39.45 12.91 -18.73
CA PRO D 416 40.73 12.50 -19.33
C PRO D 416 41.54 11.59 -18.41
N GLU D 417 41.05 11.43 -17.20
CA GLU D 417 41.67 10.55 -16.22
C GLU D 417 40.66 10.29 -15.12
N GLN D 418 40.95 9.31 -14.27
CA GLN D 418 40.22 9.07 -13.06
C GLN D 418 40.44 10.18 -12.02
N GLY D 419 39.56 10.23 -11.01
CA GLY D 419 39.76 11.11 -9.85
C GLY D 419 39.23 12.53 -9.97
N LEU D 420 38.67 12.86 -11.14
CA LEU D 420 38.16 14.20 -11.40
C LEU D 420 36.70 14.32 -11.00
N GLY D 421 36.24 15.56 -10.86
CA GLY D 421 34.83 15.82 -10.64
C GLY D 421 34.38 15.89 -9.20
N VAL D 422 35.31 15.68 -8.27
CA VAL D 422 35.01 15.86 -6.85
C VAL D 422 34.92 17.35 -6.59
N THR D 423 33.72 17.78 -6.18
CA THR D 423 33.49 19.19 -5.89
C THR D 423 33.12 19.39 -4.42
N ASP D 424 33.06 18.29 -3.68
CA ASP D 424 33.01 18.35 -2.23
C ASP D 424 34.08 17.44 -1.67
N PRO D 425 35.35 17.88 -1.72
CA PRO D 425 36.43 17.06 -1.19
C PRO D 425 36.35 16.77 0.31
N ASP D 426 35.79 17.69 1.11
CA ASP D 426 35.70 17.47 2.56
C ASP D 426 34.83 16.25 2.87
N LEU D 427 33.71 16.15 2.17
CA LEU D 427 32.80 15.03 2.37
C LEU D 427 33.46 13.75 1.89
N ARG D 428 34.10 13.81 0.72
CA ARG D 428 34.90 12.70 0.19
C ARG D 428 35.88 12.16 1.24
N ALA D 429 36.60 13.07 1.90
CA ALA D 429 37.59 12.71 2.92
C ALA D 429 36.96 12.15 4.20
N ARG D 430 35.82 12.70 4.60
CA ARG D 430 35.10 12.22 5.78
C ARG D 430 34.62 10.79 5.55
N LEU D 431 33.97 10.57 4.42
CA LEU D 431 33.51 9.24 4.03
C LEU D 431 34.69 8.30 3.83
N GLY D 432 35.64 8.70 2.99
CA GLY D 432 36.84 7.92 2.75
C GLY D 432 36.84 7.34 1.35
N GLU D 433 37.96 7.49 0.66
CA GLU D 433 38.08 7.02 -0.72
C GLU D 433 37.88 5.52 -0.81
N ASP D 434 38.46 4.79 0.17
CA ASP D 434 38.37 3.35 0.23
C ASP D 434 36.97 2.92 0.54
N ARG D 435 36.34 3.67 1.44
CA ARG D 435 34.96 3.44 1.80
C ARG D 435 34.11 3.53 0.54
N LEU D 436 34.42 4.52 -0.31
CA LEU D 436 33.60 4.82 -1.48
C LEU D 436 33.89 3.86 -2.62
N ASN D 437 34.93 3.06 -2.43
CA ASN D 437 35.38 2.16 -3.46
C ASN D 437 35.67 0.77 -2.93
N PRO D 438 34.67 0.16 -2.27
CA PRO D 438 34.84 -1.16 -1.70
C PRO D 438 35.24 -2.21 -2.73
N LEU D 439 34.87 -2.02 -3.99
CA LEU D 439 35.17 -3.05 -4.97
C LEU D 439 36.40 -2.76 -5.82
N ARG D 440 37.13 -1.69 -5.48
CA ARG D 440 38.29 -1.25 -6.27
C ARG D 440 39.23 -2.42 -6.61
N GLY D 441 39.52 -2.58 -7.90
CA GLY D 441 40.46 -3.62 -8.36
C GLY D 441 39.96 -5.05 -8.21
N LEU D 442 38.74 -5.26 -7.73
CA LEU D 442 38.22 -6.62 -7.63
C LEU D 442 37.71 -7.14 -8.98
N THR D 443 37.81 -8.46 -9.17
CA THR D 443 37.27 -9.12 -10.35
C THR D 443 36.53 -10.39 -9.98
N ALA D 444 35.89 -11.01 -10.96
CA ALA D 444 35.23 -12.29 -10.78
C ALA D 444 36.10 -13.44 -11.26
N1A CO8 E . 1.76 -39.97 -0.60
C2A CO8 E . 2.12 -39.63 0.64
N3A CO8 E . 2.87 -38.57 0.87
C4A CO8 E . 3.28 -37.79 -0.16
C5A CO8 E . 2.92 -38.11 -1.48
C6A CO8 E . 2.15 -39.24 -1.68
N6A CO8 E . 1.77 -39.57 -2.92
N7A CO8 E . 3.46 -37.18 -2.27
C8A CO8 E . 4.13 -36.32 -1.50
N9A CO8 E . 4.02 -36.70 -0.22
C1B CO8 E . 4.59 -36.04 0.99
C2B CO8 E . 6.09 -36.32 1.12
O2B CO8 E . 6.43 -36.54 2.50
C3B CO8 E . 6.68 -35.02 0.60
O3B CO8 E . 7.98 -34.81 1.14
P3B CO8 E . 9.21 -35.12 0.15
O7A CO8 E . 10.21 -36.13 0.97
O8A CO8 E . 8.71 -36.08 -1.09
O9A CO8 E . 9.85 -33.89 -0.35
C4B CO8 E . 5.70 -33.97 1.09
O4B CO8 E . 4.41 -34.59 0.94
C5B CO8 E . 5.63 -32.76 0.16
O5B CO8 E . 4.59 -31.87 0.61
P1A CO8 E . 4.82 -30.96 1.96
O1A CO8 E . 3.44 -30.06 2.14
O2A CO8 E . 5.08 -31.74 3.20
O3A CO8 E . 6.15 -30.04 1.65
P2A CO8 E . 6.23 -28.54 0.97
O4A CO8 E . 7.55 -28.52 0.06
O5A CO8 E . 6.22 -27.41 1.96
O6A CO8 E . 4.99 -28.42 -0.08
CBP CO8 E . 3.05 -27.39 -1.18
CCP CO8 E . 4.25 -27.21 -0.21
CDP CO8 E . 3.65 -27.54 -2.58
CEP CO8 E . 2.21 -26.11 -1.13
CAP CO8 E . 2.22 -28.65 -0.75
OAP CO8 E . 1.86 -28.65 0.68
C9P CO8 E . 0.96 -28.92 -1.62
O9P CO8 E . 1.11 -29.39 -2.76
N8P CO8 E . -0.23 -28.65 -1.07
C7P CO8 E . -1.53 -28.95 -1.77
C6P CO8 E . -2.23 -27.72 -2.42
C5P CO8 E . -2.78 -28.14 -3.80
O5P CO8 E . -2.01 -28.51 -4.68
N4P CO8 E . -4.09 -28.25 -4.00
C3P CO8 E . -5.21 -27.74 -3.23
C2P CO8 E . -5.77 -26.66 -4.17
S1P CO8 E . -5.78 -25.01 -3.38
C1' CO8 E . -7.48 -24.94 -3.02
O1' CO8 E . -8.34 -25.53 -3.70
C2' CO8 E . -7.78 -24.17 -1.92
C3' CO8 E . -9.05 -23.96 -1.47
C4' CO8 E . -9.26 -23.14 -0.36
C5' CO8 E . -8.04 -22.85 0.50
C6' CO8 E . -8.58 -22.08 1.72
C7' CO8 E . -7.42 -21.52 2.51
C8' CO8 E . -7.99 -20.89 3.78
PA NAP F . -14.37 -24.97 -10.73
O1A NAP F . -15.75 -24.52 -10.10
O2A NAP F . -14.30 -26.35 -11.30
O5B NAP F . -14.06 -23.95 -11.85
C5B NAP F . -12.80 -24.06 -12.48
C4B NAP F . -12.95 -23.45 -13.86
O4B NAP F . -11.65 -23.52 -14.46
C3B NAP F . -13.91 -24.25 -14.77
O3B NAP F . -15.02 -23.40 -14.99
C2B NAP F . -13.18 -24.37 -16.09
O2B NAP F . -13.43 -23.25 -16.94
C1B NAP F . -11.74 -24.34 -15.72
N9A NAP F . -11.33 -25.72 -15.38
C8A NAP F . -12.04 -26.72 -14.83
N7A NAP F . -11.27 -27.80 -14.65
C5A NAP F . -10.06 -27.47 -15.11
C6A NAP F . -8.89 -28.17 -15.21
N6A NAP F . -8.83 -29.42 -14.77
N1A NAP F . -7.83 -27.55 -15.72
C2A NAP F . -7.90 -26.28 -16.11
N3A NAP F . -9.00 -25.58 -16.06
C4A NAP F . -10.10 -26.16 -15.55
O3 NAP F . -13.19 -24.82 -9.65
PN NAP F . -12.95 -23.50 -8.78
O1N NAP F . -13.75 -23.82 -7.47
O2N NAP F . -13.25 -22.21 -9.50
O5D NAP F . -11.40 -23.72 -8.49
C5D NAP F . -10.54 -23.50 -9.60
C4D NAP F . -9.15 -23.73 -9.09
O4D NAP F . -8.96 -22.78 -7.99
C3D NAP F . -8.96 -25.11 -8.46
O3D NAP F . -7.62 -25.46 -8.87
C2D NAP F . -9.02 -24.86 -6.97
O2D NAP F . -8.26 -25.83 -6.23
C1D NAP F . -8.30 -23.53 -6.94
N1N NAP F . -8.83 -22.81 -5.80
C2N NAP F . -7.91 -22.25 -4.93
C3N NAP F . -8.42 -21.56 -3.87
C7N NAP F . -7.43 -20.98 -2.94
O7N NAP F . -6.22 -21.00 -3.17
N7N NAP F . -7.99 -20.49 -1.87
C4N NAP F . -9.80 -21.43 -3.66
C5N NAP F . -10.74 -21.97 -4.52
C6N NAP F . -10.23 -22.67 -5.61
P2B NAP F . -13.05 -23.48 -18.49
O1X NAP F . -13.91 -22.21 -19.06
O2X NAP F . -11.47 -23.23 -18.73
O3X NAP F . -13.60 -24.85 -18.75
PA NAP G . 7.32 9.13 28.37
O1A NAP G . 8.42 8.02 28.62
O2A NAP G . 6.94 9.81 29.60
O5B NAP G . 7.87 10.11 27.32
C5B NAP G . 7.06 11.17 26.82
C4B NAP G . 7.94 12.26 26.27
O4B NAP G . 7.07 13.36 25.82
C3B NAP G . 8.82 12.87 27.41
O3B NAP G . 10.19 12.56 27.18
C2B NAP G . 8.67 14.38 27.25
O2B NAP G . 9.65 14.84 26.32
C1B NAP G . 7.36 14.58 26.59
N9A NAP G . 6.37 14.66 27.64
C8A NAP G . 6.39 14.03 28.81
N7A NAP G . 5.30 14.33 29.49
C5A NAP G . 4.60 15.16 28.73
C6A NAP G . 3.41 15.78 28.93
N6A NAP G . 2.76 15.57 30.09
N1A NAP G . 2.95 16.57 27.95
C2A NAP G . 3.62 16.77 26.80
N3A NAP G . 4.78 16.18 26.60
C4A NAP G . 5.27 15.37 27.54
O3 NAP G . 5.94 8.54 27.79
PN NAP G . 5.91 7.52 26.53
O1N NAP G . 5.96 6.11 27.15
O2N NAP G . 6.92 7.86 25.49
O5D NAP G . 4.47 7.90 26.10
C5D NAP G . 4.33 9.18 25.38
C4D NAP G . 2.83 9.41 25.12
O4D NAP G . 2.40 8.41 24.09
C3D NAP G . 1.97 9.15 26.34
O3D NAP G . 0.82 10.01 26.32
C2D NAP G . 1.49 7.73 26.10
O2D NAP G . 0.28 7.49 26.87
C1D NAP G . 1.25 7.76 24.60
N1N NAP G . 1.56 6.38 24.20
C2N NAP G . 0.64 5.73 23.36
C3N NAP G . 0.87 4.42 22.98
C7N NAP G . -0.19 3.80 22.07
O7N NAP G . -1.12 4.50 21.60
N7N NAP G . -0.02 2.52 21.81
C4N NAP G . 2.02 3.76 23.44
C5N NAP G . 2.94 4.39 24.29
C6N NAP G . 2.72 5.71 24.66
P2B NAP G . 10.08 16.42 26.16
O1X NAP G . 8.85 17.16 25.47
O2X NAP G . 10.20 16.79 27.71
O3X NAP G . 11.37 16.40 25.43
N1A CO8 H . -16.10 7.93 35.89
C2A CO8 H . -16.78 6.91 35.34
N3A CO8 H . -17.05 6.88 34.04
C4A CO8 H . -16.64 7.87 33.24
C5A CO8 H . -15.94 8.96 33.77
C6A CO8 H . -15.68 8.97 35.14
N6A CO8 H . -15.00 9.97 35.69
N7A CO8 H . -15.66 9.79 32.78
C8A CO8 H . -16.16 9.27 31.65
N9A CO8 H . -16.76 8.11 31.93
C1B CO8 H . -17.45 7.20 30.95
C2B CO8 H . -18.83 7.74 30.55
O2B CO8 H . -19.77 6.67 30.41
C3B CO8 H . -18.51 8.37 29.20
O3B CO8 H . -19.67 8.36 28.38
P3B CO8 H . -20.06 9.77 27.73
O7A CO8 H . -18.96 10.32 26.88
O8A CO8 H . -21.44 9.50 26.91
O9A CO8 H . -20.43 10.72 29.02
C4B CO8 H . -17.47 7.43 28.60
O4B CO8 H . -16.65 7.08 29.73
C5B CO8 H . -16.57 8.03 27.49
O5B CO8 H . -15.61 7.03 27.07
P1A CO8 H . -16.09 5.68 26.26
O1A CO8 H . -17.13 4.86 26.96
O2A CO8 H . -14.76 4.81 25.92
O3A CO8 H . -16.76 6.24 24.84
P2A CO8 H . -15.97 6.64 23.46
O4A CO8 H . -16.73 7.97 22.91
O5A CO8 H . -15.89 5.56 22.42
O6A CO8 H . -14.51 7.16 23.93
CBP CO8 H . -12.08 7.23 23.77
CCP CO8 H . -13.40 6.82 23.10
CDP CO8 H . -12.03 8.76 23.72
CEP CO8 H . -10.97 6.64 22.88
CAP CO8 H . -12.02 6.73 25.26
OAP CO8 H . -12.25 5.29 25.42
C9P CO8 H . -10.70 7.09 25.97
O9P CO8 H . -10.42 8.27 26.24
N8P CO8 H . -9.91 6.06 26.29
C7P CO8 H . -8.63 6.26 26.99
C6P CO8 H . -7.57 6.69 25.95
C5P CO8 H . -6.25 7.16 26.59
O5P CO8 H . -6.02 8.37 26.73
N4P CO8 H . -5.41 6.16 26.90
C3P CO8 H . -4.06 6.35 27.48
C2P CO8 H . -3.07 6.82 26.41
S1P CO8 H . -2.80 5.63 25.02
C1' CO8 H . -1.54 4.59 25.60
O1' CO8 H . -0.73 4.96 26.47
C2' CO8 H . -1.50 3.34 25.01
C3' CO8 H . -0.54 2.39 25.35
C4' CO8 H . -0.47 1.16 24.69
C5' CO8 H . -1.77 0.70 24.12
C6' CO8 H . -1.47 -0.71 23.71
C7' CO8 H . -2.57 -1.25 22.85
C8' CO8 H . -2.06 -2.65 22.53
PA NAP I . -19.17 23.65 -3.66
O1A NAP I . -19.63 23.18 -5.08
O2A NAP I . -19.57 25.03 -3.26
O5B NAP I . -19.70 22.47 -2.71
C5B NAP I . -19.33 22.55 -1.36
C4B NAP I . -20.40 21.91 -0.54
O4B NAP I . -19.93 22.01 0.85
C3B NAP I . -21.67 22.76 -0.65
O3B NAP I . -22.65 22.05 -1.46
C2B NAP I . -22.13 22.83 0.79
O2B NAP I . -22.81 21.64 1.16
C1B NAP I . -20.80 22.88 1.59
N9A NAP I . -20.27 24.27 1.79
C8A NAP I . -20.19 25.28 0.91
N7A NAP I . -19.68 26.35 1.52
C5A NAP I . -19.43 26.01 2.79
C6A NAP I . -18.89 26.68 3.87
N6A NAP I . -18.52 27.97 3.74
N1A NAP I . -18.77 26.03 5.05
C2A NAP I . -19.14 24.75 5.19
N3A NAP I . -19.66 24.08 4.16
C4A NAP I . -19.80 24.69 2.96
O3 NAP I . -17.49 23.47 -3.69
PN NAP I . -16.59 22.13 -4.23
O1N NAP I . -17.73 21.13 -3.80
O2N NAP I . -16.60 22.83 -5.56
O5D NAP I . -15.69 22.74 -3.03
C5D NAP I . -15.79 22.19 -1.68
C4D NAP I . -14.53 22.53 -0.89
O4D NAP I . -13.49 21.63 -1.38
C3D NAP I . -13.90 23.91 -1.04
O3D NAP I . -13.08 24.08 0.09
C2D NAP I . -13.00 23.71 -2.24
O2D NAP I . -11.98 24.70 -2.29
C1D NAP I . -12.39 22.42 -1.81
N1N NAP I . -11.86 21.80 -3.02
C2N NAP I . -10.55 21.40 -2.98
C3N NAP I . -9.99 20.81 -4.10
C7N NAP I . -8.53 20.39 -4.01
O7N NAP I . -7.87 20.48 -2.97
N7N NAP I . -8.05 19.96 -5.17
C4N NAP I . -10.75 20.62 -5.24
C5N NAP I . -12.09 21.02 -5.29
C6N NAP I . -12.64 21.62 -4.18
P2B NAP I . -24.13 21.74 2.22
O1X NAP I . -24.53 20.47 3.21
O2X NAP I . -24.31 23.29 2.84
O3X NAP I . -23.11 21.70 3.32
N1A CO8 J . -2.49 40.70 1.29
C2A CO8 J . -1.32 40.62 0.68
N3A CO8 J . -0.50 39.58 0.87
C4A CO8 J . -0.85 38.58 1.71
C5A CO8 J . -2.06 38.63 2.36
C6A CO8 J . -2.89 39.72 2.14
N6A CO8 J . -4.08 39.80 2.75
N7A CO8 J . -2.17 37.54 3.12
C8A CO8 J . -1.06 36.82 2.94
N9A CO8 J . -0.24 37.44 2.09
C1B CO8 J . 1.12 36.93 1.63
C2B CO8 J . 2.22 37.08 2.68
O2B CO8 J . 3.48 37.34 2.03
C3B CO8 J . 2.23 35.71 3.33
O3B CO8 J . 3.49 35.43 3.96
P3B CO8 J . 3.57 35.49 5.58
O7A CO8 J . 3.38 37.06 5.97
O8A CO8 J . 2.22 34.78 6.13
O9A CO8 J . 4.80 34.88 6.14
C4B CO8 J . 2.01 34.77 2.14
O4B CO8 J . 1.03 35.48 1.33
C5B CO8 J . 1.43 33.43 2.63
O5B CO8 J . 0.96 32.61 1.53
P1A CO8 J . 1.82 31.32 1.01
O1A CO8 J . 1.08 30.86 -0.36
O2A CO8 J . 3.26 31.63 0.77
O3A CO8 J . 1.57 30.09 2.11
P2A CO8 J . 2.38 28.65 2.25
O4A CO8 J . 3.39 28.84 3.50
O5A CO8 J . 3.09 28.19 1.02
O6A CO8 J . 1.29 27.54 2.77
CBP CO8 J . -1.04 27.47 1.86
CCP CO8 J . 0.38 26.89 1.85
CDP CO8 J . -1.35 27.97 3.28
CEP CO8 J . -1.99 26.33 1.50
CAP CO8 J . -1.15 28.63 0.82
OAP CO8 J . -0.53 28.28 -0.44
C9P CO8 J . -2.60 29.10 0.55
O9P CO8 J . -3.13 29.92 1.30
N8P CO8 J . -3.19 28.57 -0.52
C7P CO8 J . -4.57 28.88 -0.96
C6P CO8 J . -5.48 27.65 -0.76
C5P CO8 J . -6.83 28.04 -0.13
O5P CO8 J . -6.90 28.51 1.01
N4P CO8 J . -7.93 27.86 -0.88
C3P CO8 J . -7.94 27.32 -2.26
C2P CO8 J . -8.99 26.21 -2.35
S1P CO8 J . -8.23 24.56 -2.60
C1' CO8 J . -8.95 24.17 -4.11
O1' CO8 J . -10.14 24.47 -4.30
C2' CO8 J . -8.19 23.51 -5.06
C3' CO8 J . -8.78 23.17 -6.27
C4' CO8 J . -8.13 22.50 -7.30
C5' CO8 J . -6.66 22.25 -7.05
C6' CO8 J . -6.14 21.52 -8.27
C7' CO8 J . -4.73 21.07 -8.01
C8' CO8 J . -4.27 20.28 -9.23
PA NAP K . 26.13 -8.04 -13.77
O1A NAP K . 27.02 -6.91 -13.17
O2A NAP K . 26.62 -8.87 -14.93
O5B NAP K . 25.75 -8.96 -12.52
C5B NAP K . 24.96 -10.10 -12.79
C4B NAP K . 25.23 -11.10 -11.69
O4B NAP K . 24.28 -12.12 -12.03
C3B NAP K . 26.60 -11.63 -12.01
O3B NAP K . 27.45 -11.14 -10.96
C2B NAP K . 26.46 -13.14 -11.91
O2B NAP K . 26.49 -13.54 -10.56
C1B NAP K . 25.01 -13.35 -12.34
N9A NAP K . 24.95 -13.70 -13.79
C8A NAP K . 25.59 -13.10 -14.81
N7A NAP K . 25.28 -13.75 -15.94
C5A NAP K . 24.44 -14.74 -15.62
C6A NAP K . 23.78 -15.74 -16.33
N6A NAP K . 23.91 -15.85 -17.64
N1A NAP K . 23.01 -16.60 -15.66
C2A NAP K . 22.83 -16.54 -14.34
N3A NAP K . 23.45 -15.61 -13.64
C4A NAP K . 24.24 -14.71 -14.25
O3 NAP K . 24.59 -7.39 -14.19
PN NAP K . 23.56 -6.36 -13.43
O1N NAP K . 24.01 -7.02 -12.02
O2N NAP K . 24.33 -5.27 -14.09
O5D NAP K . 22.51 -7.18 -14.34
C5D NAP K . 21.88 -8.44 -13.93
C4D NAP K . 20.61 -8.70 -14.74
O4D NAP K . 19.66 -7.65 -14.37
C3D NAP K . 20.90 -8.53 -16.24
O3D NAP K . 20.13 -9.51 -16.95
C2D NAP K . 20.37 -7.15 -16.57
O2D NAP K . 19.89 -7.07 -17.93
C1D NAP K . 19.20 -7.06 -15.60
N1N NAP K . 19.02 -5.66 -15.21
C2N NAP K . 17.75 -5.16 -15.33
C3N NAP K . 17.53 -3.85 -14.96
C7N NAP K . 16.15 -3.33 -15.11
O7N NAP K . 15.25 -4.04 -15.58
N7N NAP K . 16.06 -2.07 -14.78
C4N NAP K . 18.54 -3.03 -14.49
C5N NAP K . 19.84 -3.53 -14.38
C6N NAP K . 20.07 -4.84 -14.74
P2B NAP K . 27.16 -15.02 -10.14
O1X NAP K . 27.36 -14.97 -8.48
O2X NAP K . 26.79 -16.45 -10.96
O3X NAP K . 25.75 -15.40 -9.86
N1A CO8 L . 16.17 -8.59 -36.45
C2A CO8 L . 15.27 -7.65 -36.70
N3A CO8 L . 14.13 -7.59 -36.01
C4A CO8 L . 13.85 -8.50 -35.05
C5A CO8 L . 14.78 -9.50 -34.78
C6A CO8 L . 15.96 -9.54 -35.51
N6A CO8 L . 16.88 -10.47 -35.27
N7A CO8 L . 14.28 -10.26 -33.80
C8A CO8 L . 13.09 -9.76 -33.47
N9A CO8 L . 12.81 -8.69 -34.24
C1B CO8 L . 11.57 -7.83 -34.16
C2B CO8 L . 10.27 -8.47 -34.67
O2B CO8 L . 9.51 -7.49 -35.40
C3B CO8 L . 9.54 -8.87 -33.39
O3B CO8 L . 8.13 -8.76 -33.54
P3B CO8 L . 7.18 -10.07 -33.40
O7A CO8 L . 7.78 -11.13 -34.47
O8A CO8 L . 7.46 -10.67 -31.93
O9A CO8 L . 5.76 -9.72 -33.63
C4B CO8 L . 9.99 -7.79 -32.41
O4B CO8 L . 11.38 -7.55 -32.74
C5B CO8 L . 9.78 -8.27 -30.95
O5B CO8 L . 9.95 -7.20 -29.99
P1A CO8 L . 8.77 -6.11 -29.68
O1A CO8 L . 9.31 -5.24 -28.41
O2A CO8 L . 8.43 -5.26 -30.85
O3A CO8 L . 7.44 -6.92 -29.17
P2A CO8 L . 6.91 -7.00 -27.62
O4A CO8 L . 5.88 -8.23 -27.62
O5A CO8 L . 6.30 -5.74 -27.07
O6A CO8 L . 8.16 -7.50 -26.73
CBP CO8 L . 9.77 -7.47 -24.90
CCP CO8 L . 8.43 -6.95 -25.44
CDP CO8 L . 9.63 -9.00 -24.74
CEP CO8 L . 10.02 -6.82 -23.54
CAP CO8 L . 10.87 -7.12 -25.94
OAP CO8 L . 10.82 -5.72 -26.27
C9P CO8 L . 12.29 -7.41 -25.40
O9P CO8 L . 12.71 -8.56 -25.27
N8P CO8 L . 12.96 -6.29 -25.09
C7P CO8 L . 14.30 -6.29 -24.51
C6P CO8 L . 14.18 -6.76 -23.06
C5P CO8 L . 15.49 -7.43 -22.66
O5P CO8 L . 15.68 -8.63 -22.90
N4P CO8 L . 16.38 -6.63 -22.09
C3P CO8 L . 16.13 -5.20 -21.84
C2P CO8 L . 17.22 -4.70 -20.90
S1P CO8 L . 16.90 -5.12 -19.14
C1' CO8 L . 18.06 -3.99 -18.52
O1' CO8 L . 19.25 -4.31 -18.51
C2' CO8 L . 17.59 -2.75 -18.12
C3' CO8 L . 18.45 -1.77 -17.61
C4' CO8 L . 18.00 -0.53 -17.15
C5' CO8 L . 16.51 -0.22 -17.38
C6' CO8 L . 16.24 1.27 -17.10
C7' CO8 L . 14.85 1.59 -17.65
C8' CO8 L . 14.48 3.02 -17.30
#